data_6CE8
# 
_entry.id   6CE8 
# 
_audit_conform.dict_name       mmcif_pdbx.dic 
_audit_conform.dict_version    5.379 
_audit_conform.dict_location   http://mmcif.pdb.org/dictionaries/ascii/mmcif_pdbx.dic 
# 
loop_
_database_2.database_id 
_database_2.database_code 
_database_2.pdbx_database_accession 
_database_2.pdbx_DOI 
PDB   6CE8         pdb_00006ce8 10.2210/pdb6ce8/pdb 
WWPDB D_1000232609 ?            ?                   
# 
_pdbx_database_status.status_code                     REL 
_pdbx_database_status.status_code_sf                  REL 
_pdbx_database_status.status_code_mr                  ? 
_pdbx_database_status.entry_id                        6CE8 
_pdbx_database_status.recvd_initial_deposition_date   2018-02-11 
_pdbx_database_status.SG_entry                        Y 
_pdbx_database_status.deposit_site                    RCSB 
_pdbx_database_status.process_site                    RCSB 
_pdbx_database_status.status_code_cs                  ? 
_pdbx_database_status.methods_development_category    ? 
_pdbx_database_status.pdb_format_compatible           Y 
_pdbx_database_status.status_code_nmr_data            ? 
# 
loop_
_audit_author.name 
_audit_author.pdbx_ordinal 
_audit_author.identifier_ORCID 
'Harding, R.J.'                        1  ? 
'Halabelian, L.'                       2  ? 
'Ferreira de Freitas, R.'              3  ? 
'Ravichandran, M.'                     4  ? 
'Santhakumar, V.'                      5  ? 
'Schapira, M.'                         6  ? 
'Bountra, C.'                          7  ? 
'Edwards, A.M.'                        8  ? 
'Arrowsmith, C.M.'                     9  ? 
'Structural Genomics Consortium (SGC)' 10 ? 
# 
_citation.abstract                  ? 
_citation.abstract_id_CAS           ? 
_citation.book_id_ISBN              ? 
_citation.book_publisher            ? 
_citation.book_publisher_city       ? 
_citation.book_title                ? 
_citation.coordinate_linkage        ? 
_citation.country                   US 
_citation.database_id_Medline       ? 
_citation.details                   ? 
_citation.id                        primary 
_citation.journal_abbrev            'J. Med. Chem.' 
_citation.journal_id_ASTM           JMCMAR 
_citation.journal_id_CSD            0151 
_citation.journal_id_ISSN           1520-4804 
_citation.journal_full              ? 
_citation.journal_issue             ? 
_citation.journal_volume            61 
_citation.language                  ? 
_citation.page_first                4517 
_citation.page_last                 4527 
_citation.title                     
'Identification and Structure-Activity Relationship of HDAC6 Zinc-Finger Ubiquitin Binding Domain Inhibitors.' 
_citation.year                      2018 
_citation.database_id_CSD           ? 
_citation.pdbx_database_id_DOI      10.1021/acs.jmedchem.8b00258 
_citation.pdbx_database_id_PubMed   29741882 
_citation.unpublished_flag          ? 
# 
loop_
_citation_author.citation_id 
_citation_author.name 
_citation_author.ordinal 
_citation_author.identifier_ORCID 
primary 'Ferreira de Freitas, R.' 1  ? 
primary 'Harding, R.J.'           2  ? 
primary 'Franzoni, I.'            3  ? 
primary 'Ravichandran, M.'        4  ? 
primary 'Mann, M.K.'              5  ? 
primary 'Ouyang, H.'              6  ? 
primary 'Lautens, M.'             7  ? 
primary 'Santhakumar, V.'         8  ? 
primary 'Arrowsmith, C.H.'        9  ? 
primary 'Schapira, M.'            10 ? 
# 
_cell.length_a           40.660 
_cell.length_b           44.410 
_cell.length_c           55.850 
_cell.angle_alpha        90.000 
_cell.angle_beta         90.000 
_cell.angle_gamma        90.000 
_cell.entry_id           6CE8 
_cell.Z_PDB              4 
_cell.pdbx_unique_axis   ? 
# 
_symmetry.space_group_name_H-M             'P 21 21 21' 
_symmetry.entry_id                         6CE8 
_symmetry.Int_Tables_number                19 
_symmetry.pdbx_full_space_group_name_H-M   ? 
_symmetry.cell_setting                     ? 
# 
loop_
_entity.id 
_entity.type 
_entity.src_method 
_entity.pdbx_description 
_entity.formula_weight 
_entity.pdbx_number_of_molecules 
_entity.pdbx_ec 
_entity.pdbx_mutation 
_entity.pdbx_fragment 
_entity.details 
1 polymer     man 'Histone deacetylase 6'              11932.607 1   3.5.1.98 ? ? ? 
2 non-polymer syn 'ZINC ION'                           65.409    3   ?        ? ? ? 
3 non-polymer syn 'UNKNOWN ATOM OR ION'                ?         4   ?        ? ? ? 
4 non-polymer syn '(1,3-benzothiazol-2-yl)acetic acid' 193.222   1   ?        ? ? ? 
5 water       nat water                                18.015    104 ?        ? ? ? 
# 
_entity_name_com.entity_id   1 
_entity_name_com.name        HD6 
# 
_entity_poly.entity_id                      1 
_entity_poly.type                           'polypeptide(L)' 
_entity_poly.nstd_linkage                   no 
_entity_poly.nstd_monomer                   no 
_entity_poly.pdbx_seq_one_letter_code       
;GSPLPWCPHLVAVCPIPAAGLDVTQPCGDCGTIQENWVCLSCYQVYCGRYINGHMLQHHGNSGHPLVLSYIDLSAWCYYC
QAYVHHQALLDVKNIAHQNKFGEDMPH
;
_entity_poly.pdbx_seq_one_letter_code_can   
;GSPLPWCPHLVAVCPIPAAGLDVTQPCGDCGTIQENWVCLSCYQVYCGRYINGHMLQHHGNSGHPLVLSYIDLSAWCYYC
QAYVHHQALLDVKNIAHQNKFGEDMPH
;
_entity_poly.pdbx_strand_id                 A 
_entity_poly.pdbx_target_identifier         ? 
# 
loop_
_entity_poly_seq.entity_id 
_entity_poly_seq.num 
_entity_poly_seq.mon_id 
_entity_poly_seq.hetero 
1 1   GLY n 
1 2   SER n 
1 3   PRO n 
1 4   LEU n 
1 5   PRO n 
1 6   TRP n 
1 7   CYS n 
1 8   PRO n 
1 9   HIS n 
1 10  LEU n 
1 11  VAL n 
1 12  ALA n 
1 13  VAL n 
1 14  CYS n 
1 15  PRO n 
1 16  ILE n 
1 17  PRO n 
1 18  ALA n 
1 19  ALA n 
1 20  GLY n 
1 21  LEU n 
1 22  ASP n 
1 23  VAL n 
1 24  THR n 
1 25  GLN n 
1 26  PRO n 
1 27  CYS n 
1 28  GLY n 
1 29  ASP n 
1 30  CYS n 
1 31  GLY n 
1 32  THR n 
1 33  ILE n 
1 34  GLN n 
1 35  GLU n 
1 36  ASN n 
1 37  TRP n 
1 38  VAL n 
1 39  CYS n 
1 40  LEU n 
1 41  SER n 
1 42  CYS n 
1 43  TYR n 
1 44  GLN n 
1 45  VAL n 
1 46  TYR n 
1 47  CYS n 
1 48  GLY n 
1 49  ARG n 
1 50  TYR n 
1 51  ILE n 
1 52  ASN n 
1 53  GLY n 
1 54  HIS n 
1 55  MET n 
1 56  LEU n 
1 57  GLN n 
1 58  HIS n 
1 59  HIS n 
1 60  GLY n 
1 61  ASN n 
1 62  SER n 
1 63  GLY n 
1 64  HIS n 
1 65  PRO n 
1 66  LEU n 
1 67  VAL n 
1 68  LEU n 
1 69  SER n 
1 70  TYR n 
1 71  ILE n 
1 72  ASP n 
1 73  LEU n 
1 74  SER n 
1 75  ALA n 
1 76  TRP n 
1 77  CYS n 
1 78  TYR n 
1 79  TYR n 
1 80  CYS n 
1 81  GLN n 
1 82  ALA n 
1 83  TYR n 
1 84  VAL n 
1 85  HIS n 
1 86  HIS n 
1 87  GLN n 
1 88  ALA n 
1 89  LEU n 
1 90  LEU n 
1 91  ASP n 
1 92  VAL n 
1 93  LYS n 
1 94  ASN n 
1 95  ILE n 
1 96  ALA n 
1 97  HIS n 
1 98  GLN n 
1 99  ASN n 
1 100 LYS n 
1 101 PHE n 
1 102 GLY n 
1 103 GLU n 
1 104 ASP n 
1 105 MET n 
1 106 PRO n 
1 107 HIS n 
# 
_entity_src_gen.entity_id                          1 
_entity_src_gen.pdbx_src_id                        1 
_entity_src_gen.pdbx_alt_source_flag               sample 
_entity_src_gen.pdbx_seq_type                      'Biological sequence' 
_entity_src_gen.pdbx_beg_seq_num                   1 
_entity_src_gen.pdbx_end_seq_num                   107 
_entity_src_gen.gene_src_common_name               Human 
_entity_src_gen.gene_src_genus                     ? 
_entity_src_gen.pdbx_gene_src_gene                 'HDAC6, KIAA0901, JM21' 
_entity_src_gen.gene_src_species                   ? 
_entity_src_gen.gene_src_strain                    ? 
_entity_src_gen.gene_src_tissue                    ? 
_entity_src_gen.gene_src_tissue_fraction           ? 
_entity_src_gen.gene_src_details                   ? 
_entity_src_gen.pdbx_gene_src_fragment             ? 
_entity_src_gen.pdbx_gene_src_scientific_name      'Homo sapiens' 
_entity_src_gen.pdbx_gene_src_ncbi_taxonomy_id     9606 
_entity_src_gen.pdbx_gene_src_variant              ? 
_entity_src_gen.pdbx_gene_src_cell_line            ? 
_entity_src_gen.pdbx_gene_src_atcc                 ? 
_entity_src_gen.pdbx_gene_src_organ                ? 
_entity_src_gen.pdbx_gene_src_organelle            ? 
_entity_src_gen.pdbx_gene_src_cell                 ? 
_entity_src_gen.pdbx_gene_src_cellular_location    ? 
_entity_src_gen.host_org_common_name               ? 
_entity_src_gen.pdbx_host_org_scientific_name      'Escherichia coli' 
_entity_src_gen.pdbx_host_org_ncbi_taxonomy_id     469008 
_entity_src_gen.host_org_genus                     ? 
_entity_src_gen.pdbx_host_org_gene                 ? 
_entity_src_gen.pdbx_host_org_organ                ? 
_entity_src_gen.host_org_species                   ? 
_entity_src_gen.pdbx_host_org_tissue               ? 
_entity_src_gen.pdbx_host_org_tissue_fraction      ? 
_entity_src_gen.pdbx_host_org_strain               'BL21 (DE3) codon plus' 
_entity_src_gen.pdbx_host_org_variant              ? 
_entity_src_gen.pdbx_host_org_cell_line            ? 
_entity_src_gen.pdbx_host_org_atcc                 ? 
_entity_src_gen.pdbx_host_org_culture_collection   ? 
_entity_src_gen.pdbx_host_org_cell                 ? 
_entity_src_gen.pdbx_host_org_organelle            ? 
_entity_src_gen.pdbx_host_org_cellular_location    ? 
_entity_src_gen.pdbx_host_org_vector_type          ? 
_entity_src_gen.pdbx_host_org_vector               ? 
_entity_src_gen.host_org_details                   ? 
_entity_src_gen.expression_system_id               ? 
_entity_src_gen.plasmid_name                       pET28-lic 
_entity_src_gen.plasmid_details                    ? 
_entity_src_gen.pdbx_description                   ? 
# 
_struct_ref.id                         1 
_struct_ref.db_name                    UNP 
_struct_ref.db_code                    HDAC6_HUMAN 
_struct_ref.pdbx_db_accession          Q9UBN7 
_struct_ref.pdbx_db_isoform            ? 
_struct_ref.entity_id                  1 
_struct_ref.pdbx_seq_one_letter_code   
;PLPWCPHLVAVCPIPAAGLDVTQPCGDCGTIQENWVCLSCYQVYCGRYINGHMLQHHGNSGHPLVLSYIDLSAWCYYCQA
YVHHQALLDVKNIAHQNKFGEDMPH
;
_struct_ref.pdbx_align_begin           1109 
# 
_struct_ref_seq.align_id                      1 
_struct_ref_seq.ref_id                        1 
_struct_ref_seq.pdbx_PDB_id_code              6CE8 
_struct_ref_seq.pdbx_strand_id                A 
_struct_ref_seq.seq_align_beg                 3 
_struct_ref_seq.pdbx_seq_align_beg_ins_code   ? 
_struct_ref_seq.seq_align_end                 107 
_struct_ref_seq.pdbx_seq_align_end_ins_code   ? 
_struct_ref_seq.pdbx_db_accession             Q9UBN7 
_struct_ref_seq.db_align_beg                  1109 
_struct_ref_seq.pdbx_db_align_beg_ins_code    ? 
_struct_ref_seq.db_align_end                  1213 
_struct_ref_seq.pdbx_db_align_end_ins_code    ? 
_struct_ref_seq.pdbx_auth_seq_align_beg       1109 
_struct_ref_seq.pdbx_auth_seq_align_end       1213 
# 
loop_
_struct_ref_seq_dif.align_id 
_struct_ref_seq_dif.pdbx_pdb_id_code 
_struct_ref_seq_dif.mon_id 
_struct_ref_seq_dif.pdbx_pdb_strand_id 
_struct_ref_seq_dif.seq_num 
_struct_ref_seq_dif.pdbx_pdb_ins_code 
_struct_ref_seq_dif.pdbx_seq_db_name 
_struct_ref_seq_dif.pdbx_seq_db_accession_code 
_struct_ref_seq_dif.db_mon_id 
_struct_ref_seq_dif.pdbx_seq_db_seq_num 
_struct_ref_seq_dif.details 
_struct_ref_seq_dif.pdbx_auth_seq_num 
_struct_ref_seq_dif.pdbx_ordinal 
1 6CE8 GLY A 1 ? UNP Q9UBN7 ? ? 'expression tag' 1107 1 
1 6CE8 SER A 2 ? UNP Q9UBN7 ? ? 'expression tag' 1108 2 
# 
loop_
_chem_comp.id 
_chem_comp.type 
_chem_comp.mon_nstd_flag 
_chem_comp.name 
_chem_comp.pdbx_synonyms 
_chem_comp.formula 
_chem_comp.formula_weight 
ALA 'L-peptide linking' y ALANINE                              ? 'C3 H7 N O2'     89.093  
ARG 'L-peptide linking' y ARGININE                             ? 'C6 H15 N4 O2 1' 175.209 
ASN 'L-peptide linking' y ASPARAGINE                           ? 'C4 H8 N2 O3'    132.118 
ASP 'L-peptide linking' y 'ASPARTIC ACID'                      ? 'C4 H7 N O4'     133.103 
CYS 'L-peptide linking' y CYSTEINE                             ? 'C3 H7 N O2 S'   121.158 
EYV non-polymer         . '(1,3-benzothiazol-2-yl)acetic acid' ? 'C9 H7 N O2 S'   193.222 
GLN 'L-peptide linking' y GLUTAMINE                            ? 'C5 H10 N2 O3'   146.144 
GLU 'L-peptide linking' y 'GLUTAMIC ACID'                      ? 'C5 H9 N O4'     147.129 
GLY 'peptide linking'   y GLYCINE                              ? 'C2 H5 N O2'     75.067  
HIS 'L-peptide linking' y HISTIDINE                            ? 'C6 H10 N3 O2 1' 156.162 
HOH non-polymer         . WATER                                ? 'H2 O'           18.015  
ILE 'L-peptide linking' y ISOLEUCINE                           ? 'C6 H13 N O2'    131.173 
LEU 'L-peptide linking' y LEUCINE                              ? 'C6 H13 N O2'    131.173 
LYS 'L-peptide linking' y LYSINE                               ? 'C6 H15 N2 O2 1' 147.195 
MET 'L-peptide linking' y METHIONINE                           ? 'C5 H11 N O2 S'  149.211 
PHE 'L-peptide linking' y PHENYLALANINE                        ? 'C9 H11 N O2'    165.189 
PRO 'L-peptide linking' y PROLINE                              ? 'C5 H9 N O2'     115.130 
SER 'L-peptide linking' y SERINE                               ? 'C3 H7 N O3'     105.093 
THR 'L-peptide linking' y THREONINE                            ? 'C4 H9 N O3'     119.119 
TRP 'L-peptide linking' y TRYPTOPHAN                           ? 'C11 H12 N2 O2'  204.225 
TYR 'L-peptide linking' y TYROSINE                             ? 'C9 H11 N O3'    181.189 
UNX non-polymer         . 'UNKNOWN ATOM OR ION'                ? ?                ?       
VAL 'L-peptide linking' y VALINE                               ? 'C5 H11 N O2'    117.146 
ZN  non-polymer         . 'ZINC ION'                           ? 'Zn 2'           65.409  
# 
_exptl.absorpt_coefficient_mu     ? 
_exptl.absorpt_correction_T_max   ? 
_exptl.absorpt_correction_T_min   ? 
_exptl.absorpt_correction_type    ? 
_exptl.absorpt_process_details    ? 
_exptl.entry_id                   6CE8 
_exptl.crystals_number            1 
_exptl.details                    ? 
_exptl.method                     'X-RAY DIFFRACTION' 
_exptl.method_details             ? 
# 
_exptl_crystal.colour                      ? 
_exptl_crystal.density_diffrn              ? 
_exptl_crystal.density_Matthews            2.09 
_exptl_crystal.density_method              ? 
_exptl_crystal.density_percent_sol         41.07 
_exptl_crystal.description                 ? 
_exptl_crystal.F_000                       ? 
_exptl_crystal.id                          1 
_exptl_crystal.preparation                 ? 
_exptl_crystal.size_max                    ? 
_exptl_crystal.size_mid                    ? 
_exptl_crystal.size_min                    ? 
_exptl_crystal.size_rad                    ? 
_exptl_crystal.colour_lustre               ? 
_exptl_crystal.colour_modifier             ? 
_exptl_crystal.colour_primary              ? 
_exptl_crystal.density_meas                ? 
_exptl_crystal.density_meas_esd            ? 
_exptl_crystal.density_meas_gt             ? 
_exptl_crystal.density_meas_lt             ? 
_exptl_crystal.density_meas_temp           ? 
_exptl_crystal.density_meas_temp_esd       ? 
_exptl_crystal.density_meas_temp_gt        ? 
_exptl_crystal.density_meas_temp_lt        ? 
_exptl_crystal.pdbx_crystal_image_url      ? 
_exptl_crystal.pdbx_crystal_image_format   ? 
_exptl_crystal.pdbx_mosaicity              0.000 
_exptl_crystal.pdbx_mosaicity_esd          ? 
# 
_exptl_crystal_grow.apparatus       ? 
_exptl_crystal_grow.atmosphere      ? 
_exptl_crystal_grow.crystal_id      1 
_exptl_crystal_grow.details         ? 
_exptl_crystal_grow.method          'VAPOR DIFFUSION, SITTING DROP' 
_exptl_crystal_grow.method_ref      ? 
_exptl_crystal_grow.pH              4.6 
_exptl_crystal_grow.pressure        ? 
_exptl_crystal_grow.pressure_esd    ? 
_exptl_crystal_grow.seeding         ? 
_exptl_crystal_grow.seeding_ref     ? 
_exptl_crystal_grow.temp            291 
_exptl_crystal_grow.temp_details    ? 
_exptl_crystal_grow.temp_esd        ? 
_exptl_crystal_grow.time            ? 
_exptl_crystal_grow.pdbx_details    '2 M Na-formate, 0.2 M Na-acetate pH4.6, 5 % ethylene glycol' 
_exptl_crystal_grow.pdbx_pH_range   ? 
# 
_diffrn.ambient_environment    ? 
_diffrn.ambient_temp           100 
_diffrn.ambient_temp_details   ? 
_diffrn.ambient_temp_esd       ? 
_diffrn.crystal_id             1 
_diffrn.crystal_support        ? 
_diffrn.crystal_treatment      ? 
_diffrn.details                ? 
_diffrn.id                     1 
_diffrn.ambient_pressure       ? 
_diffrn.ambient_pressure_esd   ? 
_diffrn.ambient_pressure_gt    ? 
_diffrn.ambient_pressure_lt    ? 
_diffrn.ambient_temp_gt        ? 
_diffrn.ambient_temp_lt        ? 
# 
_diffrn_detector.details                      ? 
_diffrn_detector.detector                     CCD 
_diffrn_detector.diffrn_id                    1 
_diffrn_detector.type                         'RIGAKU SATURN A200' 
_diffrn_detector.area_resol_mean              ? 
_diffrn_detector.dtime                        ? 
_diffrn_detector.pdbx_frames_total            ? 
_diffrn_detector.pdbx_collection_time_total   ? 
_diffrn_detector.pdbx_collection_date         2017-08-24 
# 
_diffrn_radiation.collimation                      ? 
_diffrn_radiation.diffrn_id                        1 
_diffrn_radiation.filter_edge                      ? 
_diffrn_radiation.inhomogeneity                    ? 
_diffrn_radiation.monochromator                    ? 
_diffrn_radiation.polarisn_norm                    ? 
_diffrn_radiation.polarisn_ratio                   ? 
_diffrn_radiation.probe                            ? 
_diffrn_radiation.type                             ? 
_diffrn_radiation.xray_symbol                      ? 
_diffrn_radiation.wavelength_id                    1 
_diffrn_radiation.pdbx_monochromatic_or_laue_m_l   M 
_diffrn_radiation.pdbx_wavelength_list             ? 
_diffrn_radiation.pdbx_wavelength                  ? 
_diffrn_radiation.pdbx_diffrn_protocol             'SINGLE WAVELENGTH' 
_diffrn_radiation.pdbx_analyzer                    ? 
_diffrn_radiation.pdbx_scattering_type             x-ray 
# 
_diffrn_radiation_wavelength.id           1 
_diffrn_radiation_wavelength.wavelength   1.54178 
_diffrn_radiation_wavelength.wt           1.0 
# 
_diffrn_source.current                     ? 
_diffrn_source.details                     ? 
_diffrn_source.diffrn_id                   1 
_diffrn_source.power                       ? 
_diffrn_source.size                        ? 
_diffrn_source.source                      'ROTATING ANODE' 
_diffrn_source.target                      ? 
_diffrn_source.type                        'RIGAKU FR-E SUPERBRIGHT' 
_diffrn_source.voltage                     ? 
_diffrn_source.take-off_angle              ? 
_diffrn_source.pdbx_wavelength_list        1.54178 
_diffrn_source.pdbx_wavelength             ? 
_diffrn_source.pdbx_synchrotron_beamline   ? 
_diffrn_source.pdbx_synchrotron_site       ? 
# 
_reflns.entry_id                     6CE8 
_reflns.pdbx_diffrn_id               1 
_reflns.pdbx_ordinal                 1 
_reflns.observed_criterion_sigma_I   ? 
_reflns.observed_criterion_sigma_F   ? 
_reflns.d_resolution_low             34.760 
_reflns.d_resolution_high            1.550 
_reflns.number_obs                   15211 
_reflns.number_all                   ? 
_reflns.percent_possible_obs         99.900 
_reflns.pdbx_Rmerge_I_obs            0.030 
_reflns.pdbx_Rsym_value              ? 
_reflns.pdbx_netI_over_sigmaI        48.500 
_reflns.B_iso_Wilson_estimate        ? 
_reflns.pdbx_redundancy              6.700 
_reflns.pdbx_Rrim_I_all              0.033 
_reflns.pdbx_Rpim_I_all              0.013 
_reflns.pdbx_CC_half                 1.000 
_reflns.pdbx_netI_over_av_sigmaI     ? 
_reflns.pdbx_number_measured_all     102030 
_reflns.pdbx_scaling_rejects         1 
_reflns.pdbx_chi_squared             ? 
_reflns.Rmerge_F_all                 ? 
_reflns.Rmerge_F_obs                 ? 
_reflns.observed_criterion_F_max     ? 
_reflns.observed_criterion_F_min     ? 
_reflns.observed_criterion_I_max     ? 
_reflns.observed_criterion_I_min     ? 
_reflns.pdbx_d_res_high_opt          ? 
_reflns.pdbx_d_res_low_opt           ? 
_reflns.details                      ? 
# 
loop_
_reflns_shell.pdbx_diffrn_id 
_reflns_shell.pdbx_ordinal 
_reflns_shell.d_res_high 
_reflns_shell.d_res_low 
_reflns_shell.number_measured_obs 
_reflns_shell.number_measured_all 
_reflns_shell.number_unique_obs 
_reflns_shell.pdbx_rejects 
_reflns_shell.Rmerge_I_obs 
_reflns_shell.meanI_over_sigI_obs 
_reflns_shell.pdbx_Rsym_value 
_reflns_shell.pdbx_chi_squared 
_reflns_shell.pdbx_redundancy 
_reflns_shell.percent_possible_obs 
_reflns_shell.pdbx_netI_over_sigmaI_obs 
_reflns_shell.number_possible 
_reflns_shell.number_unique_all 
_reflns_shell.Rmerge_F_all 
_reflns_shell.Rmerge_F_obs 
_reflns_shell.Rmerge_I_all 
_reflns_shell.meanI_over_sigI_all 
_reflns_shell.percent_possible_all 
_reflns_shell.pdbx_Rrim_I_all 
_reflns_shell.pdbx_Rpim_I_all 
_reflns_shell.pdbx_CC_half 
1 1 1.550 1.580  ? 4474 735 ? 0.154 ? ? ? 6.100 ? 12.200  ? ? ? ? ? ? 100.000 0.169 0.068 0.988 
1 2 8.490 34.760 ? 604  116 ? 0.022 ? ? ? 5.200 ? 105.000 ? ? ? ? ? ? 99.400  0.024 0.010 1.000 
# 
_refine.entry_id                                 6CE8 
_refine.pdbx_refine_id                           'X-RAY DIFFRACTION' 
_refine.ls_d_res_high                            1.5500 
_refine.ls_d_res_low                             34.7600 
_refine.pdbx_ls_sigma_F                          0.000 
_refine.pdbx_data_cutoff_high_absF               ? 
_refine.pdbx_data_cutoff_low_absF                ? 
_refine.ls_percent_reflns_obs                    99.8900 
_refine.ls_number_reflns_obs                     14479 
_refine.ls_number_reflns_all                     ? 
_refine.pdbx_ls_cross_valid_method               THROUGHOUT 
_refine.ls_matrix_type                           ? 
_refine.pdbx_R_Free_selection_details            RANDOM 
_refine.details                                  
;Users of this crystal structure: verify our intepretion of the electron density. Amplitudes and unmerged intensities are included with this deposition. Diffraction images will be deposited at a later date in a public repository. Geometry restraints for the ligand were prepared with GRADE.
;
_refine.ls_R_factor_all                          ? 
_refine.ls_R_factor_obs                          0.1487 
_refine.ls_R_factor_R_work                       0.1477 
_refine.ls_wR_factor_R_work                      ? 
_refine.ls_R_factor_R_free                       0.1680 
_refine.ls_wR_factor_R_free                      ? 
_refine.ls_percent_reflns_R_free                 4.8000 
_refine.ls_number_reflns_R_free                  731 
_refine.ls_number_reflns_R_work                  ? 
_refine.ls_R_factor_R_free_error                 ? 
_refine.B_iso_mean                               12.8560 
_refine.solvent_model_param_bsol                 ? 
_refine.solvent_model_param_ksol                 ? 
_refine.pdbx_isotropic_thermal_model             ? 
_refine.aniso_B[1][1]                            -0.2200 
_refine.aniso_B[2][2]                            1.2900 
_refine.aniso_B[3][3]                            -1.0600 
_refine.aniso_B[1][2]                            0.0000 
_refine.aniso_B[1][3]                            0.0000 
_refine.aniso_B[2][3]                            -0.0000 
_refine.correlation_coeff_Fo_to_Fc               0.9670 
_refine.correlation_coeff_Fo_to_Fc_free          0.9590 
_refine.overall_SU_R_Cruickshank_DPI             ? 
_refine.pdbx_overall_SU_R_free_Cruickshank_DPI   ? 
_refine.pdbx_overall_SU_R_Blow_DPI               ? 
_refine.pdbx_overall_SU_R_free_Blow_DPI          ? 
_refine.overall_SU_R_free                        ? 
_refine.pdbx_overall_ESU_R                       0.0680 
_refine.pdbx_overall_ESU_R_Free                  0.0670 
_refine.overall_SU_ML                            0.0380 
_refine.overall_SU_B                             1.0010 
_refine.solvent_model_details                    MASK 
_refine.pdbx_solvent_vdw_probe_radii             1.2000 
_refine.pdbx_solvent_ion_probe_radii             0.8000 
_refine.pdbx_solvent_shrinkage_radii             0.8000 
_refine.ls_number_parameters                     ? 
_refine.ls_number_restraints                     ? 
_refine.pdbx_starting_model                      'pdbid 5KH3' 
_refine.pdbx_method_to_determine_struct          ? 
_refine.pdbx_stereochemistry_target_values       'MAXIMUM LIKELIHOOD' 
_refine.pdbx_stereochem_target_val_spec_case     ? 
_refine.overall_FOM_work_R_set                   ? 
_refine.B_iso_max                                45.850 
_refine.B_iso_min                                7.040 
_refine.pdbx_overall_phase_error                 ? 
_refine.occupancy_max                            ? 
_refine.occupancy_min                            ? 
_refine.pdbx_diffrn_id                           1 
_refine.pdbx_TLS_residual_ADP_flag               ? 
_refine.pdbx_ls_sigma_I                          ? 
_refine.pdbx_data_cutoff_high_rms_absF           ? 
_refine.ls_R_factor_R_free_error_details         ? 
# 
_refine_hist.cycle_id                         final 
_refine_hist.pdbx_refine_id                   'X-RAY DIFFRACTION' 
_refine_hist.d_res_high                       1.5500 
_refine_hist.d_res_low                        34.7600 
_refine_hist.pdbx_number_atoms_ligand         20 
_refine_hist.number_atoms_solvent             104 
_refine_hist.number_atoms_total               905 
_refine_hist.pdbx_number_residues_total       101 
_refine_hist.pdbx_B_iso_mean_ligand           18.90 
_refine_hist.pdbx_B_iso_mean_solvent          23.73 
_refine_hist.pdbx_number_atoms_protein        781 
_refine_hist.pdbx_number_atoms_nucleic_acid   0 
# 
loop_
_refine_ls_restr.pdbx_refine_id 
_refine_ls_restr.type 
_refine_ls_restr.number 
_refine_ls_restr.dev_ideal 
_refine_ls_restr.dev_ideal_target 
_refine_ls_restr.weight 
_refine_ls_restr.pdbx_restraint_function 
'X-RAY DIFFRACTION' r_bond_refined_d       853  0.014  0.019  ? ? 
'X-RAY DIFFRACTION' r_bond_other_d         716  0.002  0.020  ? ? 
'X-RAY DIFFRACTION' r_angle_refined_deg    1172 1.682  1.922  ? ? 
'X-RAY DIFFRACTION' r_angle_other_deg      1657 1.160  3.010  ? ? 
'X-RAY DIFFRACTION' r_dihedral_angle_1_deg 104  6.704  5.000  ? ? 
'X-RAY DIFFRACTION' r_dihedral_angle_2_deg 37   35.772 23.784 ? ? 
'X-RAY DIFFRACTION' r_dihedral_angle_3_deg 113  11.716 15.000 ? ? 
'X-RAY DIFFRACTION' r_dihedral_angle_4_deg 2    30.081 15.000 ? ? 
'X-RAY DIFFRACTION' r_chiral_restr         120  0.116  0.200  ? ? 
'X-RAY DIFFRACTION' r_gen_planes_refined   1015 0.010  0.021  ? ? 
'X-RAY DIFFRACTION' r_gen_planes_other     175  0.002  0.020  ? ? 
# 
_refine_ls_shell.d_res_high                       1.5500 
_refine_ls_shell.d_res_low                        1.5900 
_refine_ls_shell.pdbx_total_number_of_bins_used   20 
_refine_ls_shell.percent_reflns_obs               99.8200 
_refine_ls_shell.number_reflns_R_work             1050 
_refine_ls_shell.R_factor_all                     ? 
_refine_ls_shell.R_factor_R_work                  0.1410 
_refine_ls_shell.R_factor_R_free                  0.1470 
_refine_ls_shell.percent_reflns_R_free            ? 
_refine_ls_shell.number_reflns_R_free             52 
_refine_ls_shell.R_factor_R_free_error            0.0000 
_refine_ls_shell.number_reflns_all                1102 
_refine_ls_shell.number_reflns_obs                ? 
_refine_ls_shell.pdbx_refine_id                   'X-RAY DIFFRACTION' 
# 
_struct.entry_id                     6CE8 
_struct.title                        
;Crystal structure of fragment 2-(Benzo[d]thiazol-2-yl)acetic acid bound in the ubiquitin binding pocket of the HDAC6 zinc-finger domain
;
_struct.pdbx_model_details           ? 
_struct.pdbx_formula_weight          ? 
_struct.pdbx_formula_weight_method   ? 
_struct.pdbx_model_type_details      ? 
_struct.pdbx_CASP_flag               N 
# 
_struct_keywords.entry_id        6CE8 
_struct_keywords.text            'HISTONE DEACETYLASE, HDAC, HDAC6, UBIQUITIN, STRUCTURAL GENOMICS CONSORTIUM, SGC, HYDROLASE' 
_struct_keywords.pdbx_keywords   HYDROLASE 
# 
loop_
_struct_asym.id 
_struct_asym.pdbx_blank_PDB_chainid_flag 
_struct_asym.pdbx_modified 
_struct_asym.entity_id 
_struct_asym.details 
A N N 1 ? 
B N N 2 ? 
C N N 2 ? 
D N N 2 ? 
E N N 3 ? 
F N N 3 ? 
G N N 3 ? 
H N N 3 ? 
I N N 4 ? 
J N N 5 ? 
# 
loop_
_struct_conf.conf_type_id 
_struct_conf.id 
_struct_conf.pdbx_PDB_helix_id 
_struct_conf.beg_label_comp_id 
_struct_conf.beg_label_asym_id 
_struct_conf.beg_label_seq_id 
_struct_conf.pdbx_beg_PDB_ins_code 
_struct_conf.end_label_comp_id 
_struct_conf.end_label_asym_id 
_struct_conf.end_label_seq_id 
_struct_conf.pdbx_end_PDB_ins_code 
_struct_conf.beg_auth_comp_id 
_struct_conf.beg_auth_asym_id 
_struct_conf.beg_auth_seq_id 
_struct_conf.end_auth_comp_id 
_struct_conf.end_auth_asym_id 
_struct_conf.end_auth_seq_id 
_struct_conf.pdbx_PDB_helix_class 
_struct_conf.details 
_struct_conf.pdbx_PDB_helix_length 
HELX_P HELX_P1 AA1 HIS A 9  ? VAL A 13  ? HIS A 1115 VAL A 1119 5 ? 5  
HELX_P HELX_P2 AA2 GLY A 53 ? GLY A 63  ? GLY A 1159 GLY A 1169 1 ? 11 
HELX_P HELX_P3 AA3 HIS A 86 ? ALA A 88  ? HIS A 1192 ALA A 1194 5 ? 3  
HELX_P HELX_P4 AA4 LEU A 89 ? GLY A 102 ? LEU A 1195 GLY A 1208 1 ? 14 
# 
_struct_conf_type.id          HELX_P 
_struct_conf_type.criteria    ? 
_struct_conf_type.reference   ? 
# 
loop_
_struct_conn.id 
_struct_conn.conn_type_id 
_struct_conn.pdbx_leaving_atom_flag 
_struct_conn.pdbx_PDB_id 
_struct_conn.ptnr1_label_asym_id 
_struct_conn.ptnr1_label_comp_id 
_struct_conn.ptnr1_label_seq_id 
_struct_conn.ptnr1_label_atom_id 
_struct_conn.pdbx_ptnr1_label_alt_id 
_struct_conn.pdbx_ptnr1_PDB_ins_code 
_struct_conn.pdbx_ptnr1_standard_comp_id 
_struct_conn.ptnr1_symmetry 
_struct_conn.ptnr2_label_asym_id 
_struct_conn.ptnr2_label_comp_id 
_struct_conn.ptnr2_label_seq_id 
_struct_conn.ptnr2_label_atom_id 
_struct_conn.pdbx_ptnr2_label_alt_id 
_struct_conn.pdbx_ptnr2_PDB_ins_code 
_struct_conn.ptnr1_auth_asym_id 
_struct_conn.ptnr1_auth_comp_id 
_struct_conn.ptnr1_auth_seq_id 
_struct_conn.ptnr2_auth_asym_id 
_struct_conn.ptnr2_auth_comp_id 
_struct_conn.ptnr2_auth_seq_id 
_struct_conn.ptnr2_symmetry 
_struct_conn.pdbx_ptnr3_label_atom_id 
_struct_conn.pdbx_ptnr3_label_seq_id 
_struct_conn.pdbx_ptnr3_label_comp_id 
_struct_conn.pdbx_ptnr3_label_asym_id 
_struct_conn.pdbx_ptnr3_label_alt_id 
_struct_conn.pdbx_ptnr3_PDB_ins_code 
_struct_conn.details 
_struct_conn.pdbx_dist_value 
_struct_conn.pdbx_value_order 
_struct_conn.pdbx_role 
metalc1  metalc ? ? A CYS 7  SG  ? ? ? 1_555 D ZN . ZN ? ? A CYS 1113 A ZN 1303 1_555 ? ? ? ? ? ? ? 2.320 ? ? 
metalc2  metalc ? ? A HIS 9  ND1 ? ? ? 1_555 D ZN . ZN ? ? A HIS 1115 A ZN 1303 1_555 ? ? ? ? ? ? ? 2.123 ? ? 
metalc3  metalc ? ? A CYS 27 SG  ? ? ? 1_555 C ZN . ZN ? ? A CYS 1133 A ZN 1302 1_555 ? ? ? ? ? ? ? 2.364 ? ? 
metalc4  metalc ? ? A CYS 30 SG  ? ? ? 1_555 C ZN . ZN ? ? A CYS 1136 A ZN 1302 1_555 ? ? ? ? ? ? ? 2.296 ? ? 
metalc5  metalc ? ? A CYS 39 SG  ? ? ? 1_555 B ZN . ZN ? ? A CYS 1145 A ZN 1301 1_555 ? ? ? ? ? ? ? 2.303 ? ? 
metalc6  metalc ? ? A CYS 42 SG  ? ? ? 1_555 B ZN . ZN ? ? A CYS 1148 A ZN 1301 1_555 ? ? ? ? ? ? ? 2.399 ? ? 
metalc7  metalc ? ? A CYS 47 SG  ? ? ? 1_555 C ZN . ZN ? ? A CYS 1153 A ZN 1302 1_555 ? ? ? ? ? ? ? 2.318 ? ? 
metalc8  metalc ? ? A HIS 54 ND1 ? ? ? 1_555 C ZN . ZN ? ? A HIS 1160 A ZN 1302 1_555 ? ? ? ? ? ? ? 2.071 ? ? 
metalc9  metalc ? ? A HIS 58 NE2 ? ? ? 1_555 B ZN . ZN ? ? A HIS 1164 A ZN 1301 1_555 ? ? ? ? ? ? ? 2.025 ? ? 
metalc10 metalc ? ? A HIS 64 ND1 ? ? ? 1_555 B ZN . ZN ? ? A HIS 1170 A ZN 1301 1_555 ? ? ? ? ? ? ? 2.051 ? ? 
metalc11 metalc ? ? A CYS 77 SG  ? ? ? 1_555 D ZN . ZN ? ? A CYS 1183 A ZN 1303 1_555 ? ? ? ? ? ? ? 2.322 ? ? 
metalc12 metalc ? ? A CYS 80 SG  ? ? ? 1_555 D ZN . ZN ? ? A CYS 1186 A ZN 1303 1_555 ? ? ? ? ? ? ? 2.338 ? ? 
# 
_struct_conn_type.id          metalc 
_struct_conn_type.criteria    ? 
_struct_conn_type.reference   ? 
# 
_struct_sheet.id               AA1 
_struct_sheet.type             ? 
_struct_sheet.number_strands   5 
_struct_sheet.details          ? 
# 
loop_
_struct_sheet_order.sheet_id 
_struct_sheet_order.range_id_1 
_struct_sheet_order.range_id_2 
_struct_sheet_order.offset 
_struct_sheet_order.sense 
AA1 1 2 ? anti-parallel 
AA1 2 3 ? anti-parallel 
AA1 3 4 ? anti-parallel 
AA1 4 5 ? anti-parallel 
# 
loop_
_struct_sheet_range.sheet_id 
_struct_sheet_range.id 
_struct_sheet_range.beg_label_comp_id 
_struct_sheet_range.beg_label_asym_id 
_struct_sheet_range.beg_label_seq_id 
_struct_sheet_range.pdbx_beg_PDB_ins_code 
_struct_sheet_range.end_label_comp_id 
_struct_sheet_range.end_label_asym_id 
_struct_sheet_range.end_label_seq_id 
_struct_sheet_range.pdbx_end_PDB_ins_code 
_struct_sheet_range.beg_auth_comp_id 
_struct_sheet_range.beg_auth_asym_id 
_struct_sheet_range.beg_auth_seq_id 
_struct_sheet_range.end_auth_comp_id 
_struct_sheet_range.end_auth_asym_id 
_struct_sheet_range.end_auth_seq_id 
AA1 1 VAL A 45 ? CYS A 47 ? VAL A 1151 CYS A 1153 
AA1 2 ASN A 36 ? CYS A 39 ? ASN A 1142 CYS A 1145 
AA1 3 LEU A 66 ? SER A 69 ? LEU A 1172 SER A 1175 
AA1 4 ALA A 75 ? CYS A 77 ? ALA A 1181 CYS A 1183 
AA1 5 ALA A 82 ? TYR A 83 ? ALA A 1188 TYR A 1189 
# 
loop_
_pdbx_struct_sheet_hbond.sheet_id 
_pdbx_struct_sheet_hbond.range_id_1 
_pdbx_struct_sheet_hbond.range_id_2 
_pdbx_struct_sheet_hbond.range_1_label_atom_id 
_pdbx_struct_sheet_hbond.range_1_label_comp_id 
_pdbx_struct_sheet_hbond.range_1_label_asym_id 
_pdbx_struct_sheet_hbond.range_1_label_seq_id 
_pdbx_struct_sheet_hbond.range_1_PDB_ins_code 
_pdbx_struct_sheet_hbond.range_1_auth_atom_id 
_pdbx_struct_sheet_hbond.range_1_auth_comp_id 
_pdbx_struct_sheet_hbond.range_1_auth_asym_id 
_pdbx_struct_sheet_hbond.range_1_auth_seq_id 
_pdbx_struct_sheet_hbond.range_2_label_atom_id 
_pdbx_struct_sheet_hbond.range_2_label_comp_id 
_pdbx_struct_sheet_hbond.range_2_label_asym_id 
_pdbx_struct_sheet_hbond.range_2_label_seq_id 
_pdbx_struct_sheet_hbond.range_2_PDB_ins_code 
_pdbx_struct_sheet_hbond.range_2_auth_atom_id 
_pdbx_struct_sheet_hbond.range_2_auth_comp_id 
_pdbx_struct_sheet_hbond.range_2_auth_asym_id 
_pdbx_struct_sheet_hbond.range_2_auth_seq_id 
AA1 1 2 O TYR A 46 ? O TYR A 1152 N TRP A 37 ? N TRP A 1143 
AA1 2 3 N VAL A 38 ? N VAL A 1144 O LEU A 68 ? O LEU A 1174 
AA1 3 4 N VAL A 67 ? N VAL A 1173 O TRP A 76 ? O TRP A 1182 
AA1 4 5 N CYS A 77 ? N CYS A 1183 O ALA A 82 ? O ALA A 1188 
# 
loop_
_struct_site.id 
_struct_site.pdbx_evidence_code 
_struct_site.pdbx_auth_asym_id 
_struct_site.pdbx_auth_comp_id 
_struct_site.pdbx_auth_seq_id 
_struct_site.pdbx_auth_ins_code 
_struct_site.pdbx_num_residues 
_struct_site.details 
AC1 Software A ZN  1301 ? 4 'binding site for residue ZN A 1301'  
AC2 Software A ZN  1302 ? 4 'binding site for residue ZN A 1302'  
AC3 Software A ZN  1303 ? 4 'binding site for residue ZN A 1303'  
AC4 Software A EYV 1308 ? 8 'binding site for residue EYV A 1308' 
# 
loop_
_struct_site_gen.id 
_struct_site_gen.site_id 
_struct_site_gen.pdbx_num_res 
_struct_site_gen.label_comp_id 
_struct_site_gen.label_asym_id 
_struct_site_gen.label_seq_id 
_struct_site_gen.pdbx_auth_ins_code 
_struct_site_gen.auth_comp_id 
_struct_site_gen.auth_asym_id 
_struct_site_gen.auth_seq_id 
_struct_site_gen.label_atom_id 
_struct_site_gen.label_alt_id 
_struct_site_gen.symmetry 
_struct_site_gen.details 
1  AC1 4 CYS A 39 ? CYS A 1145 . ? 1_555 ? 
2  AC1 4 CYS A 42 ? CYS A 1148 . ? 1_555 ? 
3  AC1 4 HIS A 58 ? HIS A 1164 . ? 1_555 ? 
4  AC1 4 HIS A 64 ? HIS A 1170 . ? 1_555 ? 
5  AC2 4 CYS A 27 ? CYS A 1133 . ? 1_555 ? 
6  AC2 4 CYS A 30 ? CYS A 1136 . ? 1_555 ? 
7  AC2 4 CYS A 47 ? CYS A 1153 . ? 1_555 ? 
8  AC2 4 HIS A 54 ? HIS A 1160 . ? 1_555 ? 
9  AC3 4 CYS A 7  ? CYS A 1113 . ? 1_555 ? 
10 AC3 4 HIS A 9  ? HIS A 1115 . ? 1_555 ? 
11 AC3 4 CYS A 77 ? CYS A 1183 . ? 1_555 ? 
12 AC3 4 CYS A 80 ? CYS A 1186 . ? 1_555 ? 
13 AC4 8 TRP A 37 ? TRP A 1143 . ? 1_555 ? 
14 AC4 8 GLY A 48 ? GLY A 1154 . ? 1_555 ? 
15 AC4 8 ARG A 49 ? ARG A 1155 . ? 1_555 ? 
16 AC4 8 TRP A 76 ? TRP A 1182 . ? 1_555 ? 
17 AC4 8 TYR A 78 ? TYR A 1184 . ? 1_555 ? 
18 AC4 8 TYR A 83 ? TYR A 1189 . ? 1_555 ? 
19 AC4 8 HOH J .  ? HOH A 1417 . ? 1_555 ? 
20 AC4 8 HOH J .  ? HOH A 1431 . ? 1_555 ? 
# 
_atom_sites.entry_id                    6CE8 
_atom_sites.fract_transf_matrix[1][1]   0.00277720 
_atom_sites.fract_transf_matrix[1][2]   -0.00831601 
_atom_sites.fract_transf_matrix[1][3]   0.02297816 
_atom_sites.fract_transf_matrix[2][1]   0.01898007 
_atom_sites.fract_transf_matrix[2][2]   0.01194391 
_atom_sites.fract_transf_matrix[2][3]   0.00202863 
_atom_sites.fract_transf_matrix[3][1]   -0.00941898 
_atom_sites.fract_transf_matrix[3][2]   0.01391877 
_atom_sites.fract_transf_matrix[3][3]   0.00617573 
_atom_sites.fract_transf_vector[1]      0.186508 
_atom_sites.fract_transf_vector[2]      -0.094635 
_atom_sites.fract_transf_vector[3]      0.159246 
# 
loop_
_atom_type.symbol 
C  
N  
O  
S  
X  
ZN 
# 
loop_
_atom_site.group_PDB 
_atom_site.id 
_atom_site.type_symbol 
_atom_site.label_atom_id 
_atom_site.label_alt_id 
_atom_site.label_comp_id 
_atom_site.label_asym_id 
_atom_site.label_entity_id 
_atom_site.label_seq_id 
_atom_site.pdbx_PDB_ins_code 
_atom_site.Cartn_x 
_atom_site.Cartn_y 
_atom_site.Cartn_z 
_atom_site.occupancy 
_atom_site.B_iso_or_equiv 
_atom_site.pdbx_formal_charge 
_atom_site.auth_seq_id 
_atom_site.auth_comp_id 
_atom_site.auth_asym_id 
_atom_site.auth_atom_id 
_atom_site.pdbx_PDB_model_num 
ATOM   1   N  N   . SER A 1 2   ? -6.112  4.931   -17.284 1.00 25.97 ? 1108 SER A N   1 
ATOM   2   C  CA  . SER A 1 2   ? -6.520  3.773   -16.430 1.00 24.64 ? 1108 SER A CA  1 
ATOM   3   C  C   . SER A 1 2   ? -5.287  3.072   -15.773 1.00 21.73 ? 1108 SER A C   1 
ATOM   4   O  O   . SER A 1 2   ? -4.221  2.989   -16.381 1.00 22.44 ? 1108 SER A O   1 
ATOM   5   C  CB  . SER A 1 2   ? -7.260  2.726   -17.283 1.00 26.74 ? 1108 SER A CB  1 
ATOM   6   O  OG  . SER A 1 2   ? -8.632  3.036   -17.489 1.00 28.02 ? 1108 SER A OG  1 
ATOM   7   N  N   . PRO A 1 3   ? -5.454  2.524   -14.559 1.00 17.42 ? 1109 PRO A N   1 
ATOM   8   C  CA  . PRO A 1 3   ? -4.474  1.554   -14.063 1.00 14.70 ? 1109 PRO A CA  1 
ATOM   9   C  C   . PRO A 1 3   ? -4.478  0.254   -14.912 1.00 13.70 ? 1109 PRO A C   1 
ATOM   10  O  O   . PRO A 1 3   ? -5.358  0.052   -15.779 1.00 13.97 ? 1109 PRO A O   1 
ATOM   11  C  CB  . PRO A 1 3   ? -4.972  1.264   -12.650 1.00 14.96 ? 1109 PRO A CB  1 
ATOM   12  C  CG  . PRO A 1 3   ? -6.471  1.427   -12.755 1.00 16.34 ? 1109 PRO A CG  1 
ATOM   13  C  CD  . PRO A 1 3   ? -6.625  2.605   -13.680 1.00 16.82 ? 1109 PRO A CD  1 
ATOM   14  N  N   . LEU A 1 4   ? -3.509  -0.619  -14.698 1.00 12.67 ? 1110 LEU A N   1 
ATOM   15  C  CA  . LEU A 1 4   ? -3.591  -1.955  -15.295 1.00 12.28 ? 1110 LEU A CA  1 
ATOM   16  C  C   . LEU A 1 4   ? -4.740  -2.710  -14.647 1.00 12.02 ? 1110 LEU A C   1 
ATOM   17  O  O   . LEU A 1 4   ? -4.947  -2.626  -13.435 1.00 11.31 ? 1110 LEU A O   1 
ATOM   18  C  CB  . LEU A 1 4   ? -2.314  -2.729  -15.042 1.00 12.60 ? 1110 LEU A CB  1 
ATOM   19  C  CG  . LEU A 1 4   ? -1.022  -2.258  -15.665 1.00 13.75 ? 1110 LEU A CG  1 
ATOM   20  C  CD1 . LEU A 1 4   ? 0.150   -3.077  -15.117 1.00 15.15 ? 1110 LEU A CD1 1 
ATOM   21  C  CD2 . LEU A 1 4   ? -1.089  -2.312  -17.179 1.00 14.88 ? 1110 LEU A CD2 1 
ATOM   22  N  N   . PRO A 1 5   ? -5.512  -3.504  -15.410 1.00 10.75 ? 1111 PRO A N   1 
ATOM   23  C  CA  . PRO A 1 5   ? -6.596  -4.307  -14.813 1.00 10.78 ? 1111 PRO A CA  1 
ATOM   24  C  C   . PRO A 1 5   ? -6.159  -5.579  -14.111 1.00 10.66 ? 1111 PRO A C   1 
ATOM   25  O  O   . PRO A 1 5   ? -6.959  -6.282  -13.505 1.00 11.99 ? 1111 PRO A O   1 
ATOM   26  C  CB  . PRO A 1 5   ? -7.469  -4.654  -16.027 1.00 11.80 ? 1111 PRO A CB  1 
ATOM   27  C  CG  . PRO A 1 5   ? -6.495  -4.697  -17.156 1.00 11.43 ? 1111 PRO A CG  1 
ATOM   28  C  CD  . PRO A 1 5   ? -5.513  -3.572  -16.892 1.00 11.61 ? 1111 PRO A CD  1 
ATOM   29  N  N   . TRP A 1 6   ? -4.879  -5.927  -14.225 1.00 10.13 ? 1112 TRP A N   1 
ATOM   30  C  CA  . TRP A 1 6   ? -4.329  -7.142  -13.633 1.00 9.79  ? 1112 TRP A CA  1 
ATOM   31  C  C   . TRP A 1 6   ? -2.814  -6.967  -13.587 1.00 9.62  ? 1112 TRP A C   1 
ATOM   32  O  O   . TRP A 1 6   ? -2.244  -6.247  -14.393 1.00 10.10 ? 1112 TRP A O   1 
ATOM   33  C  CB  . TRP A 1 6   ? -4.641  -8.373  -14.489 1.00 10.45 ? 1112 TRP A CB  1 
ATOM   34  C  CG  . TRP A 1 6   ? -4.264  -9.685  -13.964 1.00 10.11 ? 1112 TRP A CG  1 
ATOM   35  C  CD1 . TRP A 1 6   ? -4.999  -10.447 -13.118 1.00 10.61 ? 1112 TRP A CD1 1 
ATOM   36  C  CD2 . TRP A 1 6   ? -3.054  -10.432 -14.221 1.00 9.48  ? 1112 TRP A CD2 1 
ATOM   37  N  NE1 . TRP A 1 6   ? -4.350  -11.609 -12.836 1.00 11.23 ? 1112 TRP A NE1 1 
ATOM   38  C  CE2 . TRP A 1 6   ? -3.149  -11.637 -13.490 1.00 9.89  ? 1112 TRP A CE2 1 
ATOM   39  C  CE3 . TRP A 1 6   ? -1.935  -10.231 -15.041 1.00 9.74  ? 1112 TRP A CE3 1 
ATOM   40  C  CZ2 . TRP A 1 6   ? -2.169  -12.614 -13.553 1.00 10.43 ? 1112 TRP A CZ2 1 
ATOM   41  C  CZ3 . TRP A 1 6   ? -0.960  -11.196 -15.083 1.00 9.36  ? 1112 TRP A CZ3 1 
ATOM   42  C  CH2 . TRP A 1 6   ? -1.094  -12.373 -14.343 1.00 9.95  ? 1112 TRP A CH2 1 
ATOM   43  N  N   . CYS A 1 7   ? -2.164  -7.674  -12.690 1.00 9.10  ? 1113 CYS A N   1 
ATOM   44  C  CA  . CYS A 1 7   ? -0.707  -7.878  -12.817 1.00 9.03  ? 1113 CYS A CA  1 
ATOM   45  C  C   . CYS A 1 7   ? -0.345  -9.206  -12.182 1.00 9.13  ? 1113 CYS A C   1 
ATOM   46  O  O   . CYS A 1 7   ? -1.121  -9.754  -11.381 1.00 8.49  ? 1113 CYS A O   1 
ATOM   47  C  CB  . CYS A 1 7   ? 0.083   -6.689  -12.232 1.00 8.27  ? 1113 CYS A CB  1 
ATOM   48  S  SG  . CYS A 1 7   ? 0.702   -6.868  -10.505 1.00 7.83  ? 1113 CYS A SG  1 
ATOM   49  N  N   . PRO A 1 8   ? 0.835   -9.739  -12.523 1.00 9.54  ? 1114 PRO A N   1 
ATOM   50  C  CA  . PRO A 1 8   ? 1.200   -11.066 -12.067 1.00 10.01 ? 1114 PRO A CA  1 
ATOM   51  C  C   . PRO A 1 8   ? 1.563   -11.156 -10.581 1.00 9.79  ? 1114 PRO A C   1 
ATOM   52  O  O   . PRO A 1 8   ? 1.879   -12.255 -10.077 1.00 10.19 ? 1114 PRO A O   1 
ATOM   53  C  CB  . PRO A 1 8   ? 2.381   -11.430 -12.942 1.00 10.98 ? 1114 PRO A CB  1 
ATOM   54  C  CG  . PRO A 1 8   ? 2.887   -10.163 -13.502 1.00 11.44 ? 1114 PRO A CG  1 
ATOM   55  C  CD  . PRO A 1 8   ? 1.782   -9.180  -13.504 1.00 10.13 ? 1114 PRO A CD  1 
ATOM   56  N  N   . HIS A 1 9   ? 1.494   -10.020 -9.873  1.00 8.95  ? 1115 HIS A N   1 
ATOM   57  C  CA  . HIS A 1 9   ? 1.825   -9.992  -8.442  1.00 9.06  ? 1115 HIS A CA  1 
ATOM   58  C  C   . HIS A 1 9   ? 0.621   -9.953  -7.548  1.00 9.11  ? 1115 HIS A C   1 
ATOM   59  O  O   . HIS A 1 9   ? 0.760   -9.989  -6.308  1.00 8.87  ? 1115 HIS A O   1 
ATOM   60  C  CB  . HIS A 1 9   ? 2.792   -8.815  -8.142  1.00 8.50  ? 1115 HIS A CB  1 
ATOM   61  C  CG  . HIS A 1 9   ? 3.989   -8.846  -9.016  1.00 8.65  ? 1115 HIS A CG  1 
ATOM   62  N  ND1 . HIS A 1 9   ? 4.109   -8.138  -10.191 1.00 9.12  ? 1115 HIS A ND1 1 
ATOM   63  C  CD2 . HIS A 1 9   ? 5.081   -9.648  -8.960  1.00 9.13  ? 1115 HIS A CD2 1 
ATOM   64  C  CE1 . HIS A 1 9   ? 5.227   -8.495  -10.815 1.00 9.31  ? 1115 HIS A CE1 1 
ATOM   65  N  NE2 . HIS A 1 9   ? 5.861   -9.387  -10.070 1.00 9.47  ? 1115 HIS A NE2 1 
ATOM   66  N  N   . LEU A 1 10  ? -0.579  -9.887  -8.114  1.00 8.62  ? 1116 LEU A N   1 
ATOM   67  C  CA  . LEU A 1 10  ? -1.789  -9.927  -7.289  1.00 9.03  ? 1116 LEU A CA  1 
ATOM   68  C  C   . LEU A 1 10  ? -1.898  -11.151 -6.412  1.00 9.61  ? 1116 LEU A C   1 
ATOM   69  O  O   . LEU A 1 10  ? -2.492  -11.082 -5.329  1.00 10.37 ? 1116 LEU A O   1 
ATOM   70  C  CB  . LEU A 1 10  ? -3.031  -9.793  -8.167  1.00 9.15  ? 1116 LEU A CB  1 
ATOM   71  C  CG  . LEU A 1 10  ? -3.216  -8.431  -8.812  1.00 9.98  ? 1116 LEU A CG  1 
ATOM   72  C  CD1 . LEU A 1 10  ? -4.290  -8.539  -9.895  1.00 10.78 ? 1116 LEU A CD1 1 
ATOM   73  C  CD2 . LEU A 1 10  ? -3.615  -7.315  -7.822  1.00 10.02 ? 1116 LEU A CD2 1 
ATOM   74  N  N   . VAL A 1 11  ? -1.246  -12.236 -6.815  1.00 10.86 ? 1117 VAL A N   1 
ATOM   75  C  CA  . VAL A 1 11  ? -1.196  -13.460 -6.000  1.00 11.72 ? 1117 VAL A CA  1 
ATOM   76  C  C   . VAL A 1 11  ? -0.527  -13.273 -4.662  1.00 12.09 ? 1117 VAL A C   1 
ATOM   77  O  O   . VAL A 1 11  ? -0.715  -14.075 -3.739  1.00 13.62 ? 1117 VAL A O   1 
ATOM   78  C  CB  . VAL A 1 11  ? -0.508  -14.610 -6.746  1.00 12.45 ? 1117 VAL A CB  1 
ATOM   79  C  CG1 . VAL A 1 11  ? -1.349  -15.054 -7.912  1.00 13.28 ? 1117 VAL A CG1 1 
ATOM   80  C  CG2 . VAL A 1 11  ? 0.907   -14.266 -7.216  1.00 12.39 ? 1117 VAL A CG2 1 
ATOM   81  N  N   . ALA A 1 12  ? 0.260   -12.200 -4.515  1.00 10.81 ? 1118 ALA A N   1 
ATOM   82  C  CA  . ALA A 1 12  ? 0.954   -11.903 -3.257  1.00 10.40 ? 1118 ALA A CA  1 
ATOM   83  C  C   . ALA A 1 12  ? 0.158   -10.985 -2.333  1.00 10.20 ? 1118 ALA A C   1 
ATOM   84  O  O   . ALA A 1 12  ? 0.631   -10.648 -1.211  1.00 9.95  ? 1118 ALA A O   1 
ATOM   85  C  CB  . ALA A 1 12  ? 2.322   -11.290 -3.583  1.00 11.03 ? 1118 ALA A CB  1 
ATOM   86  N  N   . VAL A 1 13  ? -1.040  -10.570 -2.771  1.00 9.71  ? 1119 VAL A N   1 
ATOM   87  C  CA  . VAL A 1 13  ? -1.905  -9.747  -1.896  1.00 9.64  ? 1119 VAL A CA  1 
ATOM   88  C  C   . VAL A 1 13  ? -2.511  -10.661 -0.832  1.00 10.32 ? 1119 VAL A C   1 
ATOM   89  O  O   . VAL A 1 13  ? -3.110  -11.707 -1.158  1.00 12.05 ? 1119 VAL A O   1 
ATOM   90  C  CB  . VAL A 1 13  ? -2.985  -9.039  -2.682  1.00 10.16 ? 1119 VAL A CB  1 
ATOM   91  C  CG1 . VAL A 1 13  ? -4.000  -8.394  -1.712  1.00 10.62 ? 1119 VAL A CG1 1 
ATOM   92  C  CG2 . VAL A 1 13  ? -2.317  -8.030  -3.617  1.00 10.27 ? 1119 VAL A CG2 1 
ATOM   93  N  N   . CYS A 1 14  ? -2.317  -10.272 0.425   1.00 9.76  ? 1120 CYS A N   1 
ATOM   94  C  CA  . CYS A 1 14  ? -2.699  -11.128 1.553   1.00 10.48 ? 1120 CYS A CA  1 
ATOM   95  C  C   . CYS A 1 14  ? -3.959  -10.618 2.214   1.00 11.28 ? 1120 CYS A C   1 
ATOM   96  O  O   . CYS A 1 14  ? -4.385  -9.483  2.034   1.00 12.00 ? 1120 CYS A O   1 
ATOM   97  C  CB  . CYS A 1 14  ? -1.520  -11.234 2.516   1.00 10.03 ? 1120 CYS A CB  1 
ATOM   98  S  SG  . CYS A 1 14  ? -0.115  -12.114 1.795   1.00 10.55 ? 1120 CYS A SG  1 
ATOM   99  N  N   . PRO A 1 15  ? -4.600  -11.487 3.024   1.00 12.60 ? 1121 PRO A N   1 
ATOM   100 C  CA  . PRO A 1 15  ? -5.827  -11.081 3.634   1.00 13.48 ? 1121 PRO A CA  1 
ATOM   101 C  C   . PRO A 1 15  ? -5.651  -9.924  4.585   1.00 13.00 ? 1121 PRO A C   1 
ATOM   102 O  O   . PRO A 1 15  ? -4.615  -9.766  5.268   1.00 12.90 ? 1121 PRO A O   1 
ATOM   103 C  CB  . PRO A 1 15  ? -6.275  -12.356 4.373   1.00 12.74 ? 1121 PRO A CB  1 
ATOM   104 C  CG  . PRO A 1 15  ? -5.749  -13.423 3.567   1.00 12.77 ? 1121 PRO A CG  1 
ATOM   105 C  CD  . PRO A 1 15  ? -4.378  -12.926 3.190   1.00 13.19 ? 1121 PRO A CD  1 
ATOM   106 N  N   . ILE A 1 16  ? -6.709  -9.135  4.651   1.00 14.46 ? 1122 ILE A N   1 
ATOM   107 C  CA  . ILE A 1 16  ? -6.742  -7.977  5.441   1.00 15.93 ? 1122 ILE A CA  1 
ATOM   108 C  C   . ILE A 1 16  ? -6.784  -8.375  6.914   1.00 16.36 ? 1122 ILE A C   1 
ATOM   109 O  O   . ILE A 1 16  ? -7.591  -9.243  7.326   1.00 18.65 ? 1122 ILE A O   1 
ATOM   110 C  CB  . ILE A 1 16  ? -7.966  -7.084  5.113   1.00 18.64 ? 1122 ILE A CB  1 
ATOM   111 C  CG1 . ILE A 1 16  ? -7.993  -6.674  3.617   1.00 21.16 ? 1122 ILE A CG1 1 
ATOM   112 C  CG2 . ILE A 1 16  ? -7.894  -5.834  5.954   1.00 21.37 ? 1122 ILE A CG2 1 
ATOM   113 C  CD1 . ILE A 1 16  ? -9.382  -6.507  3.012   1.00 21.88 ? 1122 ILE A CD1 1 
ATOM   114 N  N   . PRO A 1 17  ? -5.907  -7.789  7.703   1.00 15.61 ? 1123 PRO A N   1 
ATOM   115 C  CA  . PRO A 1 17  ? -6.056  -8.039  9.146   1.00 16.58 ? 1123 PRO A CA  1 
ATOM   116 C  C   . PRO A 1 17  ? -7.465  -7.701  9.670   1.00 17.67 ? 1123 PRO A C   1 
ATOM   117 O  O   . PRO A 1 17  ? -8.099  -6.703  9.270   1.00 17.81 ? 1123 PRO A O   1 
ATOM   118 C  CB  . PRO A 1 17  ? -4.985  -7.158  9.770   1.00 17.02 ? 1123 PRO A CB  1 
ATOM   119 C  CG  . PRO A 1 17  ? -4.100  -6.741  8.647   1.00 16.88 ? 1123 PRO A CG  1 
ATOM   120 C  CD  . PRO A 1 17  ? -4.884  -6.776  7.416   1.00 16.49 ? 1123 PRO A CD  1 
ATOM   121 N  N   . ALA A 1 18  ? -7.943  -8.519  10.609  1.00 17.81 ? 1124 ALA A N   1 
ATOM   122 C  CA  . ALA A 1 18  ? -9.257  -8.225  11.219  1.00 18.80 ? 1124 ALA A CA  1 
ATOM   123 C  C   . ALA A 1 18  ? -9.260  -6.933  12.058  1.00 19.05 ? 1124 ALA A C   1 
ATOM   124 O  O   . ALA A 1 18  ? -10.331 -6.332  12.207  1.00 21.16 ? 1124 ALA A O   1 
ATOM   125 C  CB  . ALA A 1 18  ? -9.819  -9.421  12.022  1.00 17.85 ? 1124 ALA A CB  1 
ATOM   126 N  N   . ALA A 1 19  ? -8.099  -6.476  12.548  1.00 19.48 ? 1125 ALA A N   1 
ATOM   127 C  CA  . ALA A 1 19  ? -7.990  -5.113  13.163  1.00 22.51 ? 1125 ALA A CA  1 
ATOM   128 C  C   . ALA A 1 19  ? -8.298  -3.979  12.165  1.00 24.03 ? 1125 ALA A C   1 
ATOM   129 O  O   . ALA A 1 19  ? -8.674  -2.866  12.562  1.00 23.94 ? 1125 ALA A O   1 
ATOM   130 C  CB  . ALA A 1 19  ? -6.628  -4.901  13.777  1.00 22.63 ? 1125 ALA A CB  1 
ATOM   131 N  N   . GLY A 1 20  ? -8.192  -4.269  10.875  1.00 20.37 ? 1126 GLY A N   1 
ATOM   132 C  CA  . GLY A 1 20  ? -8.504  -3.312  9.873   1.00 18.46 ? 1126 GLY A CA  1 
ATOM   133 C  C   . GLY A 1 20  ? -7.252  -2.496  9.568   1.00 17.01 ? 1126 GLY A C   1 
ATOM   134 O  O   . GLY A 1 20  ? -6.107  -2.886  9.834   1.00 18.58 ? 1126 GLY A O   1 
ATOM   135 N  N   . LEU A 1 21  ? -7.510  -1.384  8.926   1.00 15.32 ? 1127 LEU A N   1 
ATOM   136 C  CA  . LEU A 1 21  ? -6.461  -0.473  8.466   1.00 13.96 ? 1127 LEU A CA  1 
ATOM   137 C  C   . LEU A 1 21  ? -6.593  0.838   9.191   1.00 14.08 ? 1127 LEU A C   1 
ATOM   138 O  O   . LEU A 1 21  ? -7.725  1.274   9.462   1.00 15.67 ? 1127 LEU A O   1 
ATOM   139 C  CB  . LEU A 1 21  ? -6.590  -0.212  6.968   1.00 14.49 ? 1127 LEU A CB  1 
ATOM   140 C  CG  . LEU A 1 21  ? -6.431  -1.435  6.099   1.00 15.35 ? 1127 LEU A CG  1 
ATOM   141 C  CD1 . LEU A 1 21  ? -6.693  -1.059  4.660   1.00 16.29 ? 1127 LEU A CD1 1 
ATOM   142 C  CD2 . LEU A 1 21  ? -5.073  -2.088  6.229   1.00 16.14 ? 1127 LEU A CD2 1 
ATOM   143 N  N   . ASP A 1 22  ? -5.458  1.492   9.454   1.00 11.93 ? 1128 ASP A N   1 
ATOM   144 C  CA  . ASP A 1 22  ? -5.458  2.834   10.024  1.00 13.23 ? 1128 ASP A CA  1 
ATOM   145 C  C   . ASP A 1 22  ? -4.764  3.749   9.059   1.00 11.23 ? 1128 ASP A C   1 
ATOM   146 O  O   . ASP A 1 22  ? -3.544  3.734   8.968   1.00 10.54 ? 1128 ASP A O   1 
ATOM   147 C  CB  . ASP A 1 22  ? -4.754  2.848   11.365  1.00 15.09 ? 1128 ASP A CB  1 
ATOM   148 C  CG  . ASP A 1 22  ? -4.698  4.227   11.972  1.00 17.51 ? 1128 ASP A CG  1 
ATOM   149 O  OD1 . ASP A 1 22  ? -5.230  5.190   11.386  1.00 16.85 ? 1128 ASP A OD1 1 
ATOM   150 O  OD2 . ASP A 1 22  ? -4.026  4.324   13.023  1.00 22.72 ? 1128 ASP A OD2 1 
ATOM   151 N  N   . VAL A 1 23  ? -5.558  4.535   8.318   1.00 11.16 ? 1129 VAL A N   1 
ATOM   152 C  CA  . VAL A 1 23  ? -5.005  5.335   7.267   1.00 10.69 ? 1129 VAL A CA  1 
ATOM   153 C  C   . VAL A 1 23  ? -4.181  6.515   7.796   1.00 10.42 ? 1129 VAL A C   1 
ATOM   154 O  O   . VAL A 1 23  ? -3.465  7.134   7.017   1.00 10.11 ? 1129 VAL A O   1 
ATOM   155 C  CB  . VAL A 1 23  ? -6.011  5.892   6.231   1.00 12.31 ? 1129 VAL A CB  1 
ATOM   156 C  CG1 . VAL A 1 23  ? -6.812  4.738   5.625   1.00 12.51 ? 1129 VAL A CG1 1 
ATOM   157 C  CG2 . VAL A 1 23  ? -6.892  6.973   6.848   1.00 13.30 ? 1129 VAL A CG2 1 
ATOM   158 N  N   . THR A 1 24  ? -4.250  6.759   9.112   1.00 10.68 ? 1130 THR A N   1 
ATOM   159 C  CA  . THR A 1 24  ? -3.425  7.774   9.758   1.00 11.22 ? 1130 THR A CA  1 
ATOM   160 C  C   . THR A 1 24  ? -2.167  7.200   10.397  1.00 12.11 ? 1130 THR A C   1 
ATOM   161 O  O   . THR A 1 24  ? -1.424  7.896   11.069  1.00 14.15 ? 1130 THR A O   1 
ATOM   162 C  CB  . THR A 1 24  ? -4.195  8.627   10.783  1.00 11.67 ? 1130 THR A CB  1 
ATOM   163 O  OG1 . THR A 1 24  ? -4.555  7.836   11.917  1.00 11.56 ? 1130 THR A OG1 1 
ATOM   164 C  CG2 . THR A 1 24  ? -5.387  9.254   10.106  1.00 12.01 ? 1130 THR A CG2 1 
ATOM   165 N  N   . GLN A 1 25  ? -1.902  5.909   10.209  1.00 11.31 ? 1131 GLN A N   1 
ATOM   166 C  CA  . GLN A 1 25  ? -0.730  5.289   10.805  1.00 11.53 ? 1131 GLN A CA  1 
ATOM   167 C  C   . GLN A 1 25  ? 0.538   5.882   10.195  1.00 12.27 ? 1131 GLN A C   1 
ATOM   168 O  O   . GLN A 1 25  ? 0.657   6.042   8.955   1.00 12.50 ? 1131 GLN A O   1 
ATOM   169 C  CB  . GLN A 1 25  ? -0.761  3.781   10.518  1.00 11.62 ? 1131 GLN A CB  1 
ATOM   170 C  CG  . GLN A 1 25  ? 0.357   2.983   11.176  1.00 11.26 ? 1131 GLN A CG  1 
ATOM   171 C  CD  . GLN A 1 25  ? 0.127   1.476   11.021  1.00 11.23 ? 1131 GLN A CD  1 
ATOM   172 O  OE1 . GLN A 1 25  ? -1.026  1.011   10.936  1.00 12.60 ? 1131 GLN A OE1 1 
ATOM   173 N  NE2 . GLN A 1 25  ? 1.193   0.731   11.027  1.00 12.21 ? 1131 GLN A NE2 1 
ATOM   174 N  N   . PRO A 1 26  ? 1.504   6.234   11.035  1.00 10.52 ? 1132 PRO A N   1 
ATOM   175 C  CA  . PRO A 1 26  ? 2.713   6.824   10.499  1.00 10.07 ? 1132 PRO A CA  1 
ATOM   176 C  C   . PRO A 1 26  ? 3.702   5.811   9.920   1.00 9.62  ? 1132 PRO A C   1 
ATOM   177 O  O   . PRO A 1 26  ? 3.582   4.586   10.129  1.00 9.89  ? 1132 PRO A O   1 
ATOM   178 C  CB  . PRO A 1 26  ? 3.304   7.568   11.705  1.00 10.40 ? 1132 PRO A CB  1 
ATOM   179 C  CG  . PRO A 1 26  ? 2.875   6.715   12.836  1.00 11.13 ? 1132 PRO A CG  1 
ATOM   180 C  CD  . PRO A 1 26  ? 1.518   6.185   12.508  1.00 10.81 ? 1132 PRO A CD  1 
ATOM   181 N  N   . CYS A 1 27  ? 4.720   6.331   9.253   1.00 9.29  ? 1133 CYS A N   1 
ATOM   182 C  CA  . CYS A 1 27  ? 5.746   5.492   8.671   1.00 9.72  ? 1133 CYS A CA  1 
ATOM   183 C  C   . CYS A 1 27  ? 6.434   4.717   9.773   1.00 10.25 ? 1133 CYS A C   1 
ATOM   184 O  O   . CYS A 1 27  ? 6.875   5.299   10.774  1.00 11.54 ? 1133 CYS A O   1 
ATOM   185 C  CB  . CYS A 1 27  ? 6.791   6.309   7.936   1.00 10.00 ? 1133 CYS A CB  1 
ATOM   186 S  SG  . CYS A 1 27  ? 8.180   5.364   7.286   1.00 10.11 ? 1133 CYS A SG  1 
ATOM   187 N  N   . GLY A 1 28  ? 6.537   3.414   9.585   1.00 10.15 ? 1134 GLY A N   1 
ATOM   188 C  CA  . GLY A 1 28  ? 7.198   2.552   10.585  1.00 11.81 ? 1134 GLY A CA  1 
ATOM   189 C  C   . GLY A 1 28  ? 8.682   2.797   10.824  1.00 13.32 ? 1134 GLY A C   1 
ATOM   190 O  O   . GLY A 1 28  ? 9.221   2.381   11.859  1.00 15.67 ? 1134 GLY A O   1 
ATOM   191 N  N   A ASP A 1 29  ? 9.367   3.418   9.880   0.70 12.95 ? 1135 ASP A N   1 
ATOM   192 N  N   B ASP A 1 29  ? 9.343   3.508   9.921   0.30 12.43 ? 1135 ASP A N   1 
ATOM   193 C  CA  A ASP A 1 29  ? 10.769  3.803   10.054  0.70 14.41 ? 1135 ASP A CA  1 
ATOM   194 C  CA  B ASP A 1 29  ? 10.768  3.789   10.040  0.30 12.48 ? 1135 ASP A CA  1 
ATOM   195 C  C   A ASP A 1 29  ? 10.866  5.199   10.646  0.70 13.72 ? 1135 ASP A C   1 
ATOM   196 C  C   B ASP A 1 29  ? 11.092  5.219   10.501  0.30 12.54 ? 1135 ASP A C   1 
ATOM   197 O  O   A ASP A 1 29  ? 11.314  5.339   11.799  0.70 13.14 ? 1135 ASP A O   1 
ATOM   198 O  O   B ASP A 1 29  ? 11.928  5.403   11.413  0.30 12.20 ? 1135 ASP A O   1 
ATOM   199 C  CB  A ASP A 1 29  ? 11.536  3.688   8.746   0.70 16.30 ? 1135 ASP A CB  1 
ATOM   200 C  CB  B ASP A 1 29  ? 11.431  3.464   8.719   0.30 12.41 ? 1135 ASP A CB  1 
ATOM   201 C  CG  A ASP A 1 29  ? 11.775  2.259   8.317   0.70 20.00 ? 1135 ASP A CG  1 
ATOM   202 C  CG  B ASP A 1 29  ? 12.906  3.651   8.771   0.30 12.83 ? 1135 ASP A CG  1 
ATOM   203 O  OD1 A ASP A 1 29  ? 11.843  1.348   9.181   0.70 22.71 ? 1135 ASP A OD1 1 
ATOM   204 O  OD1 B ASP A 1 29  ? 13.338  4.537   9.522   0.30 13.70 ? 1135 ASP A OD1 1 
ATOM   205 O  OD2 A ASP A 1 29  ? 11.947  2.061   7.094   0.70 22.69 ? 1135 ASP A OD2 1 
ATOM   206 O  OD2 B ASP A 1 29  ? 13.624  2.926   8.067   0.30 13.48 ? 1135 ASP A OD2 1 
ATOM   207 N  N   . CYS A 1 30  ? 10.471  6.232   9.885   1.00 12.09 ? 1136 CYS A N   1 
ATOM   208 C  CA  . CYS A 1 30  ? 10.774  7.642   10.243  1.00 12.02 ? 1136 CYS A CA  1 
ATOM   209 C  C   . CYS A 1 30  ? 9.666   8.307   10.983  1.00 12.05 ? 1136 CYS A C   1 
ATOM   210 O  O   . CYS A 1 30  ? 9.833   9.433   11.436  1.00 13.25 ? 1136 CYS A O   1 
ATOM   211 C  CB  . CYS A 1 30  ? 11.155  8.444   9.027   1.00 11.86 ? 1136 CYS A CB  1 
ATOM   212 S  SG  . CYS A 1 30  ? 9.822   8.771   7.838   1.00 10.08 ? 1136 CYS A SG  1 
ATOM   213 N  N   . GLY A 1 31  ? 8.498   7.691   11.080  1.00 11.77 ? 1137 GLY A N   1 
ATOM   214 C  CA  . GLY A 1 31  ? 7.395   8.295   11.818  1.00 11.40 ? 1137 GLY A CA  1 
ATOM   215 C  C   . GLY A 1 31  ? 6.655   9.420   11.128  1.00 11.56 ? 1137 GLY A C   1 
ATOM   216 O  O   . GLY A 1 31  ? 5.746   10.021  11.701  1.00 11.42 ? 1137 GLY A O   1 
ATOM   217 N  N   . THR A 1 32  ? 6.958   9.716   9.861   1.00 10.98 ? 1138 THR A N   1 
ATOM   218 C  CA  . THR A 1 32  ? 6.212   10.763  9.182   1.00 11.31 ? 1138 THR A CA  1 
ATOM   219 C  C   . THR A 1 32  ? 4.743   10.444  9.053   1.00 11.67 ? 1138 THR A C   1 
ATOM   220 O  O   . THR A 1 32  ? 4.367   9.277   8.868   1.00 10.91 ? 1138 THR A O   1 
ATOM   221 C  CB  . THR A 1 32  ? 6.770   11.114  7.794   1.00 12.17 ? 1138 THR A CB  1 
ATOM   222 O  OG1 . THR A 1 32  ? 6.061   12.245  7.259   1.00 12.52 ? 1138 THR A OG1 1 
ATOM   223 C  CG2 . THR A 1 32  ? 6.616   9.952   6.803   1.00 11.31 ? 1138 THR A CG2 1 
ATOM   224 N  N   . ILE A 1 33  ? 3.915   11.463  9.175   1.00 12.19 ? 1139 ILE A N   1 
ATOM   225 C  CA  . ILE A 1 33  ? 2.482   11.348  8.887   1.00 12.37 ? 1139 ILE A CA  1 
ATOM   226 C  C   . ILE A 1 33  ? 2.114   11.507  7.433   1.00 12.14 ? 1139 ILE A C   1 
ATOM   227 O  O   . ILE A 1 33  ? 0.952   11.320  7.097   1.00 13.88 ? 1139 ILE A O   1 
ATOM   228 C  CB  . ILE A 1 33  ? 1.663   12.378  9.700   1.00 15.06 ? 1139 ILE A CB  1 
ATOM   229 C  CG1 . ILE A 1 33  ? 1.911   13.804  9.209   1.00 16.43 ? 1139 ILE A CG1 1 
ATOM   230 C  CG2 . ILE A 1 33  ? 1.965   12.272  11.201  1.00 17.57 ? 1139 ILE A CG2 1 
ATOM   231 C  CD1 . ILE A 1 33  ? 1.039   14.870  9.867   1.00 18.02 ? 1139 ILE A CD1 1 
ATOM   232 N  N   . GLN A 1 34  ? 3.093   11.845  6.582   1.00 12.07 ? 1140 GLN A N   1 
ATOM   233 C  CA  . GLN A 1 34  ? 2.845   12.220  5.192   1.00 11.89 ? 1140 GLN A CA  1 
ATOM   234 C  C   . GLN A 1 34  ? 3.120   11.096  4.176   1.00 10.89 ? 1140 GLN A C   1 
ATOM   235 O  O   . GLN A 1 34  ? 4.088   10.380  4.298   1.00 11.23 ? 1140 GLN A O   1 
ATOM   236 C  CB  . GLN A 1 34  ? 3.801   13.372  4.831   1.00 12.63 ? 1140 GLN A CB  1 
ATOM   237 C  CG  . GLN A 1 34  ? 3.609   14.646  5.605   1.00 14.26 ? 1140 GLN A CG  1 
ATOM   238 C  CD  . GLN A 1 34  ? 4.557   15.761  5.140   1.00 15.17 ? 1140 GLN A CD  1 
ATOM   239 O  OE1 . GLN A 1 34  ? 4.520   16.140  3.978   1.00 17.25 ? 1140 GLN A OE1 1 
ATOM   240 N  NE2 . GLN A 1 34  ? 5.403   16.250  6.034   1.00 16.17 ? 1140 GLN A NE2 1 
ATOM   241 N  N   . GLU A 1 35  ? 2.254   11.011  3.177   1.00 10.97 ? 1141 GLU A N   1 
ATOM   242 C  CA  . GLU A 1 35  ? 2.512   10.199  1.995   1.00 11.34 ? 1141 GLU A CA  1 
ATOM   243 C  C   . GLU A 1 35  ? 2.771   8.721   2.334   1.00 9.50  ? 1141 GLU A C   1 
ATOM   244 O  O   . GLU A 1 35  ? 3.564   8.061   1.659   1.00 11.00 ? 1141 GLU A O   1 
ATOM   245 C  CB  . GLU A 1 35  ? 3.717   10.719  1.191   1.00 13.60 ? 1141 GLU A CB  1 
ATOM   246 C  CG  . GLU A 1 35  ? 3.621   12.143  0.674   1.00 14.87 ? 1141 GLU A CG  1 
ATOM   247 C  CD  . GLU A 1 35  ? 2.868   12.261  -0.653  1.00 15.74 ? 1141 GLU A CD  1 
ATOM   248 O  OE1 . GLU A 1 35  ? 1.982   13.140  -0.765  1.00 18.29 ? 1141 GLU A OE1 1 
ATOM   249 O  OE2 . GLU A 1 35  ? 3.188   11.520  -1.578  1.00 16.43 ? 1141 GLU A OE2 1 
ATOM   250 N  N   . ASN A 1 36  ? 2.062   8.184   3.323   1.00 8.80  ? 1142 ASN A N   1 
ATOM   251 C  CA  . ASN A 1 36  ? 2.263   6.775   3.657   1.00 8.53  ? 1142 ASN A CA  1 
ATOM   252 C  C   . ASN A 1 36  ? 1.497   5.823   2.746   1.00 8.51  ? 1142 ASN A C   1 
ATOM   253 O  O   . ASN A 1 36  ? 0.456   6.138   2.153   1.00 8.69  ? 1142 ASN A O   1 
ATOM   254 C  CB  . ASN A 1 36  ? 1.959   6.517   5.151   1.00 8.71  ? 1142 ASN A CB  1 
ATOM   255 C  CG  . ASN A 1 36  ? 3.008   7.163   6.037   1.00 9.23  ? 1142 ASN A CG  1 
ATOM   256 O  OD1 . ASN A 1 36  ? 4.186   6.878   5.872   1.00 10.04 ? 1142 ASN A OD1 1 
ATOM   257 N  ND2 . ASN A 1 36  ? 2.602   8.097   6.906   1.00 10.40 ? 1142 ASN A ND2 1 
ATOM   258 N  N   . TRP A 1 37  ? 2.037   4.616   2.683   1.00 8.39  ? 1143 TRP A N   1 
ATOM   259 C  CA  . TRP A 1 37  ? 1.478   3.472   1.992   1.00 8.06  ? 1143 TRP A CA  1 
ATOM   260 C  C   . TRP A 1 37  ? 1.411   2.288   2.930   1.00 8.20  ? 1143 TRP A C   1 
ATOM   261 O  O   . TRP A 1 37  ? 2.211   2.209   3.853   1.00 8.19  ? 1143 TRP A O   1 
ATOM   262 C  CB  . TRP A 1 37  ? 2.387   3.111   0.822   1.00 8.03  ? 1143 TRP A CB  1 
ATOM   263 C  CG  . TRP A 1 37  ? 2.571   4.161   -0.213  1.00 8.31  ? 1143 TRP A CG  1 
ATOM   264 C  CD1 . TRP A 1 37  ? 3.279   5.314   -0.102  1.00 8.51  ? 1143 TRP A CD1 1 
ATOM   265 C  CD2 . TRP A 1 37  ? 2.014   4.164   -1.547  1.00 8.18  ? 1143 TRP A CD2 1 
ATOM   266 N  NE1 . TRP A 1 37  ? 3.211   6.029   -1.274  1.00 8.89  ? 1143 TRP A NE1 1 
ATOM   267 C  CE2 . TRP A 1 37  ? 2.448   5.340   -2.180  1.00 8.71  ? 1143 TRP A CE2 1 
ATOM   268 C  CE3 . TRP A 1 37  ? 1.197   3.291   -2.259  1.00 8.38  ? 1143 TRP A CE3 1 
ATOM   269 C  CZ2 . TRP A 1 37  ? 2.087   5.665   -3.493  1.00 8.84  ? 1143 TRP A CZ2 1 
ATOM   270 C  CZ3 . TRP A 1 37  ? 0.864   3.603   -3.562  1.00 8.92  ? 1143 TRP A CZ3 1 
ATOM   271 C  CH2 . TRP A 1 37  ? 1.317   4.764   -4.169  1.00 9.30  ? 1143 TRP A CH2 1 
ATOM   272 N  N   . VAL A 1 38  ? 0.491   1.359   2.667   1.00 8.08  ? 1144 VAL A N   1 
ATOM   273 C  CA  . VAL A 1 38  ? 0.429   0.087   3.410   1.00 8.48  ? 1144 VAL A CA  1 
ATOM   274 C  C   . VAL A 1 38  ? 0.806   -1.037  2.453   1.00 7.91  ? 1144 VAL A C   1 
ATOM   275 O  O   . VAL A 1 38  ? 0.314   -1.101  1.314   1.00 7.69  ? 1144 VAL A O   1 
ATOM   276 C  CB  . VAL A 1 38  ? -0.946  -0.125  4.095   1.00 8.88  ? 1144 VAL A CB  1 
ATOM   277 C  CG1 . VAL A 1 38  ? -2.118  -0.176  3.114   1.00 9.38  ? 1144 VAL A CG1 1 
ATOM   278 C  CG2 . VAL A 1 38  ? -0.901  -1.356  5.000   1.00 9.22  ? 1144 VAL A CG2 1 
ATOM   279 N  N   . CYS A 1 39  ? 1.642   -1.950  2.911   1.00 7.76  ? 1145 CYS A N   1 
ATOM   280 C  CA  . CYS A 1 39  ? 2.043   -3.084  2.096   1.00 8.25  ? 1145 CYS A CA  1 
ATOM   281 C  C   . CYS A 1 39  ? 0.932   -4.123  2.083   1.00 9.23  ? 1145 CYS A C   1 
ATOM   282 O  O   . CYS A 1 39  ? 0.448   -4.546  3.115   1.00 9.00  ? 1145 CYS A O   1 
ATOM   283 C  CB  . CYS A 1 39  ? 3.305   -3.677  2.641   1.00 8.78  ? 1145 CYS A CB  1 
ATOM   284 S  SG  . CYS A 1 39  ? 3.854   -5.100  1.682   1.00 9.32  ? 1145 CYS A SG  1 
ATOM   285 N  N   . LEU A 1 40  ? 0.516   -4.542  0.906   1.00 8.32  ? 1146 LEU A N   1 
ATOM   286 C  CA  . LEU A 1 40  ? -0.589  -5.452  0.766   1.00 8.74  ? 1146 LEU A CA  1 
ATOM   287 C  C   . LEU A 1 40  ? -0.183  -6.915  0.963   1.00 9.16  ? 1146 LEU A C   1 
ATOM   288 O  O   . LEU A 1 40  ? -1.077  -7.778  0.836   1.00 9.82  ? 1146 LEU A O   1 
ATOM   289 C  CB  . LEU A 1 40  ? -1.288  -5.228  -0.582  1.00 9.17  ? 1146 LEU A CB  1 
ATOM   290 C  CG  . LEU A 1 40  ? -1.935  -3.857  -0.764  1.00 9.62  ? 1146 LEU A CG  1 
ATOM   291 C  CD1 . LEU A 1 40  ? -2.687  -3.755  -2.086  1.00 10.38 ? 1146 LEU A CD1 1 
ATOM   292 C  CD2 . LEU A 1 40  ? -2.858  -3.558  0.405   1.00 10.25 ? 1146 LEU A CD2 1 
ATOM   293 N  N   . SER A 1 41  ? 1.080   -7.172  1.269   1.00 9.28  ? 1147 SER A N   1 
ATOM   294 C  CA  . SER A 1 41  ? 1.502   -8.501  1.706   1.00 9.23  ? 1147 SER A CA  1 
ATOM   295 C  C   . SER A 1 41  ? 1.494   -8.561  3.224   1.00 10.38 ? 1147 SER A C   1 
ATOM   296 O  O   . SER A 1 41  ? 0.778   -9.401  3.776   1.00 11.48 ? 1147 SER A O   1 
ATOM   297 C  CB  . SER A 1 41  ? 2.824   -8.901  1.055   1.00 9.34  ? 1147 SER A CB  1 
ATOM   298 O  OG  . SER A 1 41  ? 2.664   -8.975  -0.365  1.00 9.18  ? 1147 SER A OG  1 
ATOM   299 N  N   . CYS A 1 42  ? 2.274   -7.684  3.882   1.00 9.99  ? 1148 CYS A N   1 
ATOM   300 C  CA  . CYS A 1 42  ? 2.515   -7.780  5.338   1.00 10.11 ? 1148 CYS A CA  1 
ATOM   301 C  C   . CYS A 1 42  ? 1.879   -6.670  6.185   1.00 10.21 ? 1148 CYS A C   1 
ATOM   302 O  O   . CYS A 1 42  ? 1.972   -6.687  7.416   1.00 11.94 ? 1148 CYS A O   1 
ATOM   303 C  CB  . CYS A 1 42  ? 3.990   -7.862  5.595   1.00 11.31 ? 1148 CYS A CB  1 
ATOM   304 S  SG  . CYS A 1 42  ? 4.896   -6.289  5.353   1.00 12.67 ? 1148 CYS A SG  1 
ATOM   305 N  N   . TYR A 1 43  ? 1.261   -5.684  5.528   1.00 9.51  ? 1149 TYR A N   1 
ATOM   306 C  CA  . TYR A 1 43  ? 0.481   -4.644  6.215   1.00 9.76  ? 1149 TYR A CA  1 
ATOM   307 C  C   . TYR A 1 43  ? 1.270   -3.720  7.121   1.00 9.70  ? 1149 TYR A C   1 
ATOM   308 O  O   . TYR A 1 43  ? 0.699   -3.003  7.942   1.00 10.92 ? 1149 TYR A O   1 
ATOM   309 C  CB  . TYR A 1 43  ? -0.787  -5.247  6.828   1.00 10.81 ? 1149 TYR A CB  1 
ATOM   310 C  CG  . TYR A 1 43  ? -1.723  -5.693  5.716   1.00 10.09 ? 1149 TYR A CG  1 
ATOM   311 C  CD1 . TYR A 1 43  ? -2.671  -4.825  5.172   1.00 10.60 ? 1149 TYR A CD1 1 
ATOM   312 C  CD2 . TYR A 1 43  ? -1.640  -6.969  5.178   1.00 10.03 ? 1149 TYR A CD2 1 
ATOM   313 C  CE1 . TYR A 1 43  ? -3.486  -5.190  4.121   1.00 10.84 ? 1149 TYR A CE1 1 
ATOM   314 C  CE2 . TYR A 1 43  ? -2.454  -7.352  4.124   1.00 10.66 ? 1149 TYR A CE2 1 
ATOM   315 C  CZ  . TYR A 1 43  ? -3.379  -6.460  3.606   1.00 11.02 ? 1149 TYR A CZ  1 
ATOM   316 O  OH  . TYR A 1 43  ? -4.184  -6.791  2.562   1.00 12.56 ? 1149 TYR A OH  1 
ATOM   317 N  N   . GLN A 1 44  ? 2.598   -3.672  6.896   1.00 9.45  ? 1150 GLN A N   1 
ATOM   318 C  CA  . GLN A 1 44  ? 3.474   -2.602  7.410   1.00 9.76  ? 1150 GLN A CA  1 
ATOM   319 C  C   . GLN A 1 44  ? 3.224   -1.320  6.643   1.00 9.06  ? 1150 GLN A C   1 
ATOM   320 O  O   . GLN A 1 44  ? 2.846   -1.362  5.463   1.00 9.50  ? 1150 GLN A O   1 
ATOM   321 C  CB  . GLN A 1 44  ? 4.914   -3.016  7.399   1.00 10.50 ? 1150 GLN A CB  1 
ATOM   322 C  CG  . GLN A 1 44  ? 5.121   -4.092  8.465   1.00 11.68 ? 1150 GLN A CG  1 
ATOM   323 C  CD  . GLN A 1 44  ? 6.457   -4.772  8.396   1.00 13.01 ? 1150 GLN A CD  1 
ATOM   324 O  OE1 . GLN A 1 44  ? 7.443   -4.247  7.887   1.00 16.87 ? 1150 GLN A OE1 1 
ATOM   325 N  NE2 . GLN A 1 44  ? 6.470   -6.052  8.875   1.00 16.12 ? 1150 GLN A NE2 1 
ATOM   326 N  N   . VAL A 1 45  ? 3.433   -0.180  7.312   1.00 8.16  ? 1151 VAL A N   1 
ATOM   327 C  CA  . VAL A 1 45  ? 3.161   1.127   6.737   1.00 8.41  ? 1151 VAL A CA  1 
ATOM   328 C  C   . VAL A 1 45  ? 4.457   1.892   6.636   1.00 8.74  ? 1151 VAL A C   1 
ATOM   329 O  O   . VAL A 1 45  ? 5.187   2.003   7.627   1.00 9.94  ? 1151 VAL A O   1 
ATOM   330 C  CB  . VAL A 1 45  ? 2.126   1.876   7.609   1.00 8.43  ? 1151 VAL A CB  1 
ATOM   331 C  CG1 . VAL A 1 45  ? 1.956   3.327   7.162   1.00 8.80  ? 1151 VAL A CG1 1 
ATOM   332 C  CG2 . VAL A 1 45  ? 0.809   1.144   7.569   1.00 8.98  ? 1151 VAL A CG2 1 
ATOM   333 N  N   . TYR A 1 46  ? 4.739   2.450   5.455   1.00 8.12  ? 1152 TYR A N   1 
ATOM   334 C  CA  . TYR A 1 46  ? 5.975   3.176   5.190   1.00 8.14  ? 1152 TYR A CA  1 
ATOM   335 C  C   . TYR A 1 46  ? 5.749   4.327   4.201   1.00 8.18  ? 1152 TYR A C   1 
ATOM   336 O  O   . TYR A 1 46  ? 4.831   4.259   3.399   1.00 7.66  ? 1152 TYR A O   1 
ATOM   337 C  CB  . TYR A 1 46  ? 7.102   2.259   4.678   1.00 8.53  ? 1152 TYR A CB  1 
ATOM   338 C  CG  . TYR A 1 46  ? 7.524   1.160   5.612   1.00 9.15  ? 1152 TYR A CG  1 
ATOM   339 C  CD1 . TYR A 1 46  ? 8.250   1.453   6.748   1.00 9.92  ? 1152 TYR A CD1 1 
ATOM   340 C  CD2 . TYR A 1 46  ? 7.249   -0.159  5.305   1.00 10.16 ? 1152 TYR A CD2 1 
ATOM   341 C  CE1 . TYR A 1 46  ? 8.655   0.457   7.598   1.00 10.86 ? 1152 TYR A CE1 1 
ATOM   342 C  CE2 . TYR A 1 46  ? 7.625   -1.169  6.180   1.00 10.57 ? 1152 TYR A CE2 1 
ATOM   343 C  CZ  . TYR A 1 46  ? 8.343   -0.839  7.300   1.00 11.91 ? 1152 TYR A CZ  1 
ATOM   344 O  OH  . TYR A 1 46  ? 8.712   -1.849  8.195   1.00 14.55 ? 1152 TYR A OH  1 
ATOM   345 N  N   . CYS A 1 47  ? 6.602   5.338   4.265   1.00 8.47  ? 1153 CYS A N   1 
ATOM   346 C  CA  . CYS A 1 47  ? 6.384   6.563   3.503   1.00 8.54  ? 1153 CYS A CA  1 
ATOM   347 C  C   . CYS A 1 47  ? 6.820   6.457   2.021   1.00 8.76  ? 1153 CYS A C   1 
ATOM   348 O  O   . CYS A 1 47  ? 7.646   5.630   1.602   1.00 9.02  ? 1153 CYS A O   1 
ATOM   349 C  CB  . CYS A 1 47  ? 7.067   7.751   4.166   1.00 9.55  ? 1153 CYS A CB  1 
ATOM   350 S  SG  . CYS A 1 47  ? 8.883   7.688   4.215   1.00 9.36  ? 1153 CYS A SG  1 
ATOM   351 N  N   . GLY A 1 48  ? 6.212   7.341   1.257   1.00 8.86  ? 1154 GLY A N   1 
ATOM   352 C  CA  . GLY A 1 48  ? 6.420   7.454   -0.175  1.00 9.34  ? 1154 GLY A CA  1 
ATOM   353 C  C   . GLY A 1 48  ? 7.730   8.072   -0.599  1.00 10.41 ? 1154 GLY A C   1 
ATOM   354 O  O   . GLY A 1 48  ? 8.488   8.651   0.189   1.00 10.36 ? 1154 GLY A O   1 
ATOM   355 N  N   . ARG A 1 49  ? 7.931   8.000   -1.918  1.00 11.09 ? 1155 ARG A N   1 
ATOM   356 C  CA  A ARG A 1 49  ? 9.161   8.459   -2.561  0.50 12.04 ? 1155 ARG A CA  1 
ATOM   357 C  CA  B ARG A 1 49  ? 9.216   8.427   -2.473  0.50 12.35 ? 1155 ARG A CA  1 
ATOM   358 C  C   . ARG A 1 49  ? 9.501   9.923   -2.300  1.00 12.14 ? 1155 ARG A C   1 
ATOM   359 O  O   . ARG A 1 49  ? 10.679  10.289  -2.250  1.00 13.96 ? 1155 ARG A O   1 
ATOM   360 C  CB  A ARG A 1 49  ? 9.086   8.192   -4.090  0.50 12.65 ? 1155 ARG A CB  1 
ATOM   361 C  CB  B ARG A 1 49  ? 9.362   8.002   -3.955  0.50 13.58 ? 1155 ARG A CB  1 
ATOM   362 C  CG  A ARG A 1 49  ? 7.980   8.916   -4.868  0.50 13.65 ? 1155 ARG A CG  1 
ATOM   363 C  CG  B ARG A 1 49  ? 8.608   8.875   -4.939  0.50 15.25 ? 1155 ARG A CG  1 
ATOM   364 C  CD  A ARG A 1 49  ? 7.433   8.080   -6.053  0.50 14.63 ? 1155 ARG A CD  1 
ATOM   365 C  CD  B ARG A 1 49  ? 8.604   8.402   -6.399  0.50 16.84 ? 1155 ARG A CD  1 
ATOM   366 N  NE  A ARG A 1 49  ? 6.331   8.729   -6.814  0.50 15.37 ? 1155 ARG A NE  1 
ATOM   367 N  NE  B ARG A 1 49  ? 7.287   8.745   -6.925  0.50 19.00 ? 1155 ARG A NE  1 
ATOM   368 C  CZ  A ARG A 1 49  ? 5.091   8.886   -6.357  0.50 15.74 ? 1155 ARG A CZ  1 
ATOM   369 C  CZ  B ARG A 1 49  ? 6.972   9.201   -8.130  0.50 21.77 ? 1155 ARG A CZ  1 
ATOM   370 N  NH1 A ARG A 1 49  ? 4.176   9.478   -7.124  0.50 16.57 ? 1155 ARG A NH1 1 
ATOM   371 N  NH1 B ARG A 1 49  ? 5.692   9.476   -8.374  0.50 23.84 ? 1155 ARG A NH1 1 
ATOM   372 N  NH2 A ARG A 1 49  ? 4.788   8.498   -5.101  0.50 17.95 ? 1155 ARG A NH2 1 
ATOM   373 N  NH2 B ARG A 1 49  ? 7.870   9.382   -9.076  0.50 21.28 ? 1155 ARG A NH2 1 
ATOM   374 N  N   . TYR A 1 50  ? 8.463   10.754  -2.143  1.00 11.93 ? 1156 TYR A N   1 
ATOM   375 C  CA  . TYR A 1 50  ? 8.693   12.192  -1.970  1.00 12.26 ? 1156 TYR A CA  1 
ATOM   376 C  C   . TYR A 1 50  ? 8.969   12.626  -0.556  1.00 12.02 ? 1156 TYR A C   1 
ATOM   377 O  O   . TYR A 1 50  ? 9.353   13.795  -0.338  1.00 13.22 ? 1156 TYR A O   1 
ATOM   378 C  CB  . TYR A 1 50  ? 7.572   13.018  -2.625  1.00 12.24 ? 1156 TYR A CB  1 
ATOM   379 C  CG  . TYR A 1 50  ? 7.497   12.838  -4.126  1.00 13.00 ? 1156 TYR A CG  1 
ATOM   380 C  CD1 . TYR A 1 50  ? 8.630   13.073  -4.911  1.00 13.69 ? 1156 TYR A CD1 1 
ATOM   381 C  CD2 . TYR A 1 50  ? 6.353   12.397  -4.750  1.00 14.65 ? 1156 TYR A CD2 1 
ATOM   382 C  CE1 . TYR A 1 50  ? 8.617   12.906  -6.290  1.00 14.37 ? 1156 TYR A CE1 1 
ATOM   383 C  CE2 . TYR A 1 50  ? 6.326   12.253  -6.125  1.00 14.79 ? 1156 TYR A CE2 1 
ATOM   384 C  CZ  . TYR A 1 50  ? 7.465   12.496  -6.885  1.00 16.29 ? 1156 TYR A CZ  1 
ATOM   385 O  OH  . TYR A 1 50  ? 7.440   12.332  -8.278  1.00 18.67 ? 1156 TYR A OH  1 
ATOM   386 N  N   . ILE A 1 51  ? 8.820   11.725  0.422   1.00 10.95 ? 1157 ILE A N   1 
ATOM   387 C  CA  . ILE A 1 51  ? 9.222   11.967  1.806   1.00 11.13 ? 1157 ILE A CA  1 
ATOM   388 C  C   . ILE A 1 51  ? 10.597  11.302  1.969   1.00 11.21 ? 1157 ILE A C   1 
ATOM   389 O  O   . ILE A 1 51  ? 11.611  11.851  1.474   1.00 13.04 ? 1157 ILE A O   1 
ATOM   390 C  CB  . ILE A 1 51  ? 8.132   11.551  2.843   1.00 11.66 ? 1157 ILE A CB  1 
ATOM   391 C  CG1 . ILE A 1 51  ? 6.779   12.130  2.409   1.00 12.26 ? 1157 ILE A CG1 1 
ATOM   392 C  CG2 . ILE A 1 51  ? 8.570   11.978  4.247   1.00 12.03 ? 1157 ILE A CG2 1 
ATOM   393 C  CD1 . ILE A 1 51  ? 6.768   13.654  2.410   1.00 13.37 ? 1157 ILE A CD1 1 
ATOM   394 N  N   . ASN A 1 52  ? 10.662  10.113  2.560   1.00 10.84 ? 1158 ASN A N   1 
ATOM   395 C  CA  . ASN A 1 52  ? 11.927  9.431   2.793   1.00 11.30 ? 1158 ASN A CA  1 
ATOM   396 C  C   . ASN A 1 52  ? 12.078  8.095   2.104   1.00 11.34 ? 1158 ASN A C   1 
ATOM   397 O  O   . ASN A 1 52  ? 13.093  7.436   2.279   1.00 12.69 ? 1158 ASN A O   1 
ATOM   398 C  CB  . ASN A 1 52  ? 12.260  9.336   4.285   1.00 12.16 ? 1158 ASN A CB  1 
ATOM   399 C  CG  . ASN A 1 52  ? 12.413  10.708  4.934   1.00 13.20 ? 1158 ASN A CG  1 
ATOM   400 O  OD1 . ASN A 1 52  ? 13.113  11.569  4.357   1.00 15.03 ? 1158 ASN A OD1 1 
ATOM   401 N  ND2 . ASN A 1 52  ? 11.716  10.960  6.052   1.00 12.70 ? 1158 ASN A ND2 1 
ATOM   402 N  N   . GLY A 1 53  ? 11.099  7.719   1.294   1.00 10.89 ? 1159 GLY A N   1 
ATOM   403 C  CA  . GLY A 1 53  ? 11.258  6.530   0.461   1.00 10.03 ? 1159 GLY A CA  1 
ATOM   404 C  C   . GLY A 1 53  ? 11.298  5.213   1.188   1.00 10.60 ? 1159 GLY A C   1 
ATOM   405 O  O   . GLY A 1 53  ? 11.870  4.243   0.693   1.00 11.29 ? 1159 GLY A O   1 
ATOM   406 N  N   . HIS A 1 54  ? 10.738  5.143   2.371   1.00 9.87  ? 1160 HIS A N   1 
ATOM   407 C  CA  . HIS A 1 54  ? 10.768  3.908   3.139   1.00 9.57  ? 1160 HIS A CA  1 
ATOM   408 C  C   . HIS A 1 54  ? 9.951   2.768   2.557   1.00 10.09 ? 1160 HIS A C   1 
ATOM   409 O  O   . HIS A 1 54  ? 10.323  1.626   2.744   1.00 10.59 ? 1160 HIS A O   1 
ATOM   410 C  CB  . HIS A 1 54  ? 10.486  4.159   4.622   1.00 9.81  ? 1160 HIS A CB  1 
ATOM   411 C  CG  . HIS A 1 54  ? 11.571  4.957   5.243   1.00 10.44 ? 1160 HIS A CG  1 
ATOM   412 N  ND1 . HIS A 1 54  ? 11.358  6.131   5.961   1.00 10.91 ? 1160 HIS A ND1 1 
ATOM   413 C  CD2 . HIS A 1 54  ? 12.905  4.751   5.214   1.00 12.23 ? 1160 HIS A CD2 1 
ATOM   414 C  CE1 . HIS A 1 54  ? 12.541  6.581   6.351   1.00 11.34 ? 1160 HIS A CE1 1 
ATOM   415 N  NE2 . HIS A 1 54  ? 13.499  5.773   5.913   1.00 12.16 ? 1160 HIS A NE2 1 
ATOM   416 N  N   . MET A 1 55  ? 8.853   3.057   1.826   1.00 9.31  ? 1161 MET A N   1 
ATOM   417 C  CA  . MET A 1 55  ? 8.147   1.939   1.214   1.00 8.63  ? 1161 MET A CA  1 
ATOM   418 C  C   . MET A 1 55  ? 8.961   1.326   0.055   1.00 8.35  ? 1161 MET A C   1 
ATOM   419 O  O   . MET A 1 55  ? 8.992   0.097   -0.103  1.00 8.92  ? 1161 MET A O   1 
ATOM   420 C  CB  . MET A 1 55  ? 6.705   2.254   0.784   1.00 8.37  ? 1161 MET A CB  1 
ATOM   421 C  CG  . MET A 1 55  ? 5.934   1.009   0.339   1.00 8.04  ? 1161 MET A CG  1 
ATOM   422 S  SD  . MET A 1 55  ? 5.812   -0.237  1.651   1.00 8.53  ? 1161 MET A SD  1 
ATOM   423 C  CE  . MET A 1 55  ? 4.347   0.312   2.502   1.00 8.90  ? 1161 MET A CE  1 
ATOM   424 N  N   . LEU A 1 56  ? 9.629   2.168   -0.728  1.00 9.13  ? 1162 LEU A N   1 
ATOM   425 C  CA  . LEU A 1 56  ? 10.524  1.654   -1.757  1.00 10.20 ? 1162 LEU A CA  1 
ATOM   426 C  C   . LEU A 1 56  ? 11.606  0.779   -1.101  1.00 10.66 ? 1162 LEU A C   1 
ATOM   427 O  O   . LEU A 1 56  ? 11.961  -0.323  -1.612  1.00 11.26 ? 1162 LEU A O   1 
ATOM   428 C  CB  . LEU A 1 56  ? 11.166  2.801   -2.556  1.00 12.28 ? 1162 LEU A CB  1 
ATOM   429 C  CG  . LEU A 1 56  ? 12.090  2.365   -3.706  1.00 14.55 ? 1162 LEU A CG  1 
ATOM   430 C  CD1 . LEU A 1 56  ? 11.328  1.546   -4.742  1.00 16.35 ? 1162 LEU A CD1 1 
ATOM   431 C  CD2 . LEU A 1 56  ? 12.703  3.614   -4.330  1.00 16.33 ? 1162 LEU A CD2 1 
ATOM   432 N  N   . GLN A 1 57  ? 12.135  1.230   0.041   1.00 10.99 ? 1163 GLN A N   1 
ATOM   433 C  CA  . GLN A 1 57  ? 13.147  0.453   0.783   1.00 11.31 ? 1163 GLN A CA  1 
ATOM   434 C  C   . GLN A 1 57  ? 12.586  -0.889  1.235   1.00 10.54 ? 1163 GLN A C   1 
ATOM   435 O  O   . GLN A 1 57  ? 13.230  -1.941  1.113   1.00 11.02 ? 1163 GLN A O   1 
ATOM   436 C  CB  . GLN A 1 57  ? 13.687  1.250   1.967   1.00 13.94 ? 1163 GLN A CB  1 
ATOM   437 C  CG  . GLN A 1 57  ? 14.837  0.581   2.710   1.00 16.58 ? 1163 GLN A CG  1 
ATOM   438 C  CD  . GLN A 1 57  ? 15.375  1.450   3.846   1.00 21.17 ? 1163 GLN A CD  1 
ATOM   439 O  OE1 . GLN A 1 57  ? 15.185  2.661   3.854   1.00 23.37 ? 1163 GLN A OE1 1 
ATOM   440 N  NE2 . GLN A 1 57  ? 16.055  0.821   4.815   1.00 27.11 ? 1163 GLN A NE2 1 
ATOM   441 N  N   . HIS A 1 58  ? 11.355  -0.889  1.733   1.00 9.70  ? 1164 HIS A N   1 
ATOM   442 C  CA  . HIS A 1 58  ? 10.696  -2.094  2.182   1.00 9.22  ? 1164 HIS A CA  1 
ATOM   443 C  C   . HIS A 1 58  ? 10.534  -3.045  0.995   1.00 9.28  ? 1164 HIS A C   1 
ATOM   444 O  O   . HIS A 1 58  ? 10.751  -4.245  1.118   1.00 9.35  ? 1164 HIS A O   1 
ATOM   445 C  CB  . HIS A 1 58  ? 9.348   -1.798  2.820   1.00 9.57  ? 1164 HIS A CB  1 
ATOM   446 C  CG  . HIS A 1 58  ? 8.536   -3.016  3.152   1.00 9.11  ? 1164 HIS A CG  1 
ATOM   447 N  ND1 . HIS A 1 58  ? 8.900   -3.905  4.148   1.00 10.83 ? 1164 HIS A ND1 1 
ATOM   448 C  CD2 . HIS A 1 58  ? 7.397   -3.525  2.610   1.00 9.42  ? 1164 HIS A CD2 1 
ATOM   449 C  CE1 . HIS A 1 58  ? 7.983   -4.861  4.240   1.00 9.56  ? 1164 HIS A CE1 1 
ATOM   450 N  NE2 . HIS A 1 58  ? 7.070   -4.680  3.297   1.00 10.58 ? 1164 HIS A NE2 1 
ATOM   451 N  N   . HIS A 1 59  ? 10.092  -2.536  -0.146  1.00 9.32  ? 1165 HIS A N   1 
ATOM   452 C  CA  . HIS A 1 59  ? 10.034  -3.375  -1.336  1.00 9.11  ? 1165 HIS A CA  1 
ATOM   453 C  C   . HIS A 1 59  ? 11.399  -4.051  -1.620  1.00 9.71  ? 1165 HIS A C   1 
ATOM   454 O  O   . HIS A 1 59  ? 11.468  -5.257  -1.914  1.00 10.40 ? 1165 HIS A O   1 
ATOM   455 C  CB  . HIS A 1 59  ? 9.586   -2.585  -2.575  1.00 9.74  ? 1165 HIS A CB  1 
ATOM   456 C  CG  . HIS A 1 59  ? 9.855   -3.304  -3.854  1.00 9.41  ? 1165 HIS A CG  1 
ATOM   457 N  ND1 . HIS A 1 59  ? 9.129   -4.412  -4.228  1.00 9.24  ? 1165 HIS A ND1 1 
ATOM   458 C  CD2 . HIS A 1 59  ? 10.810  -3.131  -4.800  1.00 9.45  ? 1165 HIS A CD2 1 
ATOM   459 C  CE1 . HIS A 1 59  ? 9.630   -4.895  -5.352  1.00 9.72  ? 1165 HIS A CE1 1 
ATOM   460 N  NE2 . HIS A 1 59  ? 10.631  -4.131  -5.744  1.00 10.21 ? 1165 HIS A NE2 1 
ATOM   461 N  N   . GLY A 1 60  ? 12.447  -3.247  -1.553  1.00 10.41 ? 1166 GLY A N   1 
ATOM   462 C  CA  . GLY A 1 60  ? 13.774  -3.756  -1.858  1.00 9.91  ? 1166 GLY A CA  1 
ATOM   463 C  C   . GLY A 1 60  ? 14.173  -4.830  -0.917  1.00 9.85  ? 1166 GLY A C   1 
ATOM   464 O  O   . GLY A 1 60  ? 14.830  -5.811  -1.352  1.00 10.27 ? 1166 GLY A O   1 
ATOM   465 N  N   . ASN A 1 61  ? 13.880  -4.695  0.371   1.00 10.90 ? 1167 ASN A N   1 
ATOM   466 C  CA  . ASN A 1 61  ? 14.390  -5.673  1.322   1.00 11.83 ? 1167 ASN A CA  1 
ATOM   467 C  C   . ASN A 1 61  ? 13.459  -6.825  1.637   1.00 11.67 ? 1167 ASN A C   1 
ATOM   468 O  O   . ASN A 1 61  ? 13.864  -7.795  2.295   1.00 12.39 ? 1167 ASN A O   1 
ATOM   469 C  CB  . ASN A 1 61  ? 14.929  -4.999  2.605   1.00 13.29 ? 1167 ASN A CB  1 
ATOM   470 C  CG  . ASN A 1 61  ? 13.859  -4.345  3.427   1.00 14.79 ? 1167 ASN A CG  1 
ATOM   471 O  OD1 . ASN A 1 61  ? 12.782  -4.919  3.613   1.00 16.55 ? 1167 ASN A OD1 1 
ATOM   472 N  ND2 . ASN A 1 61  ? 14.191  -3.177  4.039   1.00 16.68 ? 1167 ASN A ND2 1 
ATOM   473 N  N   . SER A 1 62  ? 12.226  -6.773  1.118   1.00 9.88  ? 1168 SER A N   1 
ATOM   474 C  CA  . SER A 1 62  ? 11.235  -7.827  1.318   1.00 9.65  ? 1168 SER A CA  1 
ATOM   475 C  C   . SER A 1 62  ? 10.837  -8.526  0.033   1.00 9.32  ? 1168 SER A C   1 
ATOM   476 O  O   . SER A 1 62  ? 10.393  -9.675  0.073   1.00 10.67 ? 1168 SER A O   1 
ATOM   477 C  CB  . SER A 1 62  ? 9.967   -7.263  2.028   1.00 9.86  ? 1168 SER A CB  1 
ATOM   478 O  OG  . SER A 1 62  ? 9.211   -6.496  1.106   1.00 10.03 ? 1168 SER A OG  1 
ATOM   479 N  N   . GLY A 1 63  ? 10.928  -7.808  -1.075  1.00 9.57  ? 1169 GLY A N   1 
ATOM   480 C  CA  . GLY A 1 63  ? 10.339  -8.185  -2.341  1.00 9.59  ? 1169 GLY A CA  1 
ATOM   481 C  C   . GLY A 1 63  ? 8.847   -8.079  -2.451  1.00 9.99  ? 1169 GLY A C   1 
ATOM   482 O  O   . GLY A 1 63  ? 8.273   -8.482  -3.459  1.00 10.43 ? 1169 GLY A O   1 
ATOM   483 N  N   . HIS A 1 64  ? 8.181   -7.499  -1.464  1.00 9.10  ? 1170 HIS A N   1 
ATOM   484 C  CA  . HIS A 1 64  ? 6.746   -7.393  -1.540  1.00 8.68  ? 1170 HIS A CA  1 
ATOM   485 C  C   . HIS A 1 64  ? 6.340   -6.424  -2.640  1.00 8.10  ? 1170 HIS A C   1 
ATOM   486 O  O   . HIS A 1 64  ? 6.903   -5.343  -2.775  1.00 9.31  ? 1170 HIS A O   1 
ATOM   487 C  CB  . HIS A 1 64  ? 6.163   -6.961  -0.198  1.00 8.90  ? 1170 HIS A CB  1 
ATOM   488 C  CG  . HIS A 1 64  ? 6.347   -7.964  0.880   1.00 9.00  ? 1170 HIS A CG  1 
ATOM   489 N  ND1 . HIS A 1 64  ? 6.189   -7.682  2.228   1.00 8.85  ? 1170 HIS A ND1 1 
ATOM   490 C  CD2 . HIS A 1 64  ? 6.725   -9.269  0.807   1.00 9.20  ? 1170 HIS A CD2 1 
ATOM   491 C  CE1 . HIS A 1 64  ? 6.448   -8.773  2.928   1.00 9.59  ? 1170 HIS A CE1 1 
ATOM   492 N  NE2 . HIS A 1 64  ? 6.770   -9.748  2.098   1.00 9.76  ? 1170 HIS A NE2 1 
ATOM   493 N  N   . PRO A 1 65  ? 5.363   -6.853  -3.469  1.00 7.70  ? 1171 PRO A N   1 
ATOM   494 C  CA  . PRO A 1 65  ? 5.131   -6.148  -4.709  1.00 7.36  ? 1171 PRO A CA  1 
ATOM   495 C  C   . PRO A 1 65  ? 4.216   -4.916  -4.688  1.00 7.38  ? 1171 PRO A C   1 
ATOM   496 O  O   . PRO A 1 65  ? 4.494   -3.928  -5.374  1.00 7.08  ? 1171 PRO A O   1 
ATOM   497 C  CB  . PRO A 1 65  ? 4.474   -7.223  -5.600  1.00 7.35  ? 1171 PRO A CB  1 
ATOM   498 C  CG  . PRO A 1 65  ? 3.798   -8.139  -4.634  1.00 7.58  ? 1171 PRO A CG  1 
ATOM   499 C  CD  . PRO A 1 65  ? 4.734   -8.185  -3.474  1.00 7.75  ? 1171 PRO A CD  1 
ATOM   500 N  N   . LEU A 1 66  ? 3.093   -5.041  -3.996  1.00 7.36  ? 1172 LEU A N   1 
ATOM   501 C  CA  . LEU A 1 66  ? 1.953   -4.142  -4.128  1.00 7.36  ? 1172 LEU A CA  1 
ATOM   502 C  C   . LEU A 1 66  ? 1.660   -3.402  -2.872  1.00 7.38  ? 1172 LEU A C   1 
ATOM   503 O  O   . LEU A 1 66  ? 1.628   -4.011  -1.759  1.00 7.66  ? 1172 LEU A O   1 
ATOM   504 C  CB  . LEU A 1 66  ? 0.702   -4.939  -4.519  1.00 8.08  ? 1172 LEU A CB  1 
ATOM   505 C  CG  . LEU A 1 66  ? 0.622   -5.273  -6.006  1.00 8.62  ? 1172 LEU A CG  1 
ATOM   506 C  CD1 . LEU A 1 66  ? -0.043  -6.616  -6.261  1.00 9.24  ? 1172 LEU A CD1 1 
ATOM   507 C  CD2 . LEU A 1 66  ? -0.055  -4.136  -6.769  1.00 8.85  ? 1172 LEU A CD2 1 
ATOM   508 N  N   . VAL A 1 67  ? 1.484   -2.080  -3.002  1.00 7.04  ? 1173 VAL A N   1 
ATOM   509 C  CA  . VAL A 1 67  ? 1.299   -1.182  -1.880  1.00 7.57  ? 1173 VAL A CA  1 
ATOM   510 C  C   . VAL A 1 67  ? 0.126   -0.258  -2.162  1.00 7.80  ? 1173 VAL A C   1 
ATOM   511 O  O   . VAL A 1 67  ? -0.108  0.101   -3.313  1.00 8.41  ? 1173 VAL A O   1 
ATOM   512 C  CB  . VAL A 1 67  ? 2.617   -0.422  -1.552  1.00 7.86  ? 1173 VAL A CB  1 
ATOM   513 C  CG1 . VAL A 1 67  ? 3.714   -1.388  -1.146  1.00 7.80  ? 1173 VAL A CG1 1 
ATOM   514 C  CG2 . VAL A 1 67  ? 3.094   0.441   -2.730  1.00 8.22  ? 1173 VAL A CG2 1 
ATOM   515 N  N   . LEU A 1 68  ? -0.611  0.119   -1.123  1.00 7.58  ? 1174 LEU A N   1 
ATOM   516 C  CA  . LEU A 1 68  ? -1.807  0.934   -1.222  1.00 8.56  ? 1174 LEU A CA  1 
ATOM   517 C  C   . LEU A 1 68  ? -1.570  2.316   -0.582  1.00 8.17  ? 1174 LEU A C   1 
ATOM   518 O  O   . LEU A 1 68  ? -1.086  2.408   0.556   1.00 7.84  ? 1174 LEU A O   1 
ATOM   519 C  CB  . LEU A 1 68  ? -2.978  0.216   -0.536  1.00 9.65  ? 1174 LEU A CB  1 
ATOM   520 C  CG  . LEU A 1 68  ? -4.315  0.964   -0.424  1.00 10.95 ? 1174 LEU A CG  1 
ATOM   521 C  CD1 . LEU A 1 68  ? -4.972  1.075   -1.768  1.00 13.11 ? 1174 LEU A CD1 1 
ATOM   522 C  CD2 . LEU A 1 68  ? -5.276  0.292   0.532   1.00 13.10 ? 1174 LEU A CD2 1 
ATOM   523 N  N   . SER A 1 69  ? -1.877  3.372   -1.341  1.00 8.09  ? 1175 SER A N   1 
ATOM   524 C  CA  . SER A 1 69  ? -1.686  4.731   -0.884  1.00 8.26  ? 1175 SER A CA  1 
ATOM   525 C  C   . SER A 1 69  ? -2.749  5.155   0.074   1.00 9.40  ? 1175 SER A C   1 
ATOM   526 O  O   . SER A 1 69  ? -3.948  5.069   -0.227  1.00 9.15  ? 1175 SER A O   1 
ATOM   527 C  CB  . SER A 1 69  ? -1.742  5.653   -2.101  1.00 8.33  ? 1175 SER A CB  1 
ATOM   528 O  OG  . SER A 1 69  ? -1.700  7.006   -1.628  1.00 8.92  ? 1175 SER A OG  1 
ATOM   529 N  N   . TYR A 1 70  ? -2.334  5.699   1.227   1.00 9.49  ? 1176 TYR A N   1 
ATOM   530 C  CA  . TYR A 1 70  ? -3.294  6.307   2.142   1.00 9.68  ? 1176 TYR A CA  1 
ATOM   531 C  C   . TYR A 1 70  ? -3.673  7.732   1.754   1.00 10.85 ? 1176 TYR A C   1 
ATOM   532 O  O   . TYR A 1 70  ? -4.476  8.344   2.459   1.00 12.05 ? 1176 TYR A O   1 
ATOM   533 C  CB  . TYR A 1 70  ? -2.720  6.220   3.549   1.00 9.45  ? 1176 TYR A CB  1 
ATOM   534 C  CG  . TYR A 1 70  ? -2.831  4.842   4.221   1.00 9.50  ? 1176 TYR A CG  1 
ATOM   535 C  CD1 . TYR A 1 70  ? -3.730  3.869   3.782   1.00 10.49 ? 1176 TYR A CD1 1 
ATOM   536 C  CD2 . TYR A 1 70  ? -2.007  4.532   5.312   1.00 9.99  ? 1176 TYR A CD2 1 
ATOM   537 C  CE1 . TYR A 1 70  ? -3.865  2.671   4.455   1.00 9.56  ? 1176 TYR A CE1 1 
ATOM   538 C  CE2 . TYR A 1 70  ? -2.138  3.336   5.981   1.00 9.72  ? 1176 TYR A CE2 1 
ATOM   539 C  CZ  . TYR A 1 70  ? -3.076  2.409   5.548   1.00 10.08 ? 1176 TYR A CZ  1 
ATOM   540 O  OH  . TYR A 1 70  ? -3.253  1.221   6.196   1.00 10.98 ? 1176 TYR A OH  1 
ATOM   541 N  N   . ILE A 1 71  ? -3.171  8.254   0.635   1.00 10.35 ? 1177 ILE A N   1 
ATOM   542 C  CA  . ILE A 1 71  ? -3.637  9.532   0.074   1.00 11.79 ? 1177 ILE A CA  1 
ATOM   543 C  C   . ILE A 1 71  ? -4.865  9.285   -0.817  1.00 12.48 ? 1177 ILE A C   1 
ATOM   544 O  O   . ILE A 1 71  ? -5.937  9.853   -0.578  1.00 13.57 ? 1177 ILE A O   1 
ATOM   545 C  CB  . ILE A 1 71  ? -2.522  10.247  -0.686  1.00 13.41 ? 1177 ILE A CB  1 
ATOM   546 C  CG1 . ILE A 1 71  ? -1.400  10.589  0.285   1.00 16.26 ? 1177 ILE A CG1 1 
ATOM   547 C  CG2 . ILE A 1 71  ? -3.050  11.483  -1.441  1.00 12.62 ? 1177 ILE A CG2 1 
ATOM   548 C  CD1 . ILE A 1 71  ? -0.286  11.449  -0.236  1.00 17.98 ? 1177 ILE A CD1 1 
ATOM   549 N  N   . ASP A 1 72  ? -4.726  8.437   -1.825  1.00 11.46 ? 1178 ASP A N   1 
ATOM   550 C  CA  . ASP A 1 72  ? -5.765  8.311   -2.847  1.00 11.92 ? 1178 ASP A CA  1 
ATOM   551 C  C   . ASP A 1 72  ? -6.267  6.889   -3.084  1.00 11.74 ? 1178 ASP A C   1 
ATOM   552 O  O   . ASP A 1 72  ? -7.101  6.687   -3.968  1.00 12.62 ? 1178 ASP A O   1 
ATOM   553 C  CB  . ASP A 1 72  ? -5.313  8.956   -4.164  1.00 12.18 ? 1178 ASP A CB  1 
ATOM   554 C  CG  . ASP A 1 72  ? -4.235  8.171   -4.862  1.00 13.31 ? 1178 ASP A CG  1 
ATOM   555 O  OD1 . ASP A 1 72  ? -3.723  7.179   -4.324  1.00 12.61 ? 1178 ASP A OD1 1 
ATOM   556 O  OD2 . ASP A 1 72  ? -3.872  8.553   -5.999  1.00 19.35 ? 1178 ASP A OD2 1 
ATOM   557 N  N   . LEU A 1 73  ? -5.794  5.921   -2.296  1.00 10.72 ? 1179 LEU A N   1 
ATOM   558 C  CA  . LEU A 1 73  ? -6.283  4.527   -2.328  1.00 11.20 ? 1179 LEU A CA  1 
ATOM   559 C  C   . LEU A 1 73  ? -5.915  3.861   -3.655  1.00 11.36 ? 1179 LEU A C   1 
ATOM   560 O  O   . LEU A 1 73  ? -6.510  2.865   -4.005  1.00 12.61 ? 1179 LEU A O   1 
ATOM   561 C  CB  . LEU A 1 73  ? -7.803  4.422   -2.028  1.00 12.46 ? 1179 LEU A CB  1 
ATOM   562 C  CG  . LEU A 1 73  ? -8.252  5.180   -0.782  1.00 13.62 ? 1179 LEU A CG  1 
ATOM   563 C  CD1 . LEU A 1 73  ? -9.729  4.926   -0.519  1.00 15.70 ? 1179 LEU A CD1 1 
ATOM   564 C  CD2 . LEU A 1 73  ? -7.451  4.829   0.453   1.00 14.21 ? 1179 LEU A CD2 1 
ATOM   565 N  N   . SER A 1 74  ? -4.915  4.367   -4.356  1.00 10.64 ? 1180 SER A N   1 
ATOM   566 C  CA  . SER A 1 74  ? -4.365  3.687   -5.513  1.00 10.64 ? 1180 SER A CA  1 
ATOM   567 C  C   . SER A 1 74  ? -3.386  2.609   -5.038  1.00 9.76  ? 1180 SER A C   1 
ATOM   568 O  O   . SER A 1 74  ? -2.805  2.670   -3.937  1.00 10.86 ? 1180 SER A O   1 
ATOM   569 C  CB  . SER A 1 74  ? -3.649  4.636   -6.464  1.00 11.52 ? 1180 SER A CB  1 
ATOM   570 O  OG  . SER A 1 74  ? -2.561  5.274   -5.873  1.00 13.49 ? 1180 SER A OG  1 
ATOM   571 N  N   . ALA A 1 75  ? -3.202  1.598   -5.860  1.00 9.27  ? 1181 ALA A N   1 
ATOM   572 C  CA  . ALA A 1 75  ? -2.300  0.494   -5.580  1.00 9.03  ? 1181 ALA A CA  1 
ATOM   573 C  C   . ALA A 1 75  ? -1.207  0.464   -6.627  1.00 8.74  ? 1181 ALA A C   1 
ATOM   574 O  O   . ALA A 1 75  ? -1.486  0.445   -7.826  1.00 9.15  ? 1181 ALA A O   1 
ATOM   575 C  CB  . ALA A 1 75  ? -3.048  -0.823  -5.572  1.00 8.51  ? 1181 ALA A CB  1 
ATOM   576 N  N   . TRP A 1 76  ? 0.048   0.497   -6.182  1.00 7.52  ? 1182 TRP A N   1 
ATOM   577 C  CA  . TRP A 1 76  ? 1.243   0.496   -7.014  1.00 7.73  ? 1182 TRP A CA  1 
ATOM   578 C  C   . TRP A 1 76  ? 1.945   -0.822  -6.888  1.00 7.91  ? 1182 TRP A C   1 
ATOM   579 O  O   . TRP A 1 76  ? 2.143   -1.340  -5.771  1.00 7.68  ? 1182 TRP A O   1 
ATOM   580 C  CB  . TRP A 1 76  ? 2.218   1.610   -6.534  1.00 8.36  ? 1182 TRP A CB  1 
ATOM   581 C  CG  . TRP A 1 76  ? 3.486   1.739   -7.301  1.00 8.44  ? 1182 TRP A CG  1 
ATOM   582 C  CD1 . TRP A 1 76  ? 4.740   1.363   -6.895  1.00 8.92  ? 1182 TRP A CD1 1 
ATOM   583 C  CD2 . TRP A 1 76  ? 3.640   2.340   -8.594  1.00 8.88  ? 1182 TRP A CD2 1 
ATOM   584 N  NE1 . TRP A 1 76  ? 5.650   1.682   -7.859  1.00 9.25  ? 1182 TRP A NE1 1 
ATOM   585 C  CE2 . TRP A 1 76  ? 5.007   2.294   -8.910  1.00 8.79  ? 1182 TRP A CE2 1 
ATOM   586 C  CE3 . TRP A 1 76  ? 2.742   2.925   -9.508  1.00 8.84  ? 1182 TRP A CE3 1 
ATOM   587 C  CZ2 . TRP A 1 76  ? 5.526   2.821   -10.126 1.00 9.04  ? 1182 TRP A CZ2 1 
ATOM   588 C  CZ3 . TRP A 1 76  ? 3.259   3.448   -10.715 1.00 9.15  ? 1182 TRP A CZ3 1 
ATOM   589 C  CH2 . TRP A 1 76  ? 4.631   3.371   -11.003 1.00 9.28  ? 1182 TRP A CH2 1 
ATOM   590 N  N   . CYS A 1 77  ? 2.389   -1.349  -8.016  1.00 7.47  ? 1183 CYS A N   1 
ATOM   591 C  CA  . CYS A 1 77  ? 3.262   -2.504  -8.072  1.00 7.81  ? 1183 CYS A CA  1 
ATOM   592 C  C   . CYS A 1 77  ? 4.665   -2.072  -8.411  1.00 7.77  ? 1183 CYS A C   1 
ATOM   593 O  O   . CYS A 1 77  ? 4.902   -1.498  -9.475  1.00 8.22  ? 1183 CYS A O   1 
ATOM   594 C  CB  . CYS A 1 77  ? 2.779   -3.540  -9.100  1.00 8.10  ? 1183 CYS A CB  1 
ATOM   595 S  SG  . CYS A 1 77  ? 3.882   -4.991  -9.139  1.00 7.40  ? 1183 CYS A SG  1 
ATOM   596 N  N   . TYR A 1 78  ? 5.597   -2.361  -7.542  1.00 7.94  ? 1184 TYR A N   1 
ATOM   597 C  CA  . TYR A 1 78  ? 6.995   -1.963  -7.768  1.00 8.66  ? 1184 TYR A CA  1 
ATOM   598 C  C   . TYR A 1 78  ? 7.696   -2.769  -8.851  1.00 9.53  ? 1184 TYR A C   1 
ATOM   599 O  O   . TYR A 1 78  ? 8.700   -2.300  -9.380  1.00 11.50 ? 1184 TYR A O   1 
ATOM   600 C  CB  . TYR A 1 78  ? 7.804   -2.091  -6.475  1.00 8.57  ? 1184 TYR A CB  1 
ATOM   601 C  CG  . TYR A 1 78  ? 7.488   -1.029  -5.425  1.00 8.21  ? 1184 TYR A CG  1 
ATOM   602 C  CD1 . TYR A 1 78  ? 7.962   0.274   -5.554  1.00 9.32  ? 1184 TYR A CD1 1 
ATOM   603 C  CD2 . TYR A 1 78  ? 6.730   -1.307  -4.292  1.00 8.62  ? 1184 TYR A CD2 1 
ATOM   604 C  CE1 . TYR A 1 78  ? 7.661   1.270   -4.600  1.00 8.84  ? 1184 TYR A CE1 1 
ATOM   605 C  CE2 . TYR A 1 78  ? 6.431   -0.321  -3.370  1.00 8.68  ? 1184 TYR A CE2 1 
ATOM   606 C  CZ  . TYR A 1 78  ? 6.904   0.942   -3.514  1.00 9.15  ? 1184 TYR A CZ  1 
ATOM   607 O  OH  . TYR A 1 78  ? 6.600   1.863   -2.574  1.00 10.14 ? 1184 TYR A OH  1 
ATOM   608 N  N   . TYR A 1 79  ? 7.222   -3.962  -9.155  1.00 8.74  ? 1185 TYR A N   1 
ATOM   609 C  CA  . TYR A 1 79  ? 7.830   -4.780  -10.189 1.00 8.76  ? 1185 TYR A CA  1 
ATOM   610 C  C   . TYR A 1 79  ? 7.358   -4.295  -11.537 1.00 9.00  ? 1185 TYR A C   1 
ATOM   611 O  O   . TYR A 1 79  ? 8.156   -4.081  -12.465 1.00 10.24 ? 1185 TYR A O   1 
ATOM   612 C  CB  . TYR A 1 79  ? 7.425   -6.236  -10.003 1.00 9.40  ? 1185 TYR A CB  1 
ATOM   613 C  CG  . TYR A 1 79  ? 8.059   -6.941  -8.839  1.00 9.84  ? 1185 TYR A CG  1 
ATOM   614 C  CD1 . TYR A 1 79  ? 9.330   -7.486  -8.937  1.00 11.24 ? 1185 TYR A CD1 1 
ATOM   615 C  CD2 . TYR A 1 79  ? 7.377   -7.114  -7.655  1.00 9.88  ? 1185 TYR A CD2 1 
ATOM   616 C  CE1 . TYR A 1 79  ? 9.895   -8.153  -7.847  1.00 10.78 ? 1185 TYR A CE1 1 
ATOM   617 C  CE2 . TYR A 1 79  ? 7.928   -7.793  -6.591  1.00 9.77  ? 1185 TYR A CE2 1 
ATOM   618 C  CZ  . TYR A 1 79  ? 9.186   -8.320  -6.706  1.00 10.45 ? 1185 TYR A CZ  1 
ATOM   619 O  OH  . TYR A 1 79  ? 9.695   -9.002  -5.634  1.00 10.54 ? 1185 TYR A OH  1 
ATOM   620 N  N   . CYS A 1 80  ? 6.016   -4.155  -11.673 1.00 9.09  ? 1186 CYS A N   1 
ATOM   621 C  CA  . CYS A 1 80  ? 5.406   -3.728  -12.954 1.00 9.83  ? 1186 CYS A CA  1 
ATOM   622 C  C   . CYS A 1 80  ? 5.560   -2.238  -13.166 1.00 10.42 ? 1186 CYS A C   1 
ATOM   623 O  O   . CYS A 1 80  ? 5.373   -1.751  -14.297 1.00 11.82 ? 1186 CYS A O   1 
ATOM   624 C  CB  . CYS A 1 80  ? 3.932   -4.123  -12.939 1.00 9.27  ? 1186 CYS A CB  1 
ATOM   625 S  SG  . CYS A 1 80  ? 3.638   -5.917  -12.901 1.00 9.04  ? 1186 CYS A SG  1 
ATOM   626 N  N   . GLN A 1 81  ? 5.897   -1.501  -12.121 1.00 10.88 ? 1187 GLN A N   1 
ATOM   627 C  CA  . GLN A 1 81  ? 6.067   -0.033  -12.184 1.00 12.07 ? 1187 GLN A CA  1 
ATOM   628 C  C   . GLN A 1 81  ? 4.818   0.590   -12.784 1.00 11.84 ? 1187 GLN A C   1 
ATOM   629 O  O   . GLN A 1 81  ? 4.854   1.387   -13.745 1.00 13.34 ? 1187 GLN A O   1 
ATOM   630 C  CB  . GLN A 1 81  ? 7.348   0.345   -12.910 1.00 14.14 ? 1187 GLN A CB  1 
ATOM   631 C  CG  . GLN A 1 81  ? 8.545   -0.171  -12.150 1.00 17.13 ? 1187 GLN A CG  1 
ATOM   632 C  CD  . GLN A 1 81  ? 9.866   0.335   -12.724 1.00 24.33 ? 1187 GLN A CD  1 
ATOM   633 O  OE1 . GLN A 1 81  ? 10.433  -0.269  -13.637 1.00 28.06 ? 1187 GLN A OE1 1 
ATOM   634 N  NE2 . GLN A 1 81  ? 10.355  1.427   -12.180 1.00 30.87 ? 1187 GLN A NE2 1 
ATOM   635 N  N   . ALA A 1 82  ? 3.684   0.228   -12.183 1.00 11.03 ? 1188 ALA A N   1 
ATOM   636 C  CA  . ALA A 1 82  ? 2.375   0.690   -12.625 1.00 10.41 ? 1188 ALA A CA  1 
ATOM   637 C  C   . ALA A 1 82  ? 1.368   0.606   -11.525 1.00 9.69  ? 1188 ALA A C   1 
ATOM   638 O  O   . ALA A 1 82  ? 1.527   -0.211  -10.586 1.00 9.35  ? 1188 ALA A O   1 
ATOM   639 C  CB  . ALA A 1 82  ? 1.902   -0.137  -13.800 1.00 11.16 ? 1188 ALA A CB  1 
ATOM   640 N  N   . TYR A 1 83  ? 0.309   1.405   -11.649 1.00 10.01 ? 1189 TYR A N   1 
ATOM   641 C  CA  . TYR A 1 83  ? -0.844  1.255   -10.839 1.00 9.45  ? 1189 TYR A CA  1 
ATOM   642 C  C   . TYR A 1 83  ? -1.706  0.115   -11.364 1.00 9.50  ? 1189 TYR A C   1 
ATOM   643 O  O   . TYR A 1 83  ? -1.739  -0.133  -12.572 1.00 9.46  ? 1189 TYR A O   1 
ATOM   644 C  CB  . TYR A 1 83  ? -1.656  2.558   -10.790 1.00 9.95  ? 1189 TYR A CB  1 
ATOM   645 C  CG  . TYR A 1 83  ? -0.964  3.674   -10.059 1.00 10.87 ? 1189 TYR A CG  1 
ATOM   646 C  CD1 . TYR A 1 83  ? -0.932  3.657   -8.677  1.00 10.83 ? 1189 TYR A CD1 1 
ATOM   647 C  CD2 . TYR A 1 83  ? -0.325  4.722   -10.726 1.00 12.09 ? 1189 TYR A CD2 1 
ATOM   648 C  CE1 . TYR A 1 83  ? -0.290  4.675   -7.967  1.00 11.88 ? 1189 TYR A CE1 1 
ATOM   649 C  CE2 . TYR A 1 83  ? 0.327   5.719   -10.003 1.00 12.41 ? 1189 TYR A CE2 1 
ATOM   650 C  CZ  . TYR A 1 83  ? 0.328   5.662   -8.631  1.00 13.54 ? 1189 TYR A CZ  1 
ATOM   651 O  OH  . TYR A 1 83  ? 0.974   6.654   -7.891  1.00 15.64 ? 1189 TYR A OH  1 
ATOM   652 N  N   . VAL A 1 84  ? -2.352  -0.590  -10.444 1.00 9.21  ? 1190 VAL A N   1 
ATOM   653 C  CA  . VAL A 1 84  ? -3.134  -1.802  -10.709 1.00 9.43  ? 1190 VAL A CA  1 
ATOM   654 C  C   . VAL A 1 84  ? -4.456  -1.702  -9.994  1.00 10.53 ? 1190 VAL A C   1 
ATOM   655 O  O   . VAL A 1 84  ? -4.530  -1.273  -8.833  1.00 10.04 ? 1190 VAL A O   1 
ATOM   656 C  CB  . VAL A 1 84  ? -2.373  -3.077  -10.251 1.00 9.49  ? 1190 VAL A CB  1 
ATOM   657 C  CG1 . VAL A 1 84  ? -3.201  -4.307  -10.584 1.00 9.76  ? 1190 VAL A CG1 1 
ATOM   658 C  CG2 . VAL A 1 84  ? -0.968  -3.153  -10.823 1.00 9.81  ? 1190 VAL A CG2 1 
ATOM   659 N  N   . HIS A 1 85  ? -5.544  -2.042  -10.668 1.00 11.18 ? 1191 HIS A N   1 
ATOM   660 C  CA  . HIS A 1 85  ? -6.810  -2.200  -10.003 1.00 10.97 ? 1191 HIS A CA  1 
ATOM   661 C  C   . HIS A 1 85  ? -7.443  -3.482  -10.421 1.00 10.87 ? 1191 HIS A C   1 
ATOM   662 O  O   . HIS A 1 85  ? -7.465  -3.763  -11.606 1.00 12.16 ? 1191 HIS A O   1 
ATOM   663 C  CB  . HIS A 1 85  ? -7.781  -1.017  -10.233 1.00 11.63 ? 1191 HIS A CB  1 
ATOM   664 C  CG  . HIS A 1 85  ? -9.030  -1.195  -9.468  1.00 12.22 ? 1191 HIS A CG  1 
ATOM   665 N  ND1 . HIS A 1 85  ? -9.084  -1.029  -8.098  1.00 11.37 ? 1191 HIS A ND1 1 
ATOM   666 C  CD2 . HIS A 1 85  ? -10.233 -1.696  -9.830  1.00 12.55 ? 1191 HIS A CD2 1 
ATOM   667 C  CE1 . HIS A 1 85  ? -10.269 -1.414  -7.662  1.00 12.45 ? 1191 HIS A CE1 1 
ATOM   668 N  NE2 . HIS A 1 85  ? -10.988 -1.812  -8.704  1.00 14.72 ? 1191 HIS A NE2 1 
ATOM   669 N  N   . HIS A 1 86  ? -7.960  -4.243  -9.460  1.00 11.07 ? 1192 HIS A N   1 
ATOM   670 C  CA  . HIS A 1 86  ? -8.569  -5.551  -9.740  1.00 12.32 ? 1192 HIS A CA  1 
ATOM   671 C  C   . HIS A 1 86  ? -9.498  -5.888  -8.601  1.00 14.91 ? 1192 HIS A C   1 
ATOM   672 O  O   . HIS A 1 86  ? -9.344  -5.372  -7.501  1.00 13.82 ? 1192 HIS A O   1 
ATOM   673 C  CB  . HIS A 1 86  ? -7.421  -6.554  -9.889  1.00 11.88 ? 1192 HIS A CB  1 
ATOM   674 C  CG  . HIS A 1 86  ? -7.809  -7.959  -10.210 1.00 13.39 ? 1192 HIS A CG  1 
ATOM   675 N  ND1 . HIS A 1 86  ? -8.250  -8.847  -9.249  1.00 15.65 ? 1192 HIS A ND1 1 
ATOM   676 C  CD2 . HIS A 1 86  ? -7.787  -8.642  -11.378 1.00 15.04 ? 1192 HIS A CD2 1 
ATOM   677 C  CE1 . HIS A 1 86  ? -8.486  -10.022 -9.818  1.00 16.90 ? 1192 HIS A CE1 1 
ATOM   678 N  NE2 . HIS A 1 86  ? -8.230  -9.920  -11.108 1.00 16.38 ? 1192 HIS A NE2 1 
ATOM   679 N  N   . GLN A 1 87  ? -10.474 -6.773  -8.819  1.00 16.17 ? 1193 GLN A N   1 
ATOM   680 C  CA  . GLN A 1 87  ? -11.350 -7.214  -7.714  1.00 17.79 ? 1193 GLN A CA  1 
ATOM   681 C  C   . GLN A 1 87  ? -10.598 -7.727  -6.474  1.00 17.44 ? 1193 GLN A C   1 
ATOM   682 O  O   . GLN A 1 87  ? -11.093 -7.555  -5.356  1.00 20.27 ? 1193 GLN A O   1 
ATOM   683 C  CB  . GLN A 1 87  ? -12.295 -8.344  -8.207  1.00 20.11 ? 1193 GLN A CB  1 
ATOM   684 N  N   . ALA A 1 88  ? -9.398  -8.298  -6.601  1.00 16.03 ? 1194 ALA A N   1 
ATOM   685 C  CA  . ALA A 1 88  ? -8.618  -8.784  -5.456  1.00 16.13 ? 1194 ALA A CA  1 
ATOM   686 C  C   . ALA A 1 88  ? -8.229  -7.628  -4.513  1.00 15.86 ? 1194 ALA A C   1 
ATOM   687 O  O   . ALA A 1 88  ? -7.800  -7.875  -3.405  1.00 19.06 ? 1194 ALA A O   1 
ATOM   688 C  CB  . ALA A 1 88  ? -7.359  -9.481  -5.935  1.00 17.20 ? 1194 ALA A CB  1 
ATOM   689 N  N   . LEU A 1 89  ? -8.269  -6.395  -5.028  1.00 14.45 ? 1195 LEU A N   1 
ATOM   690 C  CA  . LEU A 1 89  ? -7.979  -5.203  -4.227  1.00 13.35 ? 1195 LEU A CA  1 
ATOM   691 C  C   . LEU A 1 89  ? -9.209  -4.474  -3.707  1.00 14.33 ? 1195 LEU A C   1 
ATOM   692 O  O   . LEU A 1 89  ? -9.071  -3.472  -3.001  1.00 13.36 ? 1195 LEU A O   1 
ATOM   693 C  CB  . LEU A 1 89  ? -7.146  -4.210  -5.066  1.00 12.76 ? 1195 LEU A CB  1 
ATOM   694 C  CG  . LEU A 1 89  ? -5.897  -4.764  -5.740  1.00 12.73 ? 1195 LEU A CG  1 
ATOM   695 C  CD1 . LEU A 1 89  ? -5.150  -3.750  -6.605  1.00 12.75 ? 1195 LEU A CD1 1 
ATOM   696 C  CD2 . LEU A 1 89  ? -4.953  -5.310  -4.704  1.00 15.01 ? 1195 LEU A CD2 1 
ATOM   697 N  N   . LEU A 1 90  ? -10.423 -4.868  -4.082  1.00 15.78 ? 1196 LEU A N   1 
ATOM   698 C  CA  . LEU A 1 90  ? -11.592 -4.105  -3.719  1.00 17.94 ? 1196 LEU A CA  1 
ATOM   699 C  C   . LEU A 1 90  ? -11.818 -4.092  -2.222  1.00 17.44 ? 1196 LEU A C   1 
ATOM   700 O  O   . LEU A 1 90  ? -12.146 -3.034  -1.690  1.00 15.08 ? 1196 LEU A O   1 
ATOM   701 C  CB  . LEU A 1 90  ? -12.851 -4.686  -4.373  1.00 21.32 ? 1196 LEU A CB  1 
ATOM   702 C  CG  . LEU A 1 90  ? -13.968 -3.649  -4.438  1.00 28.09 ? 1196 LEU A CG  1 
ATOM   703 C  CD1 . LEU A 1 90  ? -13.686 -2.705  -5.617  1.00 30.52 ? 1196 LEU A CD1 1 
ATOM   704 C  CD2 . LEU A 1 90  ? -15.329 -4.365  -4.530  1.00 30.92 ? 1196 LEU A CD2 1 
ATOM   705 N  N   . ASP A 1 91  ? -11.678 -5.238  -1.541  1.00 18.47 ? 1197 ASP A N   1 
ATOM   706 C  CA  . ASP A 1 91  ? -11.984 -5.241  -0.109  1.00 20.34 ? 1197 ASP A CA  1 
ATOM   707 C  C   . ASP A 1 91  ? -11.037 -4.317  0.656   1.00 16.60 ? 1197 ASP A C   1 
ATOM   708 O  O   . ASP A 1 91  ? -11.474 -3.526  1.487   1.00 16.73 ? 1197 ASP A O   1 
ATOM   709 C  CB  . ASP A 1 91  ? -11.971 -6.639  0.492   1.00 22.79 ? 1197 ASP A CB  1 
ATOM   710 C  CG  . ASP A 1 91  ? -13.170 -7.486  0.038   1.00 26.92 ? 1197 ASP A CG  1 
ATOM   711 O  OD1 . ASP A 1 91  ? -14.182 -6.951  -0.490  1.00 27.65 ? 1197 ASP A OD1 1 
ATOM   712 O  OD2 . ASP A 1 91  ? -13.081 -8.704  0.222   1.00 30.87 ? 1197 ASP A OD2 1 
ATOM   713 N  N   . VAL A 1 92  ? -9.738  -4.388  0.346   1.00 15.12 ? 1198 VAL A N   1 
ATOM   714 C  CA  . VAL A 1 92  ? -8.779  -3.580  1.076   1.00 14.06 ? 1198 VAL A CA  1 
ATOM   715 C  C   . VAL A 1 92  ? -8.985  -2.091  0.764   1.00 12.27 ? 1198 VAL A C   1 
ATOM   716 O  O   . VAL A 1 92  ? -8.888  -1.225  1.656   1.00 12.41 ? 1198 VAL A O   1 
ATOM   717 C  CB  . VAL A 1 92  ? -7.331  -4.046  0.866   1.00 14.84 ? 1198 VAL A CB  1 
ATOM   718 C  CG1 . VAL A 1 92  ? -6.805  -3.739  -0.540  1.00 14.54 ? 1198 VAL A CG1 1 
ATOM   719 C  CG2 . VAL A 1 92  ? -6.432  -3.452  1.880   1.00 15.99 ? 1198 VAL A CG2 1 
ATOM   720 N  N   . LYS A 1 93  ? -9.260  -1.753  -0.496  1.00 11.02 ? 1199 LYS A N   1 
ATOM   721 C  CA  . LYS A 1 93  ? -9.563  -0.374  -0.850  1.00 10.80 ? 1199 LYS A CA  1 
ATOM   722 C  C   . LYS A 1 93  ? -10.806 0.139   -0.101  1.00 11.35 ? 1199 LYS A C   1 
ATOM   723 O  O   . LYS A 1 93  ? -10.815 1.292   0.377   1.00 11.73 ? 1199 LYS A O   1 
ATOM   724 C  CB  . LYS A 1 93  ? -9.719  -0.170  -2.372  1.00 11.29 ? 1199 LYS A CB  1 
ATOM   725 C  CG  . LYS A 1 93  ? -8.368  -0.212  -3.089  1.00 10.79 ? 1199 LYS A CG  1 
ATOM   726 C  CD  . LYS A 1 93  ? -8.494  0.148   -4.538  1.00 10.90 ? 1199 LYS A CD  1 
ATOM   727 C  CE  . LYS A 1 93  ? -7.162  0.103   -5.247  1.00 10.89 ? 1199 LYS A CE  1 
ATOM   728 N  NZ  . LYS A 1 93  ? -7.285  0.654   -6.624  1.00 10.89 ? 1199 LYS A NZ  1 
ATOM   729 N  N   . ASN A 1 94  ? -11.859 -0.698  -0.063  1.00 11.78 ? 1200 ASN A N   1 
ATOM   730 C  CA  . ASN A 1 94  ? -13.081 -0.284  0.608   1.00 12.63 ? 1200 ASN A CA  1 
ATOM   731 C  C   . ASN A 1 94  ? -12.887 -0.107  2.108   1.00 12.62 ? 1200 ASN A C   1 
ATOM   732 O  O   . ASN A 1 94  ? -13.421 0.839   2.672   1.00 13.58 ? 1200 ASN A O   1 
ATOM   733 C  CB  . ASN A 1 94  ? -14.192 -1.309  0.356   1.00 14.40 ? 1200 ASN A CB  1 
ATOM   734 C  CG  . ASN A 1 94  ? -14.745 -1.257  -1.031  1.00 16.84 ? 1200 ASN A CG  1 
ATOM   735 O  OD1 . ASN A 1 94  ? -14.703 -0.248  -1.707  1.00 19.06 ? 1200 ASN A OD1 1 
ATOM   736 N  ND2 . ASN A 1 94  ? -15.342 -2.375  -1.437  1.00 21.36 ? 1200 ASN A ND2 1 
ATOM   737 N  N   . ILE A 1 95  ? -12.108 -0.962  2.731   1.00 12.61 ? 1201 ILE A N   1 
ATOM   738 C  CA  . ILE A 1 95  ? -11.818 -0.819  4.162   1.00 13.69 ? 1201 ILE A CA  1 
ATOM   739 C  C   . ILE A 1 95  ? -11.033 0.471   4.399   1.00 13.23 ? 1201 ILE A C   1 
ATOM   740 O  O   . ILE A 1 95  ? -11.313 1.255   5.318   1.00 13.41 ? 1201 ILE A O   1 
ATOM   741 C  CB  . ILE A 1 95  ? -11.128 -2.070  4.717   1.00 15.76 ? 1201 ILE A CB  1 
ATOM   742 C  CG1 . ILE A 1 95  ? -12.175 -3.177  4.842   1.00 18.28 ? 1201 ILE A CG1 1 
ATOM   743 C  CG2 . ILE A 1 95  ? -10.488 -1.825  6.063   1.00 17.10 ? 1201 ILE A CG2 1 
ATOM   744 C  CD1 . ILE A 1 95  ? -11.640 -4.545  5.047   1.00 21.86 ? 1201 ILE A CD1 1 
ATOM   745 N  N   . ALA A 1 96  ? -10.051 0.733   3.560   1.00 11.82 ? 1202 ALA A N   1 
ATOM   746 C  CA  . ALA A 1 96  ? -9.319  2.002   3.681   1.00 11.53 ? 1202 ALA A CA  1 
ATOM   747 C  C   . ALA A 1 96  ? -10.193 3.212   3.457   1.00 11.39 ? 1202 ALA A C   1 
ATOM   748 O  O   . ALA A 1 96  ? -10.099 4.189   4.164   1.00 13.03 ? 1202 ALA A O   1 
ATOM   749 C  CB  . ALA A 1 96  ? -8.145  2.002   2.696   1.00 10.74 ? 1202 ALA A CB  1 
ATOM   750 N  N   . HIS A 1 97  ? -11.066 3.160   2.454   1.00 11.72 ? 1203 HIS A N   1 
ATOM   751 C  CA  . HIS A 1 97  ? -11.997 4.275   2.160   1.00 13.14 ? 1203 HIS A CA  1 
ATOM   752 C  C   . HIS A 1 97  ? -12.919 4.544   3.357   1.00 13.55 ? 1203 HIS A C   1 
ATOM   753 O  O   . HIS A 1 97  ? -13.085 5.724   3.783   1.00 12.93 ? 1203 HIS A O   1 
ATOM   754 C  CB  . HIS A 1 97  ? -12.840 3.955   0.890   1.00 15.26 ? 1203 HIS A CB  1 
ATOM   755 C  CG  . HIS A 1 97  ? -13.585 5.124   0.337   1.00 17.66 ? 1203 HIS A CG  1 
ATOM   756 N  ND1 . HIS A 1 97  ? -14.774 5.584   0.874   1.00 21.20 ? 1203 HIS A ND1 1 
ATOM   757 C  CD2 . HIS A 1 97  ? -13.332 5.903   -0.747  1.00 20.44 ? 1203 HIS A CD2 1 
ATOM   758 C  CE1 . HIS A 1 97  ? -15.190 6.627   0.179   1.00 21.97 ? 1203 HIS A CE1 1 
ATOM   759 N  NE2 . HIS A 1 97  ? -14.332 6.850   -0.805  1.00 24.04 ? 1203 HIS A NE2 1 
ATOM   760 N  N   . GLN A 1 98  ? -13.440 3.476   3.963   1.00 13.63 ? 1204 GLN A N   1 
ATOM   761 C  CA  . GLN A 1 98  ? -14.340 3.656   5.144   1.00 14.91 ? 1204 GLN A CA  1 
ATOM   762 C  C   . GLN A 1 98  ? -13.542 4.297   6.310   1.00 15.21 ? 1204 GLN A C   1 
ATOM   763 O  O   . GLN A 1 98  ? -14.049 5.190   6.981   1.00 16.96 ? 1204 GLN A O   1 
ATOM   764 C  CB  . GLN A 1 98  ? -14.919 2.344   5.597   1.00 17.08 ? 1204 GLN A CB  1 
ATOM   765 C  CG  . GLN A 1 98  ? -15.931 1.743   4.631   1.00 19.62 ? 1204 GLN A CG  1 
ATOM   766 N  N   . ASN A 1 99  ? -12.296 3.837   6.540   1.00 13.59 ? 1205 ASN A N   1 
ATOM   767 C  CA  . ASN A 1 99  ? -11.478 4.401   7.631   1.00 13.58 ? 1205 ASN A CA  1 
ATOM   768 C  C   . ASN A 1 99  ? -11.072 5.852   7.376   1.00 14.20 ? 1205 ASN A C   1 
ATOM   769 O  O   . ASN A 1 99  ? -11.107 6.716   8.289   1.00 13.77 ? 1205 ASN A O   1 
ATOM   770 C  CB  . ASN A 1 99  ? -10.257 3.519   7.906   1.00 14.38 ? 1205 ASN A CB  1 
ATOM   771 C  CG  . ASN A 1 99  ? -9.446  4.010   9.098   1.00 15.82 ? 1205 ASN A CG  1 
ATOM   772 O  OD1 . ASN A 1 99  ? -8.359  4.582   8.951   1.00 17.40 ? 1205 ASN A OD1 1 
ATOM   773 N  ND2 . ASN A 1 99  ? -9.991  3.819   10.308  1.00 17.98 ? 1205 ASN A ND2 1 
ATOM   774 N  N   . LYS A 1 100 ? -10.759 6.166   6.130   1.00 12.49 ? 1206 LYS A N   1 
ATOM   775 C  CA  . LYS A 1 100 ? -10.343 7.507   5.756   1.00 13.39 ? 1206 LYS A CA  1 
ATOM   776 C  C   . LYS A 1 100 ? -11.458 8.527   5.799   1.00 14.31 ? 1206 LYS A C   1 
ATOM   777 O  O   . LYS A 1 100 ? -11.300 9.612   6.352   1.00 14.19 ? 1206 LYS A O   1 
ATOM   778 C  CB  . LYS A 1 100 ? -9.669  7.523   4.383   1.00 12.96 ? 1206 LYS A CB  1 
ATOM   779 C  CG  . LYS A 1 100 ? -9.062  8.855   3.979   1.00 12.34 ? 1206 LYS A CG  1 
ATOM   780 C  CD  . LYS A 1 100 ? -8.183  8.755   2.753   1.00 11.86 ? 1206 LYS A CD  1 
ATOM   781 C  CE  . LYS A 1 100 ? -7.539  10.063  2.351   1.00 11.99 ? 1206 LYS A CE  1 
ATOM   782 N  NZ  . LYS A 1 100 ? -6.311  10.333  3.130   1.00 12.56 ? 1206 LYS A NZ  1 
ATOM   783 N  N   . PHE A 1 101 ? -12.582 8.187   5.178   1.00 16.36 ? 1207 PHE A N   1 
ATOM   784 C  CA  . PHE A 1 101 ? -13.650 9.164   4.908   1.00 18.76 ? 1207 PHE A CA  1 
ATOM   785 C  C   . PHE A 1 101 ? -14.863 9.032   5.809   1.00 23.57 ? 1207 PHE A C   1 
ATOM   786 O  O   . PHE A 1 101 ? -15.705 9.958   5.833   1.00 25.30 ? 1207 PHE A O   1 
ATOM   787 C  CB  . PHE A 1 101 ? -14.061 9.086   3.424   1.00 18.42 ? 1207 PHE A CB  1 
ATOM   788 C  CG  . PHE A 1 101 ? -12.959 9.474   2.477   1.00 17.35 ? 1207 PHE A CG  1 
ATOM   789 C  CD1 . PHE A 1 101 ? -12.497 10.794  2.417   1.00 18.05 ? 1207 PHE A CD1 1 
ATOM   790 C  CD2 . PHE A 1 101 ? -12.342 8.520   1.651   1.00 18.46 ? 1207 PHE A CD2 1 
ATOM   791 C  CE1 . PHE A 1 101 ? -11.473 11.142  1.552   1.00 17.95 ? 1207 PHE A CE1 1 
ATOM   792 C  CE2 . PHE A 1 101 ? -11.322 8.879   0.773   1.00 19.01 ? 1207 PHE A CE2 1 
ATOM   793 C  CZ  . PHE A 1 101 ? -10.880 10.184  0.718   1.00 18.23 ? 1207 PHE A CZ  1 
ATOM   794 N  N   . GLY A 1 102 ? -14.948 7.956   6.589   1.00 23.77 ? 1208 GLY A N   1 
ATOM   795 C  CA  . GLY A 1 102 ? -16.120 7.659   7.382   1.00 29.19 ? 1208 GLY A CA  1 
ATOM   796 C  C   . GLY A 1 102 ? -17.123 7.003   6.446   1.00 30.99 ? 1208 GLY A C   1 
ATOM   797 O  O   . GLY A 1 102 ? -18.333 7.142   6.668   1.00 42.45 ? 1208 GLY A O   1 
HETATM 798 ZN ZN  . ZN  B 2 .   ? 5.500   -5.937  3.058   1.00 10.64 ? 1301 ZN  A ZN  1 
HETATM 799 ZN ZN  . ZN  C 2 .   ? 9.542   7.050   6.344   1.00 11.37 ? 1302 ZN  A ZN  1 
HETATM 800 ZN ZN  . ZN  D 2 .   ? 2.970   -6.426  -10.719 1.00 9.26  ? 1303 ZN  A ZN  1 
HETATM 801 X  UNK . UNX E 3 .   ? -4.125  -13.388 -10.047 1.00 21.96 ? 1304 UNX A UNK 1 
HETATM 802 X  UNK . UNX F 3 .   ? 11.188  -2.757  5.584   1.00 22.44 ? 1305 UNX A UNK 1 
HETATM 803 X  UNK . UNX G 3 .   ? 0.528   9.405   -5.214  1.00 17.98 ? 1306 UNX A UNK 1 
HETATM 804 X  UNK . UNX H 3 .   ? 9.105   3.287   -11.159 1.00 27.42 ? 1307 UNX A UNK 1 
HETATM 805 C  C1  . EYV I 4 .   ? 5.335   4.350   -4.514  1.00 17.26 ? 1308 EYV A C1  1 
HETATM 806 C  C2  . EYV I 4 .   ? 5.347   4.858   -5.929  1.00 18.71 ? 1308 EYV A C2  1 
HETATM 807 C  C3  . EYV I 4 .   ? 6.157   5.512   -7.874  1.00 22.81 ? 1308 EYV A C3  1 
HETATM 808 C  C4  . EYV I 4 .   ? 7.112   5.858   -8.835  1.00 24.49 ? 1308 EYV A C4  1 
HETATM 809 C  C5  . EYV I 4 .   ? 6.705   6.505   -9.997  1.00 23.96 ? 1308 EYV A C5  1 
HETATM 810 C  C6  . EYV I 4 .   ? 5.364   6.772   -10.224 1.00 24.09 ? 1308 EYV A C6  1 
HETATM 811 C  C7  . EYV I 4 .   ? 4.404   6.437   -9.278  1.00 23.24 ? 1308 EYV A C7  1 
HETATM 812 C  C8  . EYV I 4 .   ? 4.809   5.811   -8.106  1.00 20.11 ? 1308 EYV A C8  1 
HETATM 813 O  O1  . EYV I 4 .   ? 6.167   6.352   -3.465  1.00 14.65 ? 1308 EYV A O1  1 
HETATM 814 C  C   . EYV I 4 .   ? 6.252   5.132   -3.598  1.00 14.82 ? 1308 EYV A C   1 
HETATM 815 O  O   . EYV I 4 .   ? 7.129   4.407   -2.967  1.00 12.77 ? 1308 EYV A O   1 
HETATM 816 S  S   . EYV I 4 .   ? 3.874   5.398   -6.705  1.00 19.12 ? 1308 EYV A S   1 
HETATM 817 N  N   . EYV I 4 .   ? 6.431   4.959   -6.627  1.00 20.95 ? 1308 EYV A N   1 
HETATM 818 O  O   . HOH J 5 .   ? -9.920  -1.897  14.230  1.00 23.23 ? 1401 HOH A O   1 
HETATM 819 O  O   . HOH J 5 .   ? 14.445  6.839   9.386   1.00 35.68 ? 1402 HOH A O   1 
HETATM 820 O  O   . HOH J 5 .   ? 2.600   15.956  2.292   1.00 21.06 ? 1403 HOH A O   1 
HETATM 821 O  O   . HOH J 5 .   ? -3.596  -3.482  10.186  1.00 29.05 ? 1404 HOH A O   1 
HETATM 822 O  O   . HOH J 5 .   ? -9.531  -6.022  -13.177 1.00 18.63 ? 1405 HOH A O   1 
HETATM 823 O  O   . HOH J 5 .   ? -7.867  11.271  -1.647  1.00 29.89 ? 1406 HOH A O   1 
HETATM 824 O  O   . HOH J 5 .   ? 10.011  -4.778  7.655   1.00 45.85 ? 1407 HOH A O   1 
HETATM 825 O  O   . HOH J 5 .   ? 0.476   9.720   11.062  1.00 24.76 ? 1408 HOH A O   1 
HETATM 826 O  O   . HOH J 5 .   ? -12.281 -7.613  13.457  1.00 22.18 ? 1409 HOH A O   1 
HETATM 827 O  O   . HOH J 5 .   ? 0.887   14.675  1.100   1.00 25.24 ? 1410 HOH A O   1 
HETATM 828 O  O   . HOH J 5 .   ? -2.536  7.295   -7.923  1.00 22.69 ? 1411 HOH A O   1 
HETATM 829 O  O   . HOH J 5 .   ? -7.668  -10.322 -2.358  1.00 28.29 ? 1412 HOH A O   1 
HETATM 830 O  O   . HOH J 5 .   ? -0.688  7.594   7.248   1.00 13.06 ? 1413 HOH A O   1 
HETATM 831 O  O   . HOH J 5 .   ? 0.493   7.706   -0.264  1.00 13.15 ? 1414 HOH A O   1 
HETATM 832 O  O   . HOH J 5 .   ? -2.733  0.540   8.731   1.00 11.21 ? 1415 HOH A O   1 
HETATM 833 O  O   . HOH J 5 .   ? -11.447 -7.878  -2.721  1.00 21.64 ? 1416 HOH A O   1 
HETATM 834 O  O   . HOH J 5 .   ? 8.981   4.271   -6.161  1.00 33.15 ? 1417 HOH A O   1 
HETATM 835 O  O   . HOH J 5 .   ? -15.572 -4.822  0.368   1.00 33.31 ? 1418 HOH A O   1 
HETATM 836 O  O   . HOH J 5 .   ? 11.050  15.100  1.308   1.00 24.00 ? 1419 HOH A O   1 
HETATM 837 O  O   . HOH J 5 .   ? -7.438  5.775   -6.493  1.00 24.00 ? 1420 HOH A O   1 
HETATM 838 O  O   . HOH J 5 .   ? 3.460   3.394   -14.906 1.00 31.25 ? 1421 HOH A O   1 
HETATM 839 O  O   . HOH J 5 .   ? -2.637  -15.971 -3.982  1.00 31.02 ? 1422 HOH A O   1 
HETATM 840 O  O   . HOH J 5 .   ? 1.683   8.982   -9.100  1.00 27.53 ? 1423 HOH A O   1 
HETATM 841 O  O   . HOH J 5 .   ? -4.000  -12.652 -3.546  1.00 20.74 ? 1424 HOH A O   1 
HETATM 842 O  O   . HOH J 5 .   ? 4.972   -2.882  -16.737 1.00 27.63 ? 1425 HOH A O   1 
HETATM 843 O  O   . HOH J 5 .   ? 10.398  -10.995 2.457   1.00 27.42 ? 1426 HOH A O   1 
HETATM 844 O  O   . HOH J 5 .   ? 3.865   2.076   11.152  1.00 13.39 ? 1427 HOH A O   1 
HETATM 845 O  O   . HOH J 5 .   ? -4.968  1.323   -8.124  1.00 10.20 ? 1428 HOH A O   1 
HETATM 846 O  O   . HOH J 5 .   ? 3.769   -7.559  9.275   1.00 18.94 ? 1429 HOH A O   1 
HETATM 847 O  O   . HOH J 5 .   ? 12.387  12.333  -1.653  1.00 25.31 ? 1430 HOH A O   1 
HETATM 848 O  O   . HOH J 5 .   ? 8.823   4.909   -0.878  1.00 9.49  ? 1431 HOH A O   1 
HETATM 849 O  O   . HOH J 5 .   ? -12.775 11.132  8.089   1.00 17.04 ? 1432 HOH A O   1 
HETATM 850 O  O   . HOH J 5 .   ? -5.872  9.107   13.956  1.00 18.16 ? 1433 HOH A O   1 
HETATM 851 O  O   . HOH J 5 .   ? -5.356  -12.725 0.036   1.00 20.20 ? 1434 HOH A O   1 
HETATM 852 O  O   . HOH J 5 .   ? 4.267   11.032  13.777  1.00 17.54 ? 1435 HOH A O   1 
HETATM 853 O  O   . HOH J 5 .   ? -9.063  8.104   9.485   1.00 15.42 ? 1436 HOH A O   1 
HETATM 854 O  O   . HOH J 5 .   ? 7.774   -12.310 2.067   1.00 23.77 ? 1437 HOH A O   1 
HETATM 855 O  O   . HOH J 5 .   ? 14.171  4.527   -0.791  1.00 23.69 ? 1438 HOH A O   1 
HETATM 856 O  O   . HOH J 5 .   ? 2.120   -6.759  -1.907  1.00 11.34 ? 1439 HOH A O   1 
HETATM 857 O  O   . HOH J 5 .   ? 16.244  6.038   5.942   1.00 34.26 ? 1440 HOH A O   1 
HETATM 858 O  O   . HOH J 5 .   ? -1.433  10.719  8.367   1.00 13.20 ? 1441 HOH A O   1 
HETATM 859 O  O   . HOH J 5 .   ? 13.972  -0.621  -3.497  1.00 26.52 ? 1442 HOH A O   1 
HETATM 860 O  O   . HOH J 5 .   ? 12.958  9.002   -1.323  1.00 31.92 ? 1443 HOH A O   1 
HETATM 861 O  O   . HOH J 5 .   ? 2.362   8.905   -2.039  1.00 20.43 ? 1444 HOH A O   1 
HETATM 862 O  O   . HOH J 5 .   ? 16.725  -1.803  4.184   1.00 22.64 ? 1445 HOH A O   1 
HETATM 863 O  O   . HOH J 5 .   ? -8.106  3.265   -7.171  1.00 15.59 ? 1446 HOH A O   1 
HETATM 864 O  O   . HOH J 5 .   ? -3.597  9.910   6.750   1.00 12.40 ? 1447 HOH A O   1 
HETATM 865 O  O   . HOH J 5 .   ? -7.689  6.494   11.137  1.00 29.36 ? 1448 HOH A O   1 
HETATM 866 O  O   . HOH J 5 .   ? 1.196   -2.198  10.572  1.00 20.38 ? 1449 HOH A O   1 
HETATM 867 O  O   . HOH J 5 .   ? 10.237  -0.099  -8.596  1.00 24.39 ? 1450 HOH A O   1 
HETATM 868 O  O   . HOH J 5 .   ? 1.336   -15.964 -3.469  1.00 21.71 ? 1451 HOH A O   1 
HETATM 869 O  O   . HOH J 5 .   ? -6.251  10.373  5.935   1.00 11.83 ? 1452 HOH A O   1 
HETATM 870 O  O   . HOH J 5 .   ? -6.957  -11.128 10.994  1.00 25.13 ? 1453 HOH A O   1 
HETATM 871 O  O   . HOH J 5 .   ? 5.644   10.190  -1.941  1.00 13.08 ? 1454 HOH A O   1 
HETATM 872 O  O   . HOH J 5 .   ? -8.090  1.470   12.251  1.00 28.23 ? 1455 HOH A O   1 
HETATM 873 O  O   . HOH J 5 .   ? 12.421  10.498  11.781  1.00 27.49 ? 1456 HOH A O   1 
HETATM 874 O  O   . HOH J 5 .   ? -8.560  -6.791  -0.910  1.00 16.92 ? 1457 HOH A O   1 
HETATM 875 O  O   . HOH J 5 .   ? 9.014   -11.440 -1.663  1.00 19.75 ? 1458 HOH A O   1 
HETATM 876 O  O   . HOH J 5 .   ? -1.911  -2.080  8.555   1.00 15.56 ? 1459 HOH A O   1 
HETATM 877 O  O   . HOH J 5 .   ? -11.001 -7.560  -11.499 1.00 18.57 ? 1460 HOH A O   1 
HETATM 878 O  O   . HOH J 5 .   ? -5.087  12.625  1.934   1.00 21.40 ? 1461 HOH A O   1 
HETATM 879 O  O   . HOH J 5 .   ? 0.334   13.130  3.188   1.00 25.65 ? 1462 HOH A O   1 
HETATM 880 O  O   . HOH J 5 .   ? 8.346   -10.804 -10.133 1.00 26.94 ? 1463 HOH A O   1 
HETATM 881 O  O   . HOH J 5 .   ? -12.457 0.551   7.862   1.00 20.08 ? 1464 HOH A O   1 
HETATM 882 O  O   . HOH J 5 .   ? 14.047  -8.001  5.162   1.00 31.77 ? 1465 HOH A O   1 
HETATM 883 O  O   . HOH J 5 .   ? 4.202   -12.915 -8.500  1.00 14.23 ? 1466 HOH A O   1 
HETATM 884 O  O   . HOH J 5 .   ? -8.276  -11.663 8.761   1.00 28.14 ? 1467 HOH A O   1 
HETATM 885 O  O   . HOH J 5 .   ? 8.581   -3.305  -15.226 1.00 32.32 ? 1468 HOH A O   1 
HETATM 886 O  O   . HOH J 5 .   ? 0.892   -6.042  10.030  1.00 25.55 ? 1469 HOH A O   1 
HETATM 887 O  O   . HOH J 5 .   ? 4.527   -0.414  10.012  1.00 13.84 ? 1470 HOH A O   1 
HETATM 888 O  O   . HOH J 5 .   ? -6.861  -8.426  0.870   1.00 26.27 ? 1471 HOH A O   1 
HETATM 889 O  O   . HOH J 5 .   ? -1.535  -12.359 -10.100 1.00 13.68 ? 1472 HOH A O   1 
HETATM 890 O  O   . HOH J 5 .   ? 0.193   -14.417 -11.134 1.00 24.69 ? 1473 HOH A O   1 
HETATM 891 O  O   . HOH J 5 .   ? 7.249   -1.163  10.654  1.00 20.99 ? 1474 HOH A O   1 
HETATM 892 O  O   . HOH J 5 .   ? -0.017  9.438   5.042   1.00 13.04 ? 1475 HOH A O   1 
HETATM 893 O  O   . HOH J 5 .   ? -15.859 1.766   1.248   1.00 28.17 ? 1476 HOH A O   1 
HETATM 894 O  O   . HOH J 5 .   ? -10.399 -0.798  9.344   1.00 24.13 ? 1477 HOH A O   1 
HETATM 895 O  O   . HOH J 5 .   ? -10.787 -5.747  8.390   1.00 30.47 ? 1478 HOH A O   1 
HETATM 896 O  O   . HOH J 5 .   ? 12.044  14.292  3.684   1.00 27.91 ? 1479 HOH A O   1 
HETATM 897 O  O   . HOH J 5 .   ? -12.741 2.491   10.145  1.00 28.90 ? 1480 HOH A O   1 
HETATM 898 O  O   . HOH J 5 .   ? 8.615   2.332   -8.325  1.00 17.81 ? 1481 HOH A O   1 
HETATM 899 O  O   . HOH J 5 .   ? -2.404  6.779   13.932  1.00 25.13 ? 1482 HOH A O   1 
HETATM 900 O  O   . HOH J 5 .   ? -2.773  10.247  4.191   1.00 20.35 ? 1483 HOH A O   1 
HETATM 901 O  O   . HOH J 5 .   ? 4.692   16.250  9.038   1.00 23.40 ? 1484 HOH A O   1 
HETATM 902 O  O   . HOH J 5 .   ? 5.319   13.952  10.440  1.00 16.43 ? 1485 HOH A O   1 
HETATM 903 O  O   . HOH J 5 .   ? -9.343  -10.265 3.397   1.00 33.68 ? 1486 HOH A O   1 
HETATM 904 O  O   . HOH J 5 .   ? 8.883   -7.294  -13.224 1.00 24.55 ? 1487 HOH A O   1 
HETATM 905 O  O   . HOH J 5 .   ? 14.466  9.150   7.587   1.00 27.10 ? 1488 HOH A O   1 
HETATM 906 O  O   . HOH J 5 .   ? 3.447   -2.252  11.699  1.00 25.80 ? 1489 HOH A O   1 
HETATM 907 O  O   . HOH J 5 .   ? 15.379  2.148   -1.756  1.00 35.48 ? 1490 HOH A O   1 
HETATM 908 O  O   . HOH J 5 .   ? -11.751 -3.484  9.705   1.00 36.59 ? 1491 HOH A O   1 
HETATM 909 O  O   . HOH J 5 .   ? -17.054 7.533   -3.461  1.00 30.88 ? 1492 HOH A O   1 
HETATM 910 O  O   . HOH J 5 .   ? -7.994  7.732   13.697  1.00 26.92 ? 1493 HOH A O   1 
HETATM 911 O  O   . HOH J 5 .   ? 6.273   -7.285  -14.172 1.00 16.30 ? 1494 HOH A O   1 
HETATM 912 O  O   . HOH J 5 .   ? 9.928   -9.881  4.619   1.00 34.71 ? 1495 HOH A O   1 
HETATM 913 O  O   . HOH J 5 .   ? -0.312  1.607   -16.516 1.00 38.04 ? 1496 HOH A O   1 
HETATM 914 O  O   . HOH J 5 .   ? 4.621   2.633   13.654  1.00 26.83 ? 1497 HOH A O   1 
HETATM 915 O  O   . HOH J 5 .   ? -13.866 10.076  10.107  1.00 34.54 ? 1498 HOH A O   1 
HETATM 916 O  O   . HOH J 5 .   ? 15.069  -2.656  -4.914  1.00 25.84 ? 1499 HOH A O   1 
HETATM 917 O  O   . HOH J 5 .   ? 9.730   -9.598  -11.962 1.00 22.58 ? 1500 HOH A O   1 
HETATM 918 O  O   . HOH J 5 .   ? 11.248  17.765  0.542   1.00 14.49 ? 1501 HOH A O   1 
HETATM 919 O  O   . HOH J 5 .   ? -6.819  -12.387 -3.609  1.00 27.59 ? 1502 HOH A O   1 
HETATM 920 O  O   . HOH J 5 .   ? 2.750   -1.997  -18.074 1.00 27.30 ? 1503 HOH A O   1 
HETATM 921 O  O   . HOH J 5 .   ? 1.473   0.160   -17.527 1.00 38.29 ? 1504 HOH A O   1 
# 
loop_
_pdbx_poly_seq_scheme.asym_id 
_pdbx_poly_seq_scheme.entity_id 
_pdbx_poly_seq_scheme.seq_id 
_pdbx_poly_seq_scheme.mon_id 
_pdbx_poly_seq_scheme.ndb_seq_num 
_pdbx_poly_seq_scheme.pdb_seq_num 
_pdbx_poly_seq_scheme.auth_seq_num 
_pdbx_poly_seq_scheme.pdb_mon_id 
_pdbx_poly_seq_scheme.auth_mon_id 
_pdbx_poly_seq_scheme.pdb_strand_id 
_pdbx_poly_seq_scheme.pdb_ins_code 
_pdbx_poly_seq_scheme.hetero 
A 1 1   GLY 1   1107 ?    ?   ?   A . n 
A 1 2   SER 2   1108 1108 SER SER A . n 
A 1 3   PRO 3   1109 1109 PRO PRO A . n 
A 1 4   LEU 4   1110 1110 LEU LEU A . n 
A 1 5   PRO 5   1111 1111 PRO PRO A . n 
A 1 6   TRP 6   1112 1112 TRP TRP A . n 
A 1 7   CYS 7   1113 1113 CYS CYS A . n 
A 1 8   PRO 8   1114 1114 PRO PRO A . n 
A 1 9   HIS 9   1115 1115 HIS HIS A . n 
A 1 10  LEU 10  1116 1116 LEU LEU A . n 
A 1 11  VAL 11  1117 1117 VAL VAL A . n 
A 1 12  ALA 12  1118 1118 ALA ALA A . n 
A 1 13  VAL 13  1119 1119 VAL VAL A . n 
A 1 14  CYS 14  1120 1120 CYS CYS A . n 
A 1 15  PRO 15  1121 1121 PRO PRO A . n 
A 1 16  ILE 16  1122 1122 ILE ILE A . n 
A 1 17  PRO 17  1123 1123 PRO PRO A . n 
A 1 18  ALA 18  1124 1124 ALA ALA A . n 
A 1 19  ALA 19  1125 1125 ALA ALA A . n 
A 1 20  GLY 20  1126 1126 GLY GLY A . n 
A 1 21  LEU 21  1127 1127 LEU LEU A . n 
A 1 22  ASP 22  1128 1128 ASP ASP A . n 
A 1 23  VAL 23  1129 1129 VAL VAL A . n 
A 1 24  THR 24  1130 1130 THR THR A . n 
A 1 25  GLN 25  1131 1131 GLN GLN A . n 
A 1 26  PRO 26  1132 1132 PRO PRO A . n 
A 1 27  CYS 27  1133 1133 CYS CYS A . n 
A 1 28  GLY 28  1134 1134 GLY GLY A . n 
A 1 29  ASP 29  1135 1135 ASP ASP A . n 
A 1 30  CYS 30  1136 1136 CYS CYS A . n 
A 1 31  GLY 31  1137 1137 GLY GLY A . n 
A 1 32  THR 32  1138 1138 THR THR A . n 
A 1 33  ILE 33  1139 1139 ILE ILE A . n 
A 1 34  GLN 34  1140 1140 GLN GLN A . n 
A 1 35  GLU 35  1141 1141 GLU GLU A . n 
A 1 36  ASN 36  1142 1142 ASN ASN A . n 
A 1 37  TRP 37  1143 1143 TRP TRP A . n 
A 1 38  VAL 38  1144 1144 VAL VAL A . n 
A 1 39  CYS 39  1145 1145 CYS CYS A . n 
A 1 40  LEU 40  1146 1146 LEU LEU A . n 
A 1 41  SER 41  1147 1147 SER SER A . n 
A 1 42  CYS 42  1148 1148 CYS CYS A . n 
A 1 43  TYR 43  1149 1149 TYR TYR A . n 
A 1 44  GLN 44  1150 1150 GLN GLN A . n 
A 1 45  VAL 45  1151 1151 VAL VAL A . n 
A 1 46  TYR 46  1152 1152 TYR TYR A . n 
A 1 47  CYS 47  1153 1153 CYS CYS A . n 
A 1 48  GLY 48  1154 1154 GLY GLY A . n 
A 1 49  ARG 49  1155 1155 ARG ARG A . n 
A 1 50  TYR 50  1156 1156 TYR TYR A . n 
A 1 51  ILE 51  1157 1157 ILE ILE A . n 
A 1 52  ASN 52  1158 1158 ASN ASN A . n 
A 1 53  GLY 53  1159 1159 GLY GLY A . n 
A 1 54  HIS 54  1160 1160 HIS HIS A . n 
A 1 55  MET 55  1161 1161 MET MET A . n 
A 1 56  LEU 56  1162 1162 LEU LEU A . n 
A 1 57  GLN 57  1163 1163 GLN GLN A . n 
A 1 58  HIS 58  1164 1164 HIS HIS A . n 
A 1 59  HIS 59  1165 1165 HIS HIS A . n 
A 1 60  GLY 60  1166 1166 GLY GLY A . n 
A 1 61  ASN 61  1167 1167 ASN ASN A . n 
A 1 62  SER 62  1168 1168 SER SER A . n 
A 1 63  GLY 63  1169 1169 GLY GLY A . n 
A 1 64  HIS 64  1170 1170 HIS HIS A . n 
A 1 65  PRO 65  1171 1171 PRO PRO A . n 
A 1 66  LEU 66  1172 1172 LEU LEU A . n 
A 1 67  VAL 67  1173 1173 VAL VAL A . n 
A 1 68  LEU 68  1174 1174 LEU LEU A . n 
A 1 69  SER 69  1175 1175 SER SER A . n 
A 1 70  TYR 70  1176 1176 TYR TYR A . n 
A 1 71  ILE 71  1177 1177 ILE ILE A . n 
A 1 72  ASP 72  1178 1178 ASP ASP A . n 
A 1 73  LEU 73  1179 1179 LEU LEU A . n 
A 1 74  SER 74  1180 1180 SER SER A . n 
A 1 75  ALA 75  1181 1181 ALA ALA A . n 
A 1 76  TRP 76  1182 1182 TRP TRP A . n 
A 1 77  CYS 77  1183 1183 CYS CYS A . n 
A 1 78  TYR 78  1184 1184 TYR TYR A . n 
A 1 79  TYR 79  1185 1185 TYR TYR A . n 
A 1 80  CYS 80  1186 1186 CYS CYS A . n 
A 1 81  GLN 81  1187 1187 GLN GLN A . n 
A 1 82  ALA 82  1188 1188 ALA ALA A . n 
A 1 83  TYR 83  1189 1189 TYR TYR A . n 
A 1 84  VAL 84  1190 1190 VAL VAL A . n 
A 1 85  HIS 85  1191 1191 HIS HIS A . n 
A 1 86  HIS 86  1192 1192 HIS HIS A . n 
A 1 87  GLN 87  1193 1193 GLN GLN A . n 
A 1 88  ALA 88  1194 1194 ALA ALA A . n 
A 1 89  LEU 89  1195 1195 LEU LEU A . n 
A 1 90  LEU 90  1196 1196 LEU LEU A . n 
A 1 91  ASP 91  1197 1197 ASP ASP A . n 
A 1 92  VAL 92  1198 1198 VAL VAL A . n 
A 1 93  LYS 93  1199 1199 LYS LYS A . n 
A 1 94  ASN 94  1200 1200 ASN ASN A . n 
A 1 95  ILE 95  1201 1201 ILE ILE A . n 
A 1 96  ALA 96  1202 1202 ALA ALA A . n 
A 1 97  HIS 97  1203 1203 HIS HIS A . n 
A 1 98  GLN 98  1204 1204 GLN GLN A . n 
A 1 99  ASN 99  1205 1205 ASN ASN A . n 
A 1 100 LYS 100 1206 1206 LYS LYS A . n 
A 1 101 PHE 101 1207 1207 PHE PHE A . n 
A 1 102 GLY 102 1208 1208 GLY GLY A . n 
A 1 103 GLU 103 1209 ?    ?   ?   A . n 
A 1 104 ASP 104 1210 ?    ?   ?   A . n 
A 1 105 MET 105 1211 ?    ?   ?   A . n 
A 1 106 PRO 106 1212 ?    ?   ?   A . n 
A 1 107 HIS 107 1213 ?    ?   ?   A . n 
# 
_pdbx_SG_project.id                    1 
_pdbx_SG_project.project_name          ? 
_pdbx_SG_project.full_name_of_center   'Structural Genomics Consortium' 
_pdbx_SG_project.initial_of_center     SGC 
# 
loop_
_pdbx_nonpoly_scheme.asym_id 
_pdbx_nonpoly_scheme.entity_id 
_pdbx_nonpoly_scheme.mon_id 
_pdbx_nonpoly_scheme.ndb_seq_num 
_pdbx_nonpoly_scheme.pdb_seq_num 
_pdbx_nonpoly_scheme.auth_seq_num 
_pdbx_nonpoly_scheme.pdb_mon_id 
_pdbx_nonpoly_scheme.auth_mon_id 
_pdbx_nonpoly_scheme.pdb_strand_id 
_pdbx_nonpoly_scheme.pdb_ins_code 
B 2 ZN  1   1301 1301 ZN  ZN  A . 
C 2 ZN  1   1302 1302 ZN  ZN  A . 
D 2 ZN  1   1303 1303 ZN  ZN  A . 
E 3 UNX 1   1304 1313 UNX UNX A . 
F 3 UNX 1   1305 1    UNX UNX A . 
G 3 UNX 1   1306 2    UNX UNX A . 
H 3 UNX 1   1307 3    UNX UNX A . 
I 4 EYV 1   1308 1    EYV D98 A . 
J 5 HOH 1   1401 16   HOH HOH A . 
J 5 HOH 2   1402 58   HOH HOH A . 
J 5 HOH 3   1403 1403 HOH HOH A . 
J 5 HOH 4   1404 57   HOH HOH A . 
J 5 HOH 5   1405 1415 HOH HOH A . 
J 5 HOH 6   1406 50   HOH HOH A . 
J 5 HOH 7   1407 1449 HOH HOH A . 
J 5 HOH 8   1408 43   HOH HOH A . 
J 5 HOH 9   1409 23   HOH HOH A . 
J 5 HOH 10  1410 54   HOH HOH A . 
J 5 HOH 11  1411 13   HOH HOH A . 
J 5 HOH 12  1412 4    HOH HOH A . 
J 5 HOH 13  1413 1418 HOH HOH A . 
J 5 HOH 14  1414 1412 HOH HOH A . 
J 5 HOH 15  1415 1421 HOH HOH A . 
J 5 HOH 16  1416 1435 HOH HOH A . 
J 5 HOH 17  1417 40   HOH HOH A . 
J 5 HOH 18  1418 25   HOH HOH A . 
J 5 HOH 19  1419 21   HOH HOH A . 
J 5 HOH 20  1420 44   HOH HOH A . 
J 5 HOH 21  1421 53   HOH HOH A . 
J 5 HOH 22  1422 52   HOH HOH A . 
J 5 HOH 23  1423 8    HOH HOH A . 
J 5 HOH 24  1424 3    HOH HOH A . 
J 5 HOH 25  1425 1414 HOH HOH A . 
J 5 HOH 26  1426 1426 HOH HOH A . 
J 5 HOH 27  1427 1420 HOH HOH A . 
J 5 HOH 28  1428 17   HOH HOH A . 
J 5 HOH 29  1429 1419 HOH HOH A . 
J 5 HOH 30  1430 1430 HOH HOH A . 
J 5 HOH 31  1431 1409 HOH HOH A . 
J 5 HOH 32  1432 1407 HOH HOH A . 
J 5 HOH 33  1433 1413 HOH HOH A . 
J 5 HOH 34  1434 42   HOH HOH A . 
J 5 HOH 35  1435 1410 HOH HOH A . 
J 5 HOH 36  1436 1428 HOH HOH A . 
J 5 HOH 37  1437 1417 HOH HOH A . 
J 5 HOH 38  1438 1416 HOH HOH A . 
J 5 HOH 39  1439 1425 HOH HOH A . 
J 5 HOH 40  1440 59   HOH HOH A . 
J 5 HOH 41  1441 1444 HOH HOH A . 
J 5 HOH 42  1442 1427 HOH HOH A . 
J 5 HOH 43  1443 1423 HOH HOH A . 
J 5 HOH 44  1444 45   HOH HOH A . 
J 5 HOH 45  1445 1451 HOH HOH A . 
J 5 HOH 46  1446 24   HOH HOH A . 
J 5 HOH 47  1447 1439 HOH HOH A . 
J 5 HOH 48  1448 1411 HOH HOH A . 
J 5 HOH 49  1449 1446 HOH HOH A . 
J 5 HOH 50  1450 1431 HOH HOH A . 
J 5 HOH 51  1451 1402 HOH HOH A . 
J 5 HOH 52  1452 1443 HOH HOH A . 
J 5 HOH 53  1453 36   HOH HOH A . 
J 5 HOH 54  1454 41   HOH HOH A . 
J 5 HOH 55  1455 1448 HOH HOH A . 
J 5 HOH 56  1456 56   HOH HOH A . 
J 5 HOH 57  1457 1459 HOH HOH A . 
J 5 HOH 58  1458 1432 HOH HOH A . 
J 5 HOH 59  1459 1447 HOH HOH A . 
J 5 HOH 60  1460 15   HOH HOH A . 
J 5 HOH 61  1461 1406 HOH HOH A . 
J 5 HOH 62  1462 48   HOH HOH A . 
J 5 HOH 63  1463 1422 HOH HOH A . 
J 5 HOH 64  1464 1424 HOH HOH A . 
J 5 HOH 65  1465 51   HOH HOH A . 
J 5 HOH 66  1466 1440 HOH HOH A . 
J 5 HOH 67  1467 37   HOH HOH A . 
J 5 HOH 68  1468 1429 HOH HOH A . 
J 5 HOH 69  1469 20   HOH HOH A . 
J 5 HOH 70  1470 1460 HOH HOH A . 
J 5 HOH 71  1471 26   HOH HOH A . 
J 5 HOH 72  1472 1437 HOH HOH A . 
J 5 HOH 73  1473 1455 HOH HOH A . 
J 5 HOH 74  1474 1458 HOH HOH A . 
J 5 HOH 75  1475 2    HOH HOH A . 
J 5 HOH 76  1476 47   HOH HOH A . 
J 5 HOH 77  1477 1461 HOH HOH A . 
J 5 HOH 78  1478 1463 HOH HOH A . 
J 5 HOH 79  1479 22   HOH HOH A . 
J 5 HOH 80  1480 1465 HOH HOH A . 
J 5 HOH 81  1481 1470 HOH HOH A . 
J 5 HOH 82  1482 1441 HOH HOH A . 
J 5 HOH 83  1483 1    HOH HOH A . 
J 5 HOH 84  1484 1464 HOH HOH A . 
J 5 HOH 85  1485 1469 HOH HOH A . 
J 5 HOH 86  1486 1468 HOH HOH A . 
J 5 HOH 87  1487 1472 HOH HOH A . 
J 5 HOH 88  1488 46   HOH HOH A . 
J 5 HOH 89  1489 1473 HOH HOH A . 
J 5 HOH 90  1490 1474 HOH HOH A . 
J 5 HOH 91  1491 1475 HOH HOH A . 
J 5 HOH 92  1492 55   HOH HOH A . 
J 5 HOH 93  1493 1476 HOH HOH A . 
J 5 HOH 94  1494 1478 HOH HOH A . 
J 5 HOH 95  1495 14   HOH HOH A . 
J 5 HOH 96  1496 34   HOH HOH A . 
J 5 HOH 97  1497 1480 HOH HOH A . 
J 5 HOH 98  1498 1466 HOH HOH A . 
J 5 HOH 99  1499 49   HOH HOH A . 
J 5 HOH 100 1500 1481 HOH HOH A . 
J 5 HOH 101 1501 18   HOH HOH A . 
J 5 HOH 102 1502 12   HOH HOH A . 
J 5 HOH 103 1503 1482 HOH HOH A . 
J 5 HOH 104 1504 33   HOH HOH A . 
# 
_pdbx_struct_assembly.id                   1 
_pdbx_struct_assembly.details              author_and_software_defined_assembly 
_pdbx_struct_assembly.method_details       PISA 
_pdbx_struct_assembly.oligomeric_details   monomeric 
_pdbx_struct_assembly.oligomeric_count     1 
# 
_pdbx_struct_assembly_gen.assembly_id       1 
_pdbx_struct_assembly_gen.oper_expression   1 
_pdbx_struct_assembly_gen.asym_id_list      A,B,C,D,E,F,G,H,I,J 
# 
loop_
_pdbx_struct_assembly_prop.biol_id 
_pdbx_struct_assembly_prop.type 
_pdbx_struct_assembly_prop.value 
_pdbx_struct_assembly_prop.details 
1 'ABSA (A^2)' 0    ? 
1 MORE         0    ? 
1 'SSA (A^2)'  5620 ? 
# 
_pdbx_struct_oper_list.id                   1 
_pdbx_struct_oper_list.type                 'identity operation' 
_pdbx_struct_oper_list.name                 1_555 
_pdbx_struct_oper_list.symmetry_operation   x,y,z 
_pdbx_struct_oper_list.matrix[1][1]         1.0000000000 
_pdbx_struct_oper_list.matrix[1][2]         0.0000000000 
_pdbx_struct_oper_list.matrix[1][3]         0.0000000000 
_pdbx_struct_oper_list.vector[1]            0.0000000000 
_pdbx_struct_oper_list.matrix[2][1]         0.0000000000 
_pdbx_struct_oper_list.matrix[2][2]         1.0000000000 
_pdbx_struct_oper_list.matrix[2][3]         0.0000000000 
_pdbx_struct_oper_list.vector[2]            0.0000000000 
_pdbx_struct_oper_list.matrix[3][1]         0.0000000000 
_pdbx_struct_oper_list.matrix[3][2]         0.0000000000 
_pdbx_struct_oper_list.matrix[3][3]         1.0000000000 
_pdbx_struct_oper_list.vector[3]            0.0000000000 
# 
loop_
_pdbx_struct_conn_angle.id 
_pdbx_struct_conn_angle.ptnr1_label_atom_id 
_pdbx_struct_conn_angle.ptnr1_label_alt_id 
_pdbx_struct_conn_angle.ptnr1_label_asym_id 
_pdbx_struct_conn_angle.ptnr1_label_comp_id 
_pdbx_struct_conn_angle.ptnr1_label_seq_id 
_pdbx_struct_conn_angle.ptnr1_auth_atom_id 
_pdbx_struct_conn_angle.ptnr1_auth_asym_id 
_pdbx_struct_conn_angle.ptnr1_auth_comp_id 
_pdbx_struct_conn_angle.ptnr1_auth_seq_id 
_pdbx_struct_conn_angle.ptnr1_PDB_ins_code 
_pdbx_struct_conn_angle.ptnr1_symmetry 
_pdbx_struct_conn_angle.ptnr2_label_atom_id 
_pdbx_struct_conn_angle.ptnr2_label_alt_id 
_pdbx_struct_conn_angle.ptnr2_label_asym_id 
_pdbx_struct_conn_angle.ptnr2_label_comp_id 
_pdbx_struct_conn_angle.ptnr2_label_seq_id 
_pdbx_struct_conn_angle.ptnr2_auth_atom_id 
_pdbx_struct_conn_angle.ptnr2_auth_asym_id 
_pdbx_struct_conn_angle.ptnr2_auth_comp_id 
_pdbx_struct_conn_angle.ptnr2_auth_seq_id 
_pdbx_struct_conn_angle.ptnr2_PDB_ins_code 
_pdbx_struct_conn_angle.ptnr2_symmetry 
_pdbx_struct_conn_angle.ptnr3_label_atom_id 
_pdbx_struct_conn_angle.ptnr3_label_alt_id 
_pdbx_struct_conn_angle.ptnr3_label_asym_id 
_pdbx_struct_conn_angle.ptnr3_label_comp_id 
_pdbx_struct_conn_angle.ptnr3_label_seq_id 
_pdbx_struct_conn_angle.ptnr3_auth_atom_id 
_pdbx_struct_conn_angle.ptnr3_auth_asym_id 
_pdbx_struct_conn_angle.ptnr3_auth_comp_id 
_pdbx_struct_conn_angle.ptnr3_auth_seq_id 
_pdbx_struct_conn_angle.ptnr3_PDB_ins_code 
_pdbx_struct_conn_angle.ptnr3_symmetry 
_pdbx_struct_conn_angle.value 
_pdbx_struct_conn_angle.value_esd 
1  SG  ? A CYS 7  ? A CYS 1113 ? 1_555 ZN ? D ZN . ? A ZN 1303 ? 1_555 ND1 ? A HIS 9  ? A HIS 1115 ? 1_555 110.4 ? 
2  SG  ? A CYS 7  ? A CYS 1113 ? 1_555 ZN ? D ZN . ? A ZN 1303 ? 1_555 SG  ? A CYS 77 ? A CYS 1183 ? 1_555 116.1 ? 
3  ND1 ? A HIS 9  ? A HIS 1115 ? 1_555 ZN ? D ZN . ? A ZN 1303 ? 1_555 SG  ? A CYS 77 ? A CYS 1183 ? 1_555 96.8  ? 
4  SG  ? A CYS 7  ? A CYS 1113 ? 1_555 ZN ? D ZN . ? A ZN 1303 ? 1_555 SG  ? A CYS 80 ? A CYS 1186 ? 1_555 114.0 ? 
5  ND1 ? A HIS 9  ? A HIS 1115 ? 1_555 ZN ? D ZN . ? A ZN 1303 ? 1_555 SG  ? A CYS 80 ? A CYS 1186 ? 1_555 104.7 ? 
6  SG  ? A CYS 77 ? A CYS 1183 ? 1_555 ZN ? D ZN . ? A ZN 1303 ? 1_555 SG  ? A CYS 80 ? A CYS 1186 ? 1_555 112.8 ? 
7  SG  ? A CYS 27 ? A CYS 1133 ? 1_555 ZN ? C ZN . ? A ZN 1302 ? 1_555 SG  ? A CYS 30 ? A CYS 1136 ? 1_555 110.2 ? 
8  SG  ? A CYS 27 ? A CYS 1133 ? 1_555 ZN ? C ZN . ? A ZN 1302 ? 1_555 SG  ? A CYS 47 ? A CYS 1153 ? 1_555 113.5 ? 
9  SG  ? A CYS 30 ? A CYS 1136 ? 1_555 ZN ? C ZN . ? A ZN 1302 ? 1_555 SG  ? A CYS 47 ? A CYS 1153 ? 1_555 115.2 ? 
10 SG  ? A CYS 27 ? A CYS 1133 ? 1_555 ZN ? C ZN . ? A ZN 1302 ? 1_555 ND1 ? A HIS 54 ? A HIS 1160 ? 1_555 105.2 ? 
11 SG  ? A CYS 30 ? A CYS 1136 ? 1_555 ZN ? C ZN . ? A ZN 1302 ? 1_555 ND1 ? A HIS 54 ? A HIS 1160 ? 1_555 110.3 ? 
12 SG  ? A CYS 47 ? A CYS 1153 ? 1_555 ZN ? C ZN . ? A ZN 1302 ? 1_555 ND1 ? A HIS 54 ? A HIS 1160 ? 1_555 101.6 ? 
13 SG  ? A CYS 39 ? A CYS 1145 ? 1_555 ZN ? B ZN . ? A ZN 1301 ? 1_555 SG  ? A CYS 42 ? A CYS 1148 ? 1_555 116.4 ? 
14 SG  ? A CYS 39 ? A CYS 1145 ? 1_555 ZN ? B ZN . ? A ZN 1301 ? 1_555 NE2 ? A HIS 58 ? A HIS 1164 ? 1_555 113.5 ? 
15 SG  ? A CYS 42 ? A CYS 1148 ? 1_555 ZN ? B ZN . ? A ZN 1301 ? 1_555 NE2 ? A HIS 58 ? A HIS 1164 ? 1_555 100.0 ? 
16 SG  ? A CYS 39 ? A CYS 1145 ? 1_555 ZN ? B ZN . ? A ZN 1301 ? 1_555 ND1 ? A HIS 64 ? A HIS 1170 ? 1_555 107.9 ? 
17 SG  ? A CYS 42 ? A CYS 1148 ? 1_555 ZN ? B ZN . ? A ZN 1301 ? 1_555 ND1 ? A HIS 64 ? A HIS 1170 ? 1_555 110.3 ? 
18 NE2 ? A HIS 58 ? A HIS 1164 ? 1_555 ZN ? B ZN . ? A ZN 1301 ? 1_555 ND1 ? A HIS 64 ? A HIS 1170 ? 1_555 108.4 ? 
# 
loop_
_pdbx_audit_revision_history.ordinal 
_pdbx_audit_revision_history.data_content_type 
_pdbx_audit_revision_history.major_revision 
_pdbx_audit_revision_history.minor_revision 
_pdbx_audit_revision_history.revision_date 
1 'Structure model' 1 0 2018-02-28 
2 'Structure model' 1 1 2018-05-16 
3 'Structure model' 1 2 2018-05-30 
4 'Structure model' 1 3 2023-10-04 
# 
_pdbx_audit_revision_details.ordinal             1 
_pdbx_audit_revision_details.revision_ordinal    1 
_pdbx_audit_revision_details.data_content_type   'Structure model' 
_pdbx_audit_revision_details.provider            repository 
_pdbx_audit_revision_details.type                'Initial release' 
_pdbx_audit_revision_details.description         ? 
_pdbx_audit_revision_details.details             ? 
# 
loop_
_pdbx_audit_revision_group.ordinal 
_pdbx_audit_revision_group.revision_ordinal 
_pdbx_audit_revision_group.data_content_type 
_pdbx_audit_revision_group.group 
1 2 'Structure model' 'Data collection'        
2 2 'Structure model' 'Database references'    
3 3 'Structure model' 'Data collection'        
4 3 'Structure model' 'Database references'    
5 4 'Structure model' 'Data collection'        
6 4 'Structure model' 'Database references'    
7 4 'Structure model' 'Refinement description' 
# 
loop_
_pdbx_audit_revision_category.ordinal 
_pdbx_audit_revision_category.revision_ordinal 
_pdbx_audit_revision_category.data_content_type 
_pdbx_audit_revision_category.category 
1 2 'Structure model' citation                      
2 2 'Structure model' citation_author               
3 3 'Structure model' citation                      
4 4 'Structure model' chem_comp_atom                
5 4 'Structure model' chem_comp_bond                
6 4 'Structure model' database_2                    
7 4 'Structure model' pdbx_initial_refinement_model 
# 
loop_
_pdbx_audit_revision_item.ordinal 
_pdbx_audit_revision_item.revision_ordinal 
_pdbx_audit_revision_item.data_content_type 
_pdbx_audit_revision_item.item 
1  2 'Structure model' '_citation.country'                   
2  2 'Structure model' '_citation.journal_abbrev'            
3  2 'Structure model' '_citation.journal_id_ASTM'           
4  2 'Structure model' '_citation.journal_id_CSD'            
5  2 'Structure model' '_citation.journal_id_ISSN'           
6  2 'Structure model' '_citation.pdbx_database_id_DOI'      
7  2 'Structure model' '_citation.pdbx_database_id_PubMed'   
8  2 'Structure model' '_citation.title'                     
9  2 'Structure model' '_citation.year'                      
10 2 'Structure model' '_citation_author.name'               
11 3 'Structure model' '_citation.journal_volume'            
12 3 'Structure model' '_citation.page_first'                
13 3 'Structure model' '_citation.page_last'                 
14 4 'Structure model' '_database_2.pdbx_DOI'                
15 4 'Structure model' '_database_2.pdbx_database_accession' 
# 
loop_
_software.citation_id 
_software.classification 
_software.compiler_name 
_software.compiler_version 
_software.contact_author 
_software.contact_author_email 
_software.date 
_software.description 
_software.dependencies 
_software.hardware 
_software.language 
_software.location 
_software.mods 
_software.name 
_software.os 
_software.os_version 
_software.type 
_software.version 
_software.pdbx_ordinal 
? refinement        ? ? ? ? ? ? ? ? ? ? ? REFMAC      ? ? ? 5.8.0189 1 
? 'data scaling'    ? ? ? ? ? ? ? ? ? ? ? Aimless     ? ? ? 0.5.32   2 
? 'data extraction' ? ? ? ? ? ? ? ? ? ? ? PDB_EXTRACT ? ? ? 3.24     3 
? 'data reduction'  ? ? ? ? ? ? ? ? ? ? ? xia2        ? ? ? .        4 
# 
_pdbx_validate_torsion.id              1 
_pdbx_validate_torsion.PDB_model_num   1 
_pdbx_validate_torsion.auth_comp_id    ILE 
_pdbx_validate_torsion.auth_asym_id    A 
_pdbx_validate_torsion.auth_seq_id     1157 
_pdbx_validate_torsion.PDB_ins_code    ? 
_pdbx_validate_torsion.label_alt_id    ? 
_pdbx_validate_torsion.phi             -98.44 
_pdbx_validate_torsion.psi             -100.61 
# 
loop_
_pdbx_unobs_or_zero_occ_atoms.id 
_pdbx_unobs_or_zero_occ_atoms.PDB_model_num 
_pdbx_unobs_or_zero_occ_atoms.polymer_flag 
_pdbx_unobs_or_zero_occ_atoms.occupancy_flag 
_pdbx_unobs_or_zero_occ_atoms.auth_asym_id 
_pdbx_unobs_or_zero_occ_atoms.auth_comp_id 
_pdbx_unobs_or_zero_occ_atoms.auth_seq_id 
_pdbx_unobs_or_zero_occ_atoms.PDB_ins_code 
_pdbx_unobs_or_zero_occ_atoms.auth_atom_id 
_pdbx_unobs_or_zero_occ_atoms.label_alt_id 
_pdbx_unobs_or_zero_occ_atoms.label_asym_id 
_pdbx_unobs_or_zero_occ_atoms.label_comp_id 
_pdbx_unobs_or_zero_occ_atoms.label_seq_id 
_pdbx_unobs_or_zero_occ_atoms.label_atom_id 
1 1 Y 1 A GLN 1193 ? CG  ? A GLN 87 CG  
2 1 Y 1 A GLN 1193 ? CD  ? A GLN 87 CD  
3 1 Y 1 A GLN 1193 ? OE1 ? A GLN 87 OE1 
4 1 Y 1 A GLN 1193 ? NE2 ? A GLN 87 NE2 
5 1 Y 1 A GLN 1204 ? CD  ? A GLN 98 CD  
6 1 Y 1 A GLN 1204 ? OE1 ? A GLN 98 OE1 
7 1 Y 1 A GLN 1204 ? NE2 ? A GLN 98 NE2 
# 
loop_
_pdbx_unobs_or_zero_occ_residues.id 
_pdbx_unobs_or_zero_occ_residues.PDB_model_num 
_pdbx_unobs_or_zero_occ_residues.polymer_flag 
_pdbx_unobs_or_zero_occ_residues.occupancy_flag 
_pdbx_unobs_or_zero_occ_residues.auth_asym_id 
_pdbx_unobs_or_zero_occ_residues.auth_comp_id 
_pdbx_unobs_or_zero_occ_residues.auth_seq_id 
_pdbx_unobs_or_zero_occ_residues.PDB_ins_code 
_pdbx_unobs_or_zero_occ_residues.label_asym_id 
_pdbx_unobs_or_zero_occ_residues.label_comp_id 
_pdbx_unobs_or_zero_occ_residues.label_seq_id 
1 1 Y 1 A GLY 1107 ? A GLY 1   
2 1 Y 1 A GLU 1209 ? A GLU 103 
3 1 Y 1 A ASP 1210 ? A ASP 104 
4 1 Y 1 A MET 1211 ? A MET 105 
5 1 Y 1 A PRO 1212 ? A PRO 106 
6 1 Y 1 A HIS 1213 ? A HIS 107 
# 
loop_
_chem_comp_atom.comp_id 
_chem_comp_atom.atom_id 
_chem_comp_atom.type_symbol 
_chem_comp_atom.pdbx_aromatic_flag 
_chem_comp_atom.pdbx_stereo_config 
_chem_comp_atom.pdbx_ordinal 
ALA N    N  N N 1   
ALA CA   C  N S 2   
ALA C    C  N N 3   
ALA O    O  N N 4   
ALA CB   C  N N 5   
ALA OXT  O  N N 6   
ALA H    H  N N 7   
ALA H2   H  N N 8   
ALA HA   H  N N 9   
ALA HB1  H  N N 10  
ALA HB2  H  N N 11  
ALA HB3  H  N N 12  
ALA HXT  H  N N 13  
ARG N    N  N N 14  
ARG CA   C  N S 15  
ARG C    C  N N 16  
ARG O    O  N N 17  
ARG CB   C  N N 18  
ARG CG   C  N N 19  
ARG CD   C  N N 20  
ARG NE   N  N N 21  
ARG CZ   C  N N 22  
ARG NH1  N  N N 23  
ARG NH2  N  N N 24  
ARG OXT  O  N N 25  
ARG H    H  N N 26  
ARG H2   H  N N 27  
ARG HA   H  N N 28  
ARG HB2  H  N N 29  
ARG HB3  H  N N 30  
ARG HG2  H  N N 31  
ARG HG3  H  N N 32  
ARG HD2  H  N N 33  
ARG HD3  H  N N 34  
ARG HE   H  N N 35  
ARG HH11 H  N N 36  
ARG HH12 H  N N 37  
ARG HH21 H  N N 38  
ARG HH22 H  N N 39  
ARG HXT  H  N N 40  
ASN N    N  N N 41  
ASN CA   C  N S 42  
ASN C    C  N N 43  
ASN O    O  N N 44  
ASN CB   C  N N 45  
ASN CG   C  N N 46  
ASN OD1  O  N N 47  
ASN ND2  N  N N 48  
ASN OXT  O  N N 49  
ASN H    H  N N 50  
ASN H2   H  N N 51  
ASN HA   H  N N 52  
ASN HB2  H  N N 53  
ASN HB3  H  N N 54  
ASN HD21 H  N N 55  
ASN HD22 H  N N 56  
ASN HXT  H  N N 57  
ASP N    N  N N 58  
ASP CA   C  N S 59  
ASP C    C  N N 60  
ASP O    O  N N 61  
ASP CB   C  N N 62  
ASP CG   C  N N 63  
ASP OD1  O  N N 64  
ASP OD2  O  N N 65  
ASP OXT  O  N N 66  
ASP H    H  N N 67  
ASP H2   H  N N 68  
ASP HA   H  N N 69  
ASP HB2  H  N N 70  
ASP HB3  H  N N 71  
ASP HD2  H  N N 72  
ASP HXT  H  N N 73  
CYS N    N  N N 74  
CYS CA   C  N R 75  
CYS C    C  N N 76  
CYS O    O  N N 77  
CYS CB   C  N N 78  
CYS SG   S  N N 79  
CYS OXT  O  N N 80  
CYS H    H  N N 81  
CYS H2   H  N N 82  
CYS HA   H  N N 83  
CYS HB2  H  N N 84  
CYS HB3  H  N N 85  
CYS HG   H  N N 86  
CYS HXT  H  N N 87  
EYV C1   C  N N 88  
EYV C2   C  Y N 89  
EYV C3   C  Y N 90  
EYV C4   C  Y N 91  
EYV C5   C  Y N 92  
EYV C6   C  Y N 93  
EYV C7   C  Y N 94  
EYV C8   C  Y N 95  
EYV O1   O  N N 96  
EYV C    C  N N 97  
EYV O    O  N N 98  
EYV S    S  Y N 99  
EYV N    N  Y N 100 
EYV H1   H  N N 101 
EYV H2   H  N N 102 
EYV H3   H  N N 103 
EYV H4   H  N N 104 
EYV H5   H  N N 105 
EYV H6   H  N N 106 
EYV H7   H  N N 107 
GLN N    N  N N 108 
GLN CA   C  N S 109 
GLN C    C  N N 110 
GLN O    O  N N 111 
GLN CB   C  N N 112 
GLN CG   C  N N 113 
GLN CD   C  N N 114 
GLN OE1  O  N N 115 
GLN NE2  N  N N 116 
GLN OXT  O  N N 117 
GLN H    H  N N 118 
GLN H2   H  N N 119 
GLN HA   H  N N 120 
GLN HB2  H  N N 121 
GLN HB3  H  N N 122 
GLN HG2  H  N N 123 
GLN HG3  H  N N 124 
GLN HE21 H  N N 125 
GLN HE22 H  N N 126 
GLN HXT  H  N N 127 
GLU N    N  N N 128 
GLU CA   C  N S 129 
GLU C    C  N N 130 
GLU O    O  N N 131 
GLU CB   C  N N 132 
GLU CG   C  N N 133 
GLU CD   C  N N 134 
GLU OE1  O  N N 135 
GLU OE2  O  N N 136 
GLU OXT  O  N N 137 
GLU H    H  N N 138 
GLU H2   H  N N 139 
GLU HA   H  N N 140 
GLU HB2  H  N N 141 
GLU HB3  H  N N 142 
GLU HG2  H  N N 143 
GLU HG3  H  N N 144 
GLU HE2  H  N N 145 
GLU HXT  H  N N 146 
GLY N    N  N N 147 
GLY CA   C  N N 148 
GLY C    C  N N 149 
GLY O    O  N N 150 
GLY OXT  O  N N 151 
GLY H    H  N N 152 
GLY H2   H  N N 153 
GLY HA2  H  N N 154 
GLY HA3  H  N N 155 
GLY HXT  H  N N 156 
HIS N    N  N N 157 
HIS CA   C  N S 158 
HIS C    C  N N 159 
HIS O    O  N N 160 
HIS CB   C  N N 161 
HIS CG   C  Y N 162 
HIS ND1  N  Y N 163 
HIS CD2  C  Y N 164 
HIS CE1  C  Y N 165 
HIS NE2  N  Y N 166 
HIS OXT  O  N N 167 
HIS H    H  N N 168 
HIS H2   H  N N 169 
HIS HA   H  N N 170 
HIS HB2  H  N N 171 
HIS HB3  H  N N 172 
HIS HD1  H  N N 173 
HIS HD2  H  N N 174 
HIS HE1  H  N N 175 
HIS HE2  H  N N 176 
HIS HXT  H  N N 177 
HOH O    O  N N 178 
HOH H1   H  N N 179 
HOH H2   H  N N 180 
ILE N    N  N N 181 
ILE CA   C  N S 182 
ILE C    C  N N 183 
ILE O    O  N N 184 
ILE CB   C  N S 185 
ILE CG1  C  N N 186 
ILE CG2  C  N N 187 
ILE CD1  C  N N 188 
ILE OXT  O  N N 189 
ILE H    H  N N 190 
ILE H2   H  N N 191 
ILE HA   H  N N 192 
ILE HB   H  N N 193 
ILE HG12 H  N N 194 
ILE HG13 H  N N 195 
ILE HG21 H  N N 196 
ILE HG22 H  N N 197 
ILE HG23 H  N N 198 
ILE HD11 H  N N 199 
ILE HD12 H  N N 200 
ILE HD13 H  N N 201 
ILE HXT  H  N N 202 
LEU N    N  N N 203 
LEU CA   C  N S 204 
LEU C    C  N N 205 
LEU O    O  N N 206 
LEU CB   C  N N 207 
LEU CG   C  N N 208 
LEU CD1  C  N N 209 
LEU CD2  C  N N 210 
LEU OXT  O  N N 211 
LEU H    H  N N 212 
LEU H2   H  N N 213 
LEU HA   H  N N 214 
LEU HB2  H  N N 215 
LEU HB3  H  N N 216 
LEU HG   H  N N 217 
LEU HD11 H  N N 218 
LEU HD12 H  N N 219 
LEU HD13 H  N N 220 
LEU HD21 H  N N 221 
LEU HD22 H  N N 222 
LEU HD23 H  N N 223 
LEU HXT  H  N N 224 
LYS N    N  N N 225 
LYS CA   C  N S 226 
LYS C    C  N N 227 
LYS O    O  N N 228 
LYS CB   C  N N 229 
LYS CG   C  N N 230 
LYS CD   C  N N 231 
LYS CE   C  N N 232 
LYS NZ   N  N N 233 
LYS OXT  O  N N 234 
LYS H    H  N N 235 
LYS H2   H  N N 236 
LYS HA   H  N N 237 
LYS HB2  H  N N 238 
LYS HB3  H  N N 239 
LYS HG2  H  N N 240 
LYS HG3  H  N N 241 
LYS HD2  H  N N 242 
LYS HD3  H  N N 243 
LYS HE2  H  N N 244 
LYS HE3  H  N N 245 
LYS HZ1  H  N N 246 
LYS HZ2  H  N N 247 
LYS HZ3  H  N N 248 
LYS HXT  H  N N 249 
MET N    N  N N 250 
MET CA   C  N S 251 
MET C    C  N N 252 
MET O    O  N N 253 
MET CB   C  N N 254 
MET CG   C  N N 255 
MET SD   S  N N 256 
MET CE   C  N N 257 
MET OXT  O  N N 258 
MET H    H  N N 259 
MET H2   H  N N 260 
MET HA   H  N N 261 
MET HB2  H  N N 262 
MET HB3  H  N N 263 
MET HG2  H  N N 264 
MET HG3  H  N N 265 
MET HE1  H  N N 266 
MET HE2  H  N N 267 
MET HE3  H  N N 268 
MET HXT  H  N N 269 
PHE N    N  N N 270 
PHE CA   C  N S 271 
PHE C    C  N N 272 
PHE O    O  N N 273 
PHE CB   C  N N 274 
PHE CG   C  Y N 275 
PHE CD1  C  Y N 276 
PHE CD2  C  Y N 277 
PHE CE1  C  Y N 278 
PHE CE2  C  Y N 279 
PHE CZ   C  Y N 280 
PHE OXT  O  N N 281 
PHE H    H  N N 282 
PHE H2   H  N N 283 
PHE HA   H  N N 284 
PHE HB2  H  N N 285 
PHE HB3  H  N N 286 
PHE HD1  H  N N 287 
PHE HD2  H  N N 288 
PHE HE1  H  N N 289 
PHE HE2  H  N N 290 
PHE HZ   H  N N 291 
PHE HXT  H  N N 292 
PRO N    N  N N 293 
PRO CA   C  N S 294 
PRO C    C  N N 295 
PRO O    O  N N 296 
PRO CB   C  N N 297 
PRO CG   C  N N 298 
PRO CD   C  N N 299 
PRO OXT  O  N N 300 
PRO H    H  N N 301 
PRO HA   H  N N 302 
PRO HB2  H  N N 303 
PRO HB3  H  N N 304 
PRO HG2  H  N N 305 
PRO HG3  H  N N 306 
PRO HD2  H  N N 307 
PRO HD3  H  N N 308 
PRO HXT  H  N N 309 
SER N    N  N N 310 
SER CA   C  N S 311 
SER C    C  N N 312 
SER O    O  N N 313 
SER CB   C  N N 314 
SER OG   O  N N 315 
SER OXT  O  N N 316 
SER H    H  N N 317 
SER H2   H  N N 318 
SER HA   H  N N 319 
SER HB2  H  N N 320 
SER HB3  H  N N 321 
SER HG   H  N N 322 
SER HXT  H  N N 323 
THR N    N  N N 324 
THR CA   C  N S 325 
THR C    C  N N 326 
THR O    O  N N 327 
THR CB   C  N R 328 
THR OG1  O  N N 329 
THR CG2  C  N N 330 
THR OXT  O  N N 331 
THR H    H  N N 332 
THR H2   H  N N 333 
THR HA   H  N N 334 
THR HB   H  N N 335 
THR HG1  H  N N 336 
THR HG21 H  N N 337 
THR HG22 H  N N 338 
THR HG23 H  N N 339 
THR HXT  H  N N 340 
TRP N    N  N N 341 
TRP CA   C  N S 342 
TRP C    C  N N 343 
TRP O    O  N N 344 
TRP CB   C  N N 345 
TRP CG   C  Y N 346 
TRP CD1  C  Y N 347 
TRP CD2  C  Y N 348 
TRP NE1  N  Y N 349 
TRP CE2  C  Y N 350 
TRP CE3  C  Y N 351 
TRP CZ2  C  Y N 352 
TRP CZ3  C  Y N 353 
TRP CH2  C  Y N 354 
TRP OXT  O  N N 355 
TRP H    H  N N 356 
TRP H2   H  N N 357 
TRP HA   H  N N 358 
TRP HB2  H  N N 359 
TRP HB3  H  N N 360 
TRP HD1  H  N N 361 
TRP HE1  H  N N 362 
TRP HE3  H  N N 363 
TRP HZ2  H  N N 364 
TRP HZ3  H  N N 365 
TRP HH2  H  N N 366 
TRP HXT  H  N N 367 
TYR N    N  N N 368 
TYR CA   C  N S 369 
TYR C    C  N N 370 
TYR O    O  N N 371 
TYR CB   C  N N 372 
TYR CG   C  Y N 373 
TYR CD1  C  Y N 374 
TYR CD2  C  Y N 375 
TYR CE1  C  Y N 376 
TYR CE2  C  Y N 377 
TYR CZ   C  Y N 378 
TYR OH   O  N N 379 
TYR OXT  O  N N 380 
TYR H    H  N N 381 
TYR H2   H  N N 382 
TYR HA   H  N N 383 
TYR HB2  H  N N 384 
TYR HB3  H  N N 385 
TYR HD1  H  N N 386 
TYR HD2  H  N N 387 
TYR HE1  H  N N 388 
TYR HE2  H  N N 389 
TYR HH   H  N N 390 
TYR HXT  H  N N 391 
VAL N    N  N N 392 
VAL CA   C  N S 393 
VAL C    C  N N 394 
VAL O    O  N N 395 
VAL CB   C  N N 396 
VAL CG1  C  N N 397 
VAL CG2  C  N N 398 
VAL OXT  O  N N 399 
VAL H    H  N N 400 
VAL H2   H  N N 401 
VAL HA   H  N N 402 
VAL HB   H  N N 403 
VAL HG11 H  N N 404 
VAL HG12 H  N N 405 
VAL HG13 H  N N 406 
VAL HG21 H  N N 407 
VAL HG22 H  N N 408 
VAL HG23 H  N N 409 
VAL HXT  H  N N 410 
ZN  ZN   ZN N N 411 
# 
loop_
_chem_comp_bond.comp_id 
_chem_comp_bond.atom_id_1 
_chem_comp_bond.atom_id_2 
_chem_comp_bond.value_order 
_chem_comp_bond.pdbx_aromatic_flag 
_chem_comp_bond.pdbx_stereo_config 
_chem_comp_bond.pdbx_ordinal 
ALA N   CA   sing N N 1   
ALA N   H    sing N N 2   
ALA N   H2   sing N N 3   
ALA CA  C    sing N N 4   
ALA CA  CB   sing N N 5   
ALA CA  HA   sing N N 6   
ALA C   O    doub N N 7   
ALA C   OXT  sing N N 8   
ALA CB  HB1  sing N N 9   
ALA CB  HB2  sing N N 10  
ALA CB  HB3  sing N N 11  
ALA OXT HXT  sing N N 12  
ARG N   CA   sing N N 13  
ARG N   H    sing N N 14  
ARG N   H2   sing N N 15  
ARG CA  C    sing N N 16  
ARG CA  CB   sing N N 17  
ARG CA  HA   sing N N 18  
ARG C   O    doub N N 19  
ARG C   OXT  sing N N 20  
ARG CB  CG   sing N N 21  
ARG CB  HB2  sing N N 22  
ARG CB  HB3  sing N N 23  
ARG CG  CD   sing N N 24  
ARG CG  HG2  sing N N 25  
ARG CG  HG3  sing N N 26  
ARG CD  NE   sing N N 27  
ARG CD  HD2  sing N N 28  
ARG CD  HD3  sing N N 29  
ARG NE  CZ   sing N N 30  
ARG NE  HE   sing N N 31  
ARG CZ  NH1  sing N N 32  
ARG CZ  NH2  doub N N 33  
ARG NH1 HH11 sing N N 34  
ARG NH1 HH12 sing N N 35  
ARG NH2 HH21 sing N N 36  
ARG NH2 HH22 sing N N 37  
ARG OXT HXT  sing N N 38  
ASN N   CA   sing N N 39  
ASN N   H    sing N N 40  
ASN N   H2   sing N N 41  
ASN CA  C    sing N N 42  
ASN CA  CB   sing N N 43  
ASN CA  HA   sing N N 44  
ASN C   O    doub N N 45  
ASN C   OXT  sing N N 46  
ASN CB  CG   sing N N 47  
ASN CB  HB2  sing N N 48  
ASN CB  HB3  sing N N 49  
ASN CG  OD1  doub N N 50  
ASN CG  ND2  sing N N 51  
ASN ND2 HD21 sing N N 52  
ASN ND2 HD22 sing N N 53  
ASN OXT HXT  sing N N 54  
ASP N   CA   sing N N 55  
ASP N   H    sing N N 56  
ASP N   H2   sing N N 57  
ASP CA  C    sing N N 58  
ASP CA  CB   sing N N 59  
ASP CA  HA   sing N N 60  
ASP C   O    doub N N 61  
ASP C   OXT  sing N N 62  
ASP CB  CG   sing N N 63  
ASP CB  HB2  sing N N 64  
ASP CB  HB3  sing N N 65  
ASP CG  OD1  doub N N 66  
ASP CG  OD2  sing N N 67  
ASP OD2 HD2  sing N N 68  
ASP OXT HXT  sing N N 69  
CYS N   CA   sing N N 70  
CYS N   H    sing N N 71  
CYS N   H2   sing N N 72  
CYS CA  C    sing N N 73  
CYS CA  CB   sing N N 74  
CYS CA  HA   sing N N 75  
CYS C   O    doub N N 76  
CYS C   OXT  sing N N 77  
CYS CB  SG   sing N N 78  
CYS CB  HB2  sing N N 79  
CYS CB  HB3  sing N N 80  
CYS SG  HG   sing N N 81  
CYS OXT HXT  sing N N 82  
EYV C4  C5   doub Y N 83  
EYV C4  C3   sing Y N 84  
EYV C5  C6   sing Y N 85  
EYV N   C3   sing Y N 86  
EYV N   C2   doub Y N 87  
EYV C3  C8   doub Y N 88  
EYV O   C    doub N N 89  
EYV C6  C7   doub Y N 90  
EYV C2  C1   sing N N 91  
EYV C2  S    sing Y N 92  
EYV C1  C    sing N N 93  
EYV C8  C7   sing Y N 94  
EYV C8  S    sing Y N 95  
EYV C   O1   sing N N 96  
EYV C1  H1   sing N N 97  
EYV C1  H2   sing N N 98  
EYV C4  H3   sing N N 99  
EYV C5  H4   sing N N 100 
EYV C6  H5   sing N N 101 
EYV C7  H6   sing N N 102 
EYV O1  H7   sing N N 103 
GLN N   CA   sing N N 104 
GLN N   H    sing N N 105 
GLN N   H2   sing N N 106 
GLN CA  C    sing N N 107 
GLN CA  CB   sing N N 108 
GLN CA  HA   sing N N 109 
GLN C   O    doub N N 110 
GLN C   OXT  sing N N 111 
GLN CB  CG   sing N N 112 
GLN CB  HB2  sing N N 113 
GLN CB  HB3  sing N N 114 
GLN CG  CD   sing N N 115 
GLN CG  HG2  sing N N 116 
GLN CG  HG3  sing N N 117 
GLN CD  OE1  doub N N 118 
GLN CD  NE2  sing N N 119 
GLN NE2 HE21 sing N N 120 
GLN NE2 HE22 sing N N 121 
GLN OXT HXT  sing N N 122 
GLU N   CA   sing N N 123 
GLU N   H    sing N N 124 
GLU N   H2   sing N N 125 
GLU CA  C    sing N N 126 
GLU CA  CB   sing N N 127 
GLU CA  HA   sing N N 128 
GLU C   O    doub N N 129 
GLU C   OXT  sing N N 130 
GLU CB  CG   sing N N 131 
GLU CB  HB2  sing N N 132 
GLU CB  HB3  sing N N 133 
GLU CG  CD   sing N N 134 
GLU CG  HG2  sing N N 135 
GLU CG  HG3  sing N N 136 
GLU CD  OE1  doub N N 137 
GLU CD  OE2  sing N N 138 
GLU OE2 HE2  sing N N 139 
GLU OXT HXT  sing N N 140 
GLY N   CA   sing N N 141 
GLY N   H    sing N N 142 
GLY N   H2   sing N N 143 
GLY CA  C    sing N N 144 
GLY CA  HA2  sing N N 145 
GLY CA  HA3  sing N N 146 
GLY C   O    doub N N 147 
GLY C   OXT  sing N N 148 
GLY OXT HXT  sing N N 149 
HIS N   CA   sing N N 150 
HIS N   H    sing N N 151 
HIS N   H2   sing N N 152 
HIS CA  C    sing N N 153 
HIS CA  CB   sing N N 154 
HIS CA  HA   sing N N 155 
HIS C   O    doub N N 156 
HIS C   OXT  sing N N 157 
HIS CB  CG   sing N N 158 
HIS CB  HB2  sing N N 159 
HIS CB  HB3  sing N N 160 
HIS CG  ND1  sing Y N 161 
HIS CG  CD2  doub Y N 162 
HIS ND1 CE1  doub Y N 163 
HIS ND1 HD1  sing N N 164 
HIS CD2 NE2  sing Y N 165 
HIS CD2 HD2  sing N N 166 
HIS CE1 NE2  sing Y N 167 
HIS CE1 HE1  sing N N 168 
HIS NE2 HE2  sing N N 169 
HIS OXT HXT  sing N N 170 
HOH O   H1   sing N N 171 
HOH O   H2   sing N N 172 
ILE N   CA   sing N N 173 
ILE N   H    sing N N 174 
ILE N   H2   sing N N 175 
ILE CA  C    sing N N 176 
ILE CA  CB   sing N N 177 
ILE CA  HA   sing N N 178 
ILE C   O    doub N N 179 
ILE C   OXT  sing N N 180 
ILE CB  CG1  sing N N 181 
ILE CB  CG2  sing N N 182 
ILE CB  HB   sing N N 183 
ILE CG1 CD1  sing N N 184 
ILE CG1 HG12 sing N N 185 
ILE CG1 HG13 sing N N 186 
ILE CG2 HG21 sing N N 187 
ILE CG2 HG22 sing N N 188 
ILE CG2 HG23 sing N N 189 
ILE CD1 HD11 sing N N 190 
ILE CD1 HD12 sing N N 191 
ILE CD1 HD13 sing N N 192 
ILE OXT HXT  sing N N 193 
LEU N   CA   sing N N 194 
LEU N   H    sing N N 195 
LEU N   H2   sing N N 196 
LEU CA  C    sing N N 197 
LEU CA  CB   sing N N 198 
LEU CA  HA   sing N N 199 
LEU C   O    doub N N 200 
LEU C   OXT  sing N N 201 
LEU CB  CG   sing N N 202 
LEU CB  HB2  sing N N 203 
LEU CB  HB3  sing N N 204 
LEU CG  CD1  sing N N 205 
LEU CG  CD2  sing N N 206 
LEU CG  HG   sing N N 207 
LEU CD1 HD11 sing N N 208 
LEU CD1 HD12 sing N N 209 
LEU CD1 HD13 sing N N 210 
LEU CD2 HD21 sing N N 211 
LEU CD2 HD22 sing N N 212 
LEU CD2 HD23 sing N N 213 
LEU OXT HXT  sing N N 214 
LYS N   CA   sing N N 215 
LYS N   H    sing N N 216 
LYS N   H2   sing N N 217 
LYS CA  C    sing N N 218 
LYS CA  CB   sing N N 219 
LYS CA  HA   sing N N 220 
LYS C   O    doub N N 221 
LYS C   OXT  sing N N 222 
LYS CB  CG   sing N N 223 
LYS CB  HB2  sing N N 224 
LYS CB  HB3  sing N N 225 
LYS CG  CD   sing N N 226 
LYS CG  HG2  sing N N 227 
LYS CG  HG3  sing N N 228 
LYS CD  CE   sing N N 229 
LYS CD  HD2  sing N N 230 
LYS CD  HD3  sing N N 231 
LYS CE  NZ   sing N N 232 
LYS CE  HE2  sing N N 233 
LYS CE  HE3  sing N N 234 
LYS NZ  HZ1  sing N N 235 
LYS NZ  HZ2  sing N N 236 
LYS NZ  HZ3  sing N N 237 
LYS OXT HXT  sing N N 238 
MET N   CA   sing N N 239 
MET N   H    sing N N 240 
MET N   H2   sing N N 241 
MET CA  C    sing N N 242 
MET CA  CB   sing N N 243 
MET CA  HA   sing N N 244 
MET C   O    doub N N 245 
MET C   OXT  sing N N 246 
MET CB  CG   sing N N 247 
MET CB  HB2  sing N N 248 
MET CB  HB3  sing N N 249 
MET CG  SD   sing N N 250 
MET CG  HG2  sing N N 251 
MET CG  HG3  sing N N 252 
MET SD  CE   sing N N 253 
MET CE  HE1  sing N N 254 
MET CE  HE2  sing N N 255 
MET CE  HE3  sing N N 256 
MET OXT HXT  sing N N 257 
PHE N   CA   sing N N 258 
PHE N   H    sing N N 259 
PHE N   H2   sing N N 260 
PHE CA  C    sing N N 261 
PHE CA  CB   sing N N 262 
PHE CA  HA   sing N N 263 
PHE C   O    doub N N 264 
PHE C   OXT  sing N N 265 
PHE CB  CG   sing N N 266 
PHE CB  HB2  sing N N 267 
PHE CB  HB3  sing N N 268 
PHE CG  CD1  doub Y N 269 
PHE CG  CD2  sing Y N 270 
PHE CD1 CE1  sing Y N 271 
PHE CD1 HD1  sing N N 272 
PHE CD2 CE2  doub Y N 273 
PHE CD2 HD2  sing N N 274 
PHE CE1 CZ   doub Y N 275 
PHE CE1 HE1  sing N N 276 
PHE CE2 CZ   sing Y N 277 
PHE CE2 HE2  sing N N 278 
PHE CZ  HZ   sing N N 279 
PHE OXT HXT  sing N N 280 
PRO N   CA   sing N N 281 
PRO N   CD   sing N N 282 
PRO N   H    sing N N 283 
PRO CA  C    sing N N 284 
PRO CA  CB   sing N N 285 
PRO CA  HA   sing N N 286 
PRO C   O    doub N N 287 
PRO C   OXT  sing N N 288 
PRO CB  CG   sing N N 289 
PRO CB  HB2  sing N N 290 
PRO CB  HB3  sing N N 291 
PRO CG  CD   sing N N 292 
PRO CG  HG2  sing N N 293 
PRO CG  HG3  sing N N 294 
PRO CD  HD2  sing N N 295 
PRO CD  HD3  sing N N 296 
PRO OXT HXT  sing N N 297 
SER N   CA   sing N N 298 
SER N   H    sing N N 299 
SER N   H2   sing N N 300 
SER CA  C    sing N N 301 
SER CA  CB   sing N N 302 
SER CA  HA   sing N N 303 
SER C   O    doub N N 304 
SER C   OXT  sing N N 305 
SER CB  OG   sing N N 306 
SER CB  HB2  sing N N 307 
SER CB  HB3  sing N N 308 
SER OG  HG   sing N N 309 
SER OXT HXT  sing N N 310 
THR N   CA   sing N N 311 
THR N   H    sing N N 312 
THR N   H2   sing N N 313 
THR CA  C    sing N N 314 
THR CA  CB   sing N N 315 
THR CA  HA   sing N N 316 
THR C   O    doub N N 317 
THR C   OXT  sing N N 318 
THR CB  OG1  sing N N 319 
THR CB  CG2  sing N N 320 
THR CB  HB   sing N N 321 
THR OG1 HG1  sing N N 322 
THR CG2 HG21 sing N N 323 
THR CG2 HG22 sing N N 324 
THR CG2 HG23 sing N N 325 
THR OXT HXT  sing N N 326 
TRP N   CA   sing N N 327 
TRP N   H    sing N N 328 
TRP N   H2   sing N N 329 
TRP CA  C    sing N N 330 
TRP CA  CB   sing N N 331 
TRP CA  HA   sing N N 332 
TRP C   O    doub N N 333 
TRP C   OXT  sing N N 334 
TRP CB  CG   sing N N 335 
TRP CB  HB2  sing N N 336 
TRP CB  HB3  sing N N 337 
TRP CG  CD1  doub Y N 338 
TRP CG  CD2  sing Y N 339 
TRP CD1 NE1  sing Y N 340 
TRP CD1 HD1  sing N N 341 
TRP CD2 CE2  doub Y N 342 
TRP CD2 CE3  sing Y N 343 
TRP NE1 CE2  sing Y N 344 
TRP NE1 HE1  sing N N 345 
TRP CE2 CZ2  sing Y N 346 
TRP CE3 CZ3  doub Y N 347 
TRP CE3 HE3  sing N N 348 
TRP CZ2 CH2  doub Y N 349 
TRP CZ2 HZ2  sing N N 350 
TRP CZ3 CH2  sing Y N 351 
TRP CZ3 HZ3  sing N N 352 
TRP CH2 HH2  sing N N 353 
TRP OXT HXT  sing N N 354 
TYR N   CA   sing N N 355 
TYR N   H    sing N N 356 
TYR N   H2   sing N N 357 
TYR CA  C    sing N N 358 
TYR CA  CB   sing N N 359 
TYR CA  HA   sing N N 360 
TYR C   O    doub N N 361 
TYR C   OXT  sing N N 362 
TYR CB  CG   sing N N 363 
TYR CB  HB2  sing N N 364 
TYR CB  HB3  sing N N 365 
TYR CG  CD1  doub Y N 366 
TYR CG  CD2  sing Y N 367 
TYR CD1 CE1  sing Y N 368 
TYR CD1 HD1  sing N N 369 
TYR CD2 CE2  doub Y N 370 
TYR CD2 HD2  sing N N 371 
TYR CE1 CZ   doub Y N 372 
TYR CE1 HE1  sing N N 373 
TYR CE2 CZ   sing Y N 374 
TYR CE2 HE2  sing N N 375 
TYR CZ  OH   sing N N 376 
TYR OH  HH   sing N N 377 
TYR OXT HXT  sing N N 378 
VAL N   CA   sing N N 379 
VAL N   H    sing N N 380 
VAL N   H2   sing N N 381 
VAL CA  C    sing N N 382 
VAL CA  CB   sing N N 383 
VAL CA  HA   sing N N 384 
VAL C   O    doub N N 385 
VAL C   OXT  sing N N 386 
VAL CB  CG1  sing N N 387 
VAL CB  CG2  sing N N 388 
VAL CB  HB   sing N N 389 
VAL CG1 HG11 sing N N 390 
VAL CG1 HG12 sing N N 391 
VAL CG1 HG13 sing N N 392 
VAL CG2 HG21 sing N N 393 
VAL CG2 HG22 sing N N 394 
VAL CG2 HG23 sing N N 395 
VAL OXT HXT  sing N N 396 
# 
loop_
_pdbx_entity_nonpoly.entity_id 
_pdbx_entity_nonpoly.name 
_pdbx_entity_nonpoly.comp_id 
2 'ZINC ION'                           ZN  
3 'UNKNOWN ATOM OR ION'                UNX 
4 '(1,3-benzothiazol-2-yl)acetic acid' EYV 
5 water                                HOH 
# 
_pdbx_initial_refinement_model.id               1 
_pdbx_initial_refinement_model.entity_id_list   ? 
_pdbx_initial_refinement_model.type             'experimental model' 
_pdbx_initial_refinement_model.source_name      PDB 
_pdbx_initial_refinement_model.accession_code   5KH3 
_pdbx_initial_refinement_model.details          'pdbid 5KH3' 
# 
_pdbx_struct_assembly_auth_evidence.id                     1 
_pdbx_struct_assembly_auth_evidence.assembly_id            1 
_pdbx_struct_assembly_auth_evidence.experimental_support   'gel filtration' 
_pdbx_struct_assembly_auth_evidence.details                ? 
# 
